data_7W8I
# 
_entry.id   7W8I 
# 
_audit_conform.dict_name       mmcif_pdbx.dic 
_audit_conform.dict_version    5.380 
_audit_conform.dict_location   http://mmcif.pdb.org/dictionaries/ascii/mmcif_pdbx.dic 
# 
loop_
_database_2.database_id 
_database_2.database_code 
_database_2.pdbx_database_accession 
_database_2.pdbx_DOI 
PDB   7W8I         pdb_00007w8i 10.2210/pdb7w8i/pdb 
WWPDB D_1300026197 ?            ?                   
# 
_pdbx_database_status.status_code                     REL 
_pdbx_database_status.status_code_sf                  REL 
_pdbx_database_status.status_code_mr                  ? 
_pdbx_database_status.entry_id                        7W8I 
_pdbx_database_status.recvd_initial_deposition_date   2021-12-07 
_pdbx_database_status.SG_entry                        N 
_pdbx_database_status.deposit_site                    PDBJ 
_pdbx_database_status.process_site                    PDBJ 
_pdbx_database_status.status_code_cs                  ? 
_pdbx_database_status.status_code_nmr_data            ? 
_pdbx_database_status.methods_development_category    ? 
_pdbx_database_status.pdb_format_compatible           Y 
# 
loop_
_audit_author.name 
_audit_author.pdbx_ordinal 
_audit_author.identifier_ORCID 
'Momin, A.A.'    1 0000-0002-5058-9445 
'Sandholu, A.S.' 2 0000-0001-7514-1607 
'Arold, S.T.'    3 0000-0001-5278-0668 
# 
_citation.abstract                  ? 
_citation.abstract_id_CAS           ? 
_citation.book_id_ISBN              ? 
_citation.book_publisher            ? 
_citation.book_publisher_city       ? 
_citation.book_title                ? 
_citation.coordinate_linkage        ? 
_citation.country                   ? 
_citation.database_id_Medline       ? 
_citation.details                   ? 
_citation.id                        primary 
_citation.journal_abbrev            'To Be Published' 
_citation.journal_id_ASTM           ? 
_citation.journal_id_CSD            0353 
_citation.journal_id_ISSN           ? 
_citation.journal_full              ? 
_citation.journal_issue             ? 
_citation.journal_volume            ? 
_citation.language                  ? 
_citation.page_first                ? 
_citation.page_last                 ? 
_citation.title                     
'Crystal structure of Zn bound human Focal Adhesion Targeting (FAT) domain of the Focal Adhesion Kinase' 
_citation.year                      ? 
_citation.database_id_CSD           ? 
_citation.pdbx_database_id_DOI      ? 
_citation.pdbx_database_id_PubMed   ? 
_citation.pdbx_database_id_patent   ? 
_citation.unpublished_flag          ? 
# 
loop_
_citation_author.citation_id 
_citation_author.name 
_citation_author.ordinal 
_citation_author.identifier_ORCID 
primary 'Momin, A.A.'    1 0000-0002-5058-9445 
primary 'Sandholu, A.S.' 2 0000-0001-7514-1607 
primary 'Arold, S.T.'    3 0000-0001-5278-0668 
# 
_cell.angle_alpha                  90.000 
_cell.angle_alpha_esd              ? 
_cell.angle_beta                   90.000 
_cell.angle_beta_esd               ? 
_cell.angle_gamma                  90.000 
_cell.angle_gamma_esd              ? 
_cell.entry_id                     7W8I 
_cell.details                      ? 
_cell.formula_units_Z              ? 
_cell.length_a                     48.906 
_cell.length_a_esd                 ? 
_cell.length_b                     53.099 
_cell.length_b_esd                 ? 
_cell.length_c                     54.085 
_cell.length_c_esd                 ? 
_cell.volume                       ? 
_cell.volume_esd                   ? 
_cell.Z_PDB                        4 
_cell.reciprocal_angle_alpha       ? 
_cell.reciprocal_angle_beta        ? 
_cell.reciprocal_angle_gamma       ? 
_cell.reciprocal_angle_alpha_esd   ? 
_cell.reciprocal_angle_beta_esd    ? 
_cell.reciprocal_angle_gamma_esd   ? 
_cell.reciprocal_length_a          ? 
_cell.reciprocal_length_b          ? 
_cell.reciprocal_length_c          ? 
_cell.reciprocal_length_a_esd      ? 
_cell.reciprocal_length_b_esd      ? 
_cell.reciprocal_length_c_esd      ? 
_cell.pdbx_unique_axis             ? 
# 
_symmetry.entry_id                         7W8I 
_symmetry.cell_setting                     ? 
_symmetry.Int_Tables_number                19 
_symmetry.space_group_name_Hall            ? 
_symmetry.space_group_name_H-M             'P 21 21 21' 
_symmetry.pdbx_full_space_group_name_H-M   ? 
# 
loop_
_entity.id 
_entity.type 
_entity.src_method 
_entity.pdbx_description 
_entity.formula_weight 
_entity.pdbx_number_of_molecules 
_entity.pdbx_ec 
_entity.pdbx_mutation 
_entity.pdbx_fragment 
_entity.details 
1 polymer     man 'Isoform 5 of Focal adhesion kinase 1' 18277.059 1  2.7.10.2 ? 'Focal Adhesion Targeting domain' ? 
2 non-polymer syn 'ZINC ION'                             65.409    2  ?        ? ?                                 ? 
3 water       nat water                                  18.015    25 ?        ? ?                                 ? 
# 
_entity_name_com.entity_id   1 
_entity_name_com.name        
;FADK 1,Focal adhesion kinase-related nonkinase,FRNK,Protein phosphatase 1 regulatory subunit 71,PPP1R71,Protein-tyrosine kinase 2,p125FAK,pp125FAK
;
# 
_entity_poly.entity_id                      1 
_entity_poly.type                           'polypeptide(L)' 
_entity_poly.nstd_linkage                   no 
_entity_poly.nstd_monomer                   no 
_entity_poly.pdbx_seq_one_letter_code       
;SSPADSYNEGVKPWRLQPQEISPPPTANLDRSNDKVYENVTGLVKAVIEMSSKIQPAPPEEYVPMVKEVGLALRTLLATV
DETIPLLPASTHREIEMAQKLLNSDLGELINKMKLAQQYVMTSLQQEYKKQMLTAAHALAVDAKNLLDVIDQARLKMLGQ
TRPH
;
_entity_poly.pdbx_seq_one_letter_code_can   
;SSPADSYNEGVKPWRLQPQEISPPPTANLDRSNDKVYENVTGLVKAVIEMSSKIQPAPPEEYVPMVKEVGLALRTLLATV
DETIPLLPASTHREIEMAQKLLNSDLGELINKMKLAQQYVMTSLQQEYKKQMLTAAHALAVDAKNLLDVIDQARLKMLGQ
TRPH
;
_entity_poly.pdbx_strand_id                 A 
_entity_poly.pdbx_target_identifier         ? 
# 
loop_
_entity_poly_seq.entity_id 
_entity_poly_seq.num 
_entity_poly_seq.mon_id 
_entity_poly_seq.hetero 
1 1   SER n 
1 2   SER n 
1 3   PRO n 
1 4   ALA n 
1 5   ASP n 
1 6   SER n 
1 7   TYR n 
1 8   ASN n 
1 9   GLU n 
1 10  GLY n 
1 11  VAL n 
1 12  LYS n 
1 13  PRO n 
1 14  TRP n 
1 15  ARG n 
1 16  LEU n 
1 17  GLN n 
1 18  PRO n 
1 19  GLN n 
1 20  GLU n 
1 21  ILE n 
1 22  SER n 
1 23  PRO n 
1 24  PRO n 
1 25  PRO n 
1 26  THR n 
1 27  ALA n 
1 28  ASN n 
1 29  LEU n 
1 30  ASP n 
1 31  ARG n 
1 32  SER n 
1 33  ASN n 
1 34  ASP n 
1 35  LYS n 
1 36  VAL n 
1 37  TYR n 
1 38  GLU n 
1 39  ASN n 
1 40  VAL n 
1 41  THR n 
1 42  GLY n 
1 43  LEU n 
1 44  VAL n 
1 45  LYS n 
1 46  ALA n 
1 47  VAL n 
1 48  ILE n 
1 49  GLU n 
1 50  MET n 
1 51  SER n 
1 52  SER n 
1 53  LYS n 
1 54  ILE n 
1 55  GLN n 
1 56  PRO n 
1 57  ALA n 
1 58  PRO n 
1 59  PRO n 
1 60  GLU n 
1 61  GLU n 
1 62  TYR n 
1 63  VAL n 
1 64  PRO n 
1 65  MET n 
1 66  VAL n 
1 67  LYS n 
1 68  GLU n 
1 69  VAL n 
1 70  GLY n 
1 71  LEU n 
1 72  ALA n 
1 73  LEU n 
1 74  ARG n 
1 75  THR n 
1 76  LEU n 
1 77  LEU n 
1 78  ALA n 
1 79  THR n 
1 80  VAL n 
1 81  ASP n 
1 82  GLU n 
1 83  THR n 
1 84  ILE n 
1 85  PRO n 
1 86  LEU n 
1 87  LEU n 
1 88  PRO n 
1 89  ALA n 
1 90  SER n 
1 91  THR n 
1 92  HIS n 
1 93  ARG n 
1 94  GLU n 
1 95  ILE n 
1 96  GLU n 
1 97  MET n 
1 98  ALA n 
1 99  GLN n 
1 100 LYS n 
1 101 LEU n 
1 102 LEU n 
1 103 ASN n 
1 104 SER n 
1 105 ASP n 
1 106 LEU n 
1 107 GLY n 
1 108 GLU n 
1 109 LEU n 
1 110 ILE n 
1 111 ASN n 
1 112 LYS n 
1 113 MET n 
1 114 LYS n 
1 115 LEU n 
1 116 ALA n 
1 117 GLN n 
1 118 GLN n 
1 119 TYR n 
1 120 VAL n 
1 121 MET n 
1 122 THR n 
1 123 SER n 
1 124 LEU n 
1 125 GLN n 
1 126 GLN n 
1 127 GLU n 
1 128 TYR n 
1 129 LYS n 
1 130 LYS n 
1 131 GLN n 
1 132 MET n 
1 133 LEU n 
1 134 THR n 
1 135 ALA n 
1 136 ALA n 
1 137 HIS n 
1 138 ALA n 
1 139 LEU n 
1 140 ALA n 
1 141 VAL n 
1 142 ASP n 
1 143 ALA n 
1 144 LYS n 
1 145 ASN n 
1 146 LEU n 
1 147 LEU n 
1 148 ASP n 
1 149 VAL n 
1 150 ILE n 
1 151 ASP n 
1 152 GLN n 
1 153 ALA n 
1 154 ARG n 
1 155 LEU n 
1 156 LYS n 
1 157 MET n 
1 158 LEU n 
1 159 GLY n 
1 160 GLN n 
1 161 THR n 
1 162 ARG n 
1 163 PRO n 
1 164 HIS n 
# 
_entity_src_gen.entity_id                          1 
_entity_src_gen.pdbx_src_id                        1 
_entity_src_gen.pdbx_alt_source_flag               sample 
_entity_src_gen.pdbx_seq_type                      'Biological sequence' 
_entity_src_gen.pdbx_beg_seq_num                   1 
_entity_src_gen.pdbx_end_seq_num                   164 
_entity_src_gen.gene_src_common_name               human 
_entity_src_gen.gene_src_genus                     ? 
_entity_src_gen.pdbx_gene_src_gene                 PTK2 
_entity_src_gen.gene_src_species                   ? 
_entity_src_gen.gene_src_strain                    ? 
_entity_src_gen.gene_src_tissue                    ? 
_entity_src_gen.gene_src_tissue_fraction           ? 
_entity_src_gen.gene_src_details                   ? 
_entity_src_gen.pdbx_gene_src_fragment             ? 
_entity_src_gen.pdbx_gene_src_scientific_name      'Homo sapiens' 
_entity_src_gen.pdbx_gene_src_ncbi_taxonomy_id     9606 
_entity_src_gen.pdbx_gene_src_variant              ? 
_entity_src_gen.pdbx_gene_src_cell_line            ? 
_entity_src_gen.pdbx_gene_src_atcc                 ? 
_entity_src_gen.pdbx_gene_src_organ                ? 
_entity_src_gen.pdbx_gene_src_organelle            ? 
_entity_src_gen.pdbx_gene_src_cell                 ? 
_entity_src_gen.pdbx_gene_src_cellular_location    ? 
_entity_src_gen.host_org_common_name               ? 
_entity_src_gen.pdbx_host_org_scientific_name      'Escherichia coli' 
_entity_src_gen.pdbx_host_org_ncbi_taxonomy_id     562 
_entity_src_gen.host_org_genus                     ? 
_entity_src_gen.pdbx_host_org_gene                 ? 
_entity_src_gen.pdbx_host_org_organ                ? 
_entity_src_gen.host_org_species                   ? 
_entity_src_gen.pdbx_host_org_tissue               ? 
_entity_src_gen.pdbx_host_org_tissue_fraction      ? 
_entity_src_gen.pdbx_host_org_strain               ? 
_entity_src_gen.pdbx_host_org_variant              ? 
_entity_src_gen.pdbx_host_org_cell_line            ? 
_entity_src_gen.pdbx_host_org_atcc                 ? 
_entity_src_gen.pdbx_host_org_culture_collection   ? 
_entity_src_gen.pdbx_host_org_cell                 ? 
_entity_src_gen.pdbx_host_org_organelle            ? 
_entity_src_gen.pdbx_host_org_cellular_location    ? 
_entity_src_gen.pdbx_host_org_vector_type          ? 
_entity_src_gen.pdbx_host_org_vector               ? 
_entity_src_gen.host_org_details                   ? 
_entity_src_gen.expression_system_id               ? 
_entity_src_gen.plasmid_name                       ? 
_entity_src_gen.plasmid_details                    ? 
_entity_src_gen.pdbx_description                   ? 
# 
_struct_ref.id                         1 
_struct_ref.db_name                    UNP 
_struct_ref.db_code                    FAK1_HUMAN 
_struct_ref.pdbx_db_accession          Q05397 
_struct_ref.pdbx_db_isoform            Q05397-5 
_struct_ref.entity_id                  1 
_struct_ref.pdbx_seq_one_letter_code   
;SSPADSYNEGVKPWRLQPQEISPPPTANLDRSNDKVYENVTGLVKAVIEMSSKIQPAPPEEYVPMVKEVGLALRTLLATV
DETIPLLPASTHREIEMAQKLLNSDLGELINKMKLAQQYVMTSLQQEYKKQMLTAAHALAVDAKNLLDVIDQARLKMLGQ
TRPH
;
_struct_ref.pdbx_align_begin           902 
# 
_struct_ref_seq.align_id                      1 
_struct_ref_seq.ref_id                        1 
_struct_ref_seq.pdbx_PDB_id_code              7W8I 
_struct_ref_seq.pdbx_strand_id                A 
_struct_ref_seq.seq_align_beg                 1 
_struct_ref_seq.pdbx_seq_align_beg_ins_code   ? 
_struct_ref_seq.seq_align_end                 164 
_struct_ref_seq.pdbx_seq_align_end_ins_code   ? 
_struct_ref_seq.pdbx_db_accession             Q05397 
_struct_ref_seq.db_align_beg                  902 
_struct_ref_seq.pdbx_db_align_beg_ins_code    ? 
_struct_ref_seq.db_align_end                  1065 
_struct_ref_seq.pdbx_db_align_end_ins_code    ? 
_struct_ref_seq.pdbx_auth_seq_align_beg       892 
_struct_ref_seq.pdbx_auth_seq_align_end       1055 
# 
loop_
_chem_comp.id 
_chem_comp.type 
_chem_comp.mon_nstd_flag 
_chem_comp.name 
_chem_comp.pdbx_synonyms 
_chem_comp.formula 
_chem_comp.formula_weight 
ALA 'L-peptide linking' y ALANINE         ? 'C3 H7 N O2'     89.093  
ARG 'L-peptide linking' y ARGININE        ? 'C6 H15 N4 O2 1' 175.209 
ASN 'L-peptide linking' y ASPARAGINE      ? 'C4 H8 N2 O3'    132.118 
ASP 'L-peptide linking' y 'ASPARTIC ACID' ? 'C4 H7 N O4'     133.103 
GLN 'L-peptide linking' y GLUTAMINE       ? 'C5 H10 N2 O3'   146.144 
GLU 'L-peptide linking' y 'GLUTAMIC ACID' ? 'C5 H9 N O4'     147.129 
GLY 'peptide linking'   y GLYCINE         ? 'C2 H5 N O2'     75.067  
HIS 'L-peptide linking' y HISTIDINE       ? 'C6 H10 N3 O2 1' 156.162 
HOH non-polymer         . WATER           ? 'H2 O'           18.015  
ILE 'L-peptide linking' y ISOLEUCINE      ? 'C6 H13 N O2'    131.173 
LEU 'L-peptide linking' y LEUCINE         ? 'C6 H13 N O2'    131.173 
LYS 'L-peptide linking' y LYSINE          ? 'C6 H15 N2 O2 1' 147.195 
MET 'L-peptide linking' y METHIONINE      ? 'C5 H11 N O2 S'  149.211 
PRO 'L-peptide linking' y PROLINE         ? 'C5 H9 N O2'     115.130 
SER 'L-peptide linking' y SERINE          ? 'C3 H7 N O3'     105.093 
THR 'L-peptide linking' y THREONINE       ? 'C4 H9 N O3'     119.119 
TRP 'L-peptide linking' y TRYPTOPHAN      ? 'C11 H12 N2 O2'  204.225 
TYR 'L-peptide linking' y TYROSINE        ? 'C9 H11 N O3'    181.189 
VAL 'L-peptide linking' y VALINE          ? 'C5 H11 N O2'    117.146 
ZN  non-polymer         . 'ZINC ION'      ? 'Zn 2'           65.409  
# 
_exptl.absorpt_coefficient_mu     ? 
_exptl.absorpt_correction_T_max   ? 
_exptl.absorpt_correction_T_min   ? 
_exptl.absorpt_correction_type    ? 
_exptl.absorpt_process_details    ? 
_exptl.entry_id                   7W8I 
_exptl.crystals_number            1 
_exptl.details                    ? 
_exptl.method                     'X-RAY DIFFRACTION' 
_exptl.method_details             ? 
# 
_exptl_crystal.colour                      ? 
_exptl_crystal.density_diffrn              ? 
_exptl_crystal.density_Matthews            1.93 
_exptl_crystal.density_method              ? 
_exptl_crystal.density_percent_sol         36.22 
_exptl_crystal.description                 ? 
_exptl_crystal.F_000                       ? 
_exptl_crystal.id                          1 
_exptl_crystal.preparation                 ? 
_exptl_crystal.size_max                    ? 
_exptl_crystal.size_mid                    ? 
_exptl_crystal.size_min                    ? 
_exptl_crystal.size_rad                    ? 
_exptl_crystal.colour_lustre               ? 
_exptl_crystal.colour_modifier             ? 
_exptl_crystal.colour_primary              ? 
_exptl_crystal.density_meas                ? 
_exptl_crystal.density_meas_esd            ? 
_exptl_crystal.density_meas_gt             ? 
_exptl_crystal.density_meas_lt             ? 
_exptl_crystal.density_meas_temp           ? 
_exptl_crystal.density_meas_temp_esd       ? 
_exptl_crystal.density_meas_temp_gt        ? 
_exptl_crystal.density_meas_temp_lt        ? 
_exptl_crystal.pdbx_crystal_image_url      ? 
_exptl_crystal.pdbx_crystal_image_format   ? 
_exptl_crystal.pdbx_mosaicity              ? 
_exptl_crystal.pdbx_mosaicity_esd          ? 
# 
_exptl_crystal_grow.apparatus       ? 
_exptl_crystal_grow.atmosphere      ? 
_exptl_crystal_grow.crystal_id      1 
_exptl_crystal_grow.details         ? 
_exptl_crystal_grow.method          'VAPOR DIFFUSION, SITTING DROP' 
_exptl_crystal_grow.method_ref      ? 
_exptl_crystal_grow.pH              ? 
_exptl_crystal_grow.pressure        ? 
_exptl_crystal_grow.pressure_esd    ? 
_exptl_crystal_grow.seeding         ? 
_exptl_crystal_grow.seeding_ref     ? 
_exptl_crystal_grow.temp            293 
_exptl_crystal_grow.temp_details    ? 
_exptl_crystal_grow.temp_esd        ? 
_exptl_crystal_grow.time            ? 
_exptl_crystal_grow.pdbx_details    '0.05 M Zinc acetate dihydrate, 20% w/v Polyethylene glycol 3,350' 
_exptl_crystal_grow.pdbx_pH_range   ? 
# 
_diffrn.ambient_environment              ? 
_diffrn.ambient_temp                     100 
_diffrn.ambient_temp_details             ? 
_diffrn.ambient_temp_esd                 ? 
_diffrn.crystal_id                       1 
_diffrn.crystal_support                  ? 
_diffrn.crystal_treatment                ? 
_diffrn.details                          ? 
_diffrn.id                               1 
_diffrn.ambient_pressure                 ? 
_diffrn.ambient_pressure_esd             ? 
_diffrn.ambient_pressure_gt              ? 
_diffrn.ambient_pressure_lt              ? 
_diffrn.ambient_temp_gt                  ? 
_diffrn.ambient_temp_lt                  ? 
_diffrn.pdbx_serial_crystal_experiment   N 
# 
_diffrn_detector.details                      ? 
_diffrn_detector.detector                     PIXEL 
_diffrn_detector.diffrn_id                    1 
_diffrn_detector.type                         'DECTRIS EIGER X 9M' 
_diffrn_detector.area_resol_mean              ? 
_diffrn_detector.dtime                        ? 
_diffrn_detector.pdbx_frames_total            ? 
_diffrn_detector.pdbx_collection_time_total   ? 
_diffrn_detector.pdbx_collection_date         2020-11-14 
_diffrn_detector.pdbx_frequency               ? 
# 
_diffrn_radiation.collimation                      ? 
_diffrn_radiation.diffrn_id                        1 
_diffrn_radiation.filter_edge                      ? 
_diffrn_radiation.inhomogeneity                    ? 
_diffrn_radiation.monochromator                    ? 
_diffrn_radiation.polarisn_norm                    ? 
_diffrn_radiation.polarisn_ratio                   ? 
_diffrn_radiation.probe                            ? 
_diffrn_radiation.type                             ? 
_diffrn_radiation.xray_symbol                      ? 
_diffrn_radiation.wavelength_id                    1 
_diffrn_radiation.pdbx_monochromatic_or_laue_m_l   M 
_diffrn_radiation.pdbx_wavelength_list             ? 
_diffrn_radiation.pdbx_wavelength                  ? 
_diffrn_radiation.pdbx_diffrn_protocol             'SINGLE WAVELENGTH' 
_diffrn_radiation.pdbx_analyzer                    ? 
_diffrn_radiation.pdbx_scattering_type             x-ray 
# 
_diffrn_radiation_wavelength.id           1 
_diffrn_radiation_wavelength.wavelength   0.98011 
_diffrn_radiation_wavelength.wt           1.0 
# 
_diffrn_source.current                     ? 
_diffrn_source.details                     ? 
_diffrn_source.diffrn_id                   1 
_diffrn_source.power                       ? 
_diffrn_source.size                        ? 
_diffrn_source.source                      SYNCHROTRON 
_diffrn_source.target                      ? 
_diffrn_source.type                        'SOLEIL BEAMLINE PROXIMA 2' 
_diffrn_source.voltage                     ? 
_diffrn_source.take-off_angle              ? 
_diffrn_source.pdbx_wavelength_list        0.98011 
_diffrn_source.pdbx_wavelength             ? 
_diffrn_source.pdbx_synchrotron_beamline   'PROXIMA 2' 
_diffrn_source.pdbx_synchrotron_site       SOLEIL 
# 
_reflns.B_iso_Wilson_estimate                          ? 
_reflns.entry_id                                       7W8I 
_reflns.data_reduction_details                         ? 
_reflns.data_reduction_method                          ? 
_reflns.d_resolution_high                              1.94 
_reflns.d_resolution_low                               48.91 
_reflns.details                                        ? 
_reflns.limit_h_max                                    ? 
_reflns.limit_h_min                                    ? 
_reflns.limit_k_max                                    ? 
_reflns.limit_k_min                                    ? 
_reflns.limit_l_max                                    ? 
_reflns.limit_l_min                                    ? 
_reflns.number_all                                     ? 
_reflns.number_obs                                     10806 
_reflns.observed_criterion                             ? 
_reflns.observed_criterion_F_max                       ? 
_reflns.observed_criterion_F_min                       ? 
_reflns.observed_criterion_I_max                       ? 
_reflns.observed_criterion_I_min                       ? 
_reflns.observed_criterion_sigma_F                     ? 
_reflns.observed_criterion_sigma_I                     ? 
_reflns.percent_possible_obs                           99.4 
_reflns.R_free_details                                 ? 
_reflns.Rmerge_F_all                                   ? 
_reflns.Rmerge_F_obs                                   ? 
_reflns.Friedel_coverage                               ? 
_reflns.number_gt                                      ? 
_reflns.threshold_expression                           ? 
_reflns.pdbx_redundancy                                12.8 
_reflns.pdbx_Rmerge_I_obs                              0.138 
_reflns.pdbx_Rmerge_I_all                              ? 
_reflns.pdbx_Rsym_value                                ? 
_reflns.pdbx_netI_over_av_sigmaI                       ? 
_reflns.pdbx_netI_over_sigmaI                          12.4 
_reflns.pdbx_res_netI_over_av_sigmaI_2                 ? 
_reflns.pdbx_res_netI_over_sigmaI_2                    ? 
_reflns.pdbx_chi_squared                               ? 
_reflns.pdbx_scaling_rejects                           ? 
_reflns.pdbx_d_res_high_opt                            ? 
_reflns.pdbx_d_res_low_opt                             ? 
_reflns.pdbx_d_res_opt_method                          ? 
_reflns.phase_calculation_details                      ? 
_reflns.pdbx_Rrim_I_all                                ? 
_reflns.pdbx_Rpim_I_all                                ? 
_reflns.pdbx_d_opt                                     ? 
_reflns.pdbx_number_measured_all                       ? 
_reflns.pdbx_diffrn_id                                 1 
_reflns.pdbx_ordinal                                   1 
_reflns.pdbx_CC_half                                   0.998 
_reflns.pdbx_CC_star                                   ? 
_reflns.pdbx_R_split                                   ? 
_reflns.pdbx_aniso_diffraction_limit_axis_1_ortho[1]   ? 
_reflns.pdbx_aniso_diffraction_limit_axis_1_ortho[2]   ? 
_reflns.pdbx_aniso_diffraction_limit_axis_1_ortho[3]   ? 
_reflns.pdbx_aniso_diffraction_limit_axis_2_ortho[1]   ? 
_reflns.pdbx_aniso_diffraction_limit_axis_2_ortho[2]   ? 
_reflns.pdbx_aniso_diffraction_limit_axis_2_ortho[3]   ? 
_reflns.pdbx_aniso_diffraction_limit_axis_3_ortho[1]   ? 
_reflns.pdbx_aniso_diffraction_limit_axis_3_ortho[2]   ? 
_reflns.pdbx_aniso_diffraction_limit_axis_3_ortho[3]   ? 
_reflns.pdbx_aniso_diffraction_limit_1                 ? 
_reflns.pdbx_aniso_diffraction_limit_2                 ? 
_reflns.pdbx_aniso_diffraction_limit_3                 ? 
_reflns.pdbx_aniso_B_tensor_eigenvector_1_ortho[1]     ? 
_reflns.pdbx_aniso_B_tensor_eigenvector_1_ortho[2]     ? 
_reflns.pdbx_aniso_B_tensor_eigenvector_1_ortho[3]     ? 
_reflns.pdbx_aniso_B_tensor_eigenvector_2_ortho[1]     ? 
_reflns.pdbx_aniso_B_tensor_eigenvector_2_ortho[2]     ? 
_reflns.pdbx_aniso_B_tensor_eigenvector_2_ortho[3]     ? 
_reflns.pdbx_aniso_B_tensor_eigenvector_3_ortho[1]     ? 
_reflns.pdbx_aniso_B_tensor_eigenvector_3_ortho[2]     ? 
_reflns.pdbx_aniso_B_tensor_eigenvector_3_ortho[3]     ? 
_reflns.pdbx_aniso_B_tensor_eigenvalue_1               ? 
_reflns.pdbx_aniso_B_tensor_eigenvalue_2               ? 
_reflns.pdbx_aniso_B_tensor_eigenvalue_3               ? 
_reflns.pdbx_orthogonalization_convention              ? 
_reflns.pdbx_percent_possible_ellipsoidal              ? 
_reflns.pdbx_percent_possible_spherical                ? 
_reflns.pdbx_percent_possible_ellipsoidal_anomalous    ? 
_reflns.pdbx_percent_possible_spherical_anomalous      ? 
_reflns.pdbx_redundancy_anomalous                      ? 
_reflns.pdbx_CC_half_anomalous                         ? 
_reflns.pdbx_absDiff_over_sigma_anomalous              ? 
_reflns.pdbx_percent_possible_anomalous                ? 
_reflns.pdbx_observed_signal_threshold                 ? 
_reflns.pdbx_signal_type                               ? 
_reflns.pdbx_signal_details                            ? 
_reflns.pdbx_signal_software_id                        ? 
# 
_reflns_shell.d_res_high                                    1.94 
_reflns_shell.d_res_low                                     1.99 
_reflns_shell.meanI_over_sigI_all                           ? 
_reflns_shell.meanI_over_sigI_obs                           ? 
_reflns_shell.number_measured_all                           ? 
_reflns_shell.number_measured_obs                           ? 
_reflns_shell.number_possible                               ? 
_reflns_shell.number_unique_all                             ? 
_reflns_shell.number_unique_obs                             646 
_reflns_shell.percent_possible_all                          ? 
_reflns_shell.percent_possible_obs                          ? 
_reflns_shell.Rmerge_F_all                                  ? 
_reflns_shell.Rmerge_F_obs                                  ? 
_reflns_shell.Rmerge_I_all                                  ? 
_reflns_shell.Rmerge_I_obs                                  4.59 
_reflns_shell.meanI_over_sigI_gt                            ? 
_reflns_shell.meanI_over_uI_all                             ? 
_reflns_shell.meanI_over_uI_gt                              ? 
_reflns_shell.number_measured_gt                            ? 
_reflns_shell.number_unique_gt                              ? 
_reflns_shell.percent_possible_gt                           ? 
_reflns_shell.Rmerge_F_gt                                   ? 
_reflns_shell.Rmerge_I_gt                                   ? 
_reflns_shell.pdbx_redundancy                               ? 
_reflns_shell.pdbx_Rsym_value                               ? 
_reflns_shell.pdbx_chi_squared                              ? 
_reflns_shell.pdbx_netI_over_sigmaI_all                     ? 
_reflns_shell.pdbx_netI_over_sigmaI_obs                     ? 
_reflns_shell.pdbx_Rrim_I_all                               ? 
_reflns_shell.pdbx_Rpim_I_all                               ? 
_reflns_shell.pdbx_rejects                                  ? 
_reflns_shell.pdbx_ordinal                                  1 
_reflns_shell.pdbx_diffrn_id                                1 
_reflns_shell.pdbx_CC_half                                  0.325 
_reflns_shell.pdbx_CC_star                                  ? 
_reflns_shell.pdbx_R_split                                  ? 
_reflns_shell.pdbx_percent_possible_ellipsoidal             ? 
_reflns_shell.pdbx_percent_possible_spherical               ? 
_reflns_shell.pdbx_percent_possible_ellipsoidal_anomalous   ? 
_reflns_shell.pdbx_percent_possible_spherical_anomalous     ? 
_reflns_shell.pdbx_redundancy_anomalous                     ? 
_reflns_shell.pdbx_CC_half_anomalous                        ? 
_reflns_shell.pdbx_absDiff_over_sigma_anomalous             ? 
_reflns_shell.pdbx_percent_possible_anomalous               ? 
# 
_refine.aniso_B[1][1]                            -0.700 
_refine.aniso_B[1][2]                            -0.000 
_refine.aniso_B[1][3]                            0.000 
_refine.aniso_B[2][2]                            -2.019 
_refine.aniso_B[2][3]                            0.000 
_refine.aniso_B[3][3]                            2.720 
_refine.B_iso_max                                ? 
_refine.B_iso_mean                               52.812 
_refine.B_iso_min                                ? 
_refine.correlation_coeff_Fo_to_Fc               0.960 
_refine.correlation_coeff_Fo_to_Fc_free          0.943 
_refine.details                                  'Hydrogens have been used if present in the input file' 
_refine.diff_density_max                         ? 
_refine.diff_density_max_esd                     ? 
_refine.diff_density_min                         ? 
_refine.diff_density_min_esd                     ? 
_refine.diff_density_rms                         ? 
_refine.diff_density_rms_esd                     ? 
_refine.entry_id                                 7W8I 
_refine.pdbx_refine_id                           'X-RAY DIFFRACTION' 
_refine.ls_abs_structure_details                 ? 
_refine.ls_abs_structure_Flack                   ? 
_refine.ls_abs_structure_Flack_esd               ? 
_refine.ls_abs_structure_Rogers                  ? 
_refine.ls_abs_structure_Rogers_esd              ? 
_refine.ls_d_res_high                            1.943 
_refine.ls_d_res_low                             37.893 
_refine.ls_extinction_coef                       ? 
_refine.ls_extinction_coef_esd                   ? 
_refine.ls_extinction_expression                 ? 
_refine.ls_extinction_method                     ? 
_refine.ls_goodness_of_fit_all                   ? 
_refine.ls_goodness_of_fit_all_esd               ? 
_refine.ls_goodness_of_fit_obs                   ? 
_refine.ls_goodness_of_fit_obs_esd               ? 
_refine.ls_hydrogen_treatment                    ? 
_refine.ls_matrix_type                           ? 
_refine.ls_number_constraints                    ? 
_refine.ls_number_parameters                     ? 
_refine.ls_number_reflns_all                     ? 
_refine.ls_number_reflns_obs                     10610 
_refine.ls_number_reflns_R_free                  529 
_refine.ls_number_reflns_R_work                  10081 
_refine.ls_number_restraints                     ? 
_refine.ls_percent_reflns_obs                    97.815 
_refine.ls_percent_reflns_R_free                 4.986 
_refine.ls_R_factor_all                          0.228 
_refine.ls_R_factor_obs                          ? 
_refine.ls_R_factor_R_free                       0.2625 
_refine.ls_R_factor_R_free_error                 ? 
_refine.ls_R_factor_R_free_error_details         ? 
_refine.ls_R_factor_R_work                       0.2261 
_refine.ls_R_Fsqd_factor_obs                     ? 
_refine.ls_R_I_factor_obs                        ? 
_refine.ls_redundancy_reflns_all                 ? 
_refine.ls_redundancy_reflns_obs                 ? 
_refine.ls_restrained_S_all                      ? 
_refine.ls_restrained_S_obs                      ? 
_refine.ls_shift_over_esd_max                    ? 
_refine.ls_shift_over_esd_mean                   ? 
_refine.ls_structure_factor_coef                 ? 
_refine.ls_weighting_details                     ? 
_refine.ls_weighting_scheme                      ? 
_refine.ls_wR_factor_all                         ? 
_refine.ls_wR_factor_obs                         ? 
_refine.ls_wR_factor_R_free                      0.261 
_refine.ls_wR_factor_R_work                      0.223 
_refine.occupancy_max                            ? 
_refine.occupancy_min                            ? 
_refine.solvent_model_details                    'MASK BULK SOLVENT' 
_refine.solvent_model_param_bsol                 ? 
_refine.solvent_model_param_ksol                 ? 
_refine.pdbx_R_complete                          ? 
_refine.ls_R_factor_gt                           ? 
_refine.ls_goodness_of_fit_gt                    ? 
_refine.ls_goodness_of_fit_ref                   ? 
_refine.ls_shift_over_su_max                     ? 
_refine.ls_shift_over_su_max_lt                  ? 
_refine.ls_shift_over_su_mean                    ? 
_refine.ls_shift_over_su_mean_lt                 ? 
_refine.pdbx_ls_sigma_I                          ? 
_refine.pdbx_ls_sigma_F                          ? 
_refine.pdbx_ls_sigma_Fsqd                       ? 
_refine.pdbx_data_cutoff_high_absF               ? 
_refine.pdbx_data_cutoff_high_rms_absF           ? 
_refine.pdbx_data_cutoff_low_absF                ? 
_refine.pdbx_isotropic_thermal_model             ? 
_refine.pdbx_ls_cross_valid_method               'FREE R-VALUE' 
_refine.pdbx_method_to_determine_struct          'MOLECULAR REPLACEMENT' 
_refine.pdbx_starting_model                      1ow6 
_refine.pdbx_stereochemistry_target_values       ? 
_refine.pdbx_R_Free_selection_details            ? 
_refine.pdbx_stereochem_target_val_spec_case     ? 
_refine.pdbx_overall_ESU_R                       0.191 
_refine.pdbx_overall_ESU_R_Free                  0.169 
_refine.pdbx_solvent_vdw_probe_radii             1.200 
_refine.pdbx_solvent_ion_probe_radii             0.800 
_refine.pdbx_solvent_shrinkage_radii             0.800 
_refine.pdbx_real_space_R                        ? 
_refine.pdbx_density_correlation                 ? 
_refine.pdbx_pd_number_of_powder_patterns        ? 
_refine.pdbx_pd_number_of_points                 ? 
_refine.pdbx_pd_meas_number_of_points            ? 
_refine.pdbx_pd_proc_ls_prof_R_factor            ? 
_refine.pdbx_pd_proc_ls_prof_wR_factor           ? 
_refine.pdbx_pd_Marquardt_correlation_coeff      ? 
_refine.pdbx_pd_Fsqrd_R_factor                   ? 
_refine.pdbx_pd_ls_matrix_band_width             ? 
_refine.pdbx_overall_phase_error                 ? 
_refine.pdbx_overall_SU_R_free_Cruickshank_DPI   ? 
_refine.pdbx_overall_SU_R_free_Blow_DPI          ? 
_refine.pdbx_overall_SU_R_Blow_DPI               ? 
_refine.pdbx_TLS_residual_ADP_flag               ? 
_refine.pdbx_diffrn_id                           1 
_refine.overall_SU_B                             6.032 
_refine.overall_SU_ML                            0.160 
_refine.overall_SU_R_Cruickshank_DPI             ? 
_refine.overall_SU_R_free                        ? 
_refine.overall_FOM_free_R_set                   ? 
_refine.overall_FOM_work_R_set                   ? 
_refine.pdbx_average_fsc_overall                 ? 
_refine.pdbx_average_fsc_work                    0.8555 
_refine.pdbx_average_fsc_free                    0.8398 
# 
_refine_hist.pdbx_refine_id                   'X-RAY DIFFRACTION' 
_refine_hist.cycle_id                         LAST 
_refine_hist.details                          ? 
_refine_hist.d_res_high                       1.943 
_refine_hist.d_res_low                        37.893 
_refine_hist.number_atoms_solvent             25 
_refine_hist.number_atoms_total               1056 
_refine_hist.number_reflns_all                ? 
_refine_hist.number_reflns_obs                ? 
_refine_hist.number_reflns_R_free             ? 
_refine_hist.number_reflns_R_work             ? 
_refine_hist.R_factor_all                     ? 
_refine_hist.R_factor_obs                     ? 
_refine_hist.R_factor_R_free                  ? 
_refine_hist.R_factor_R_work                  ? 
_refine_hist.pdbx_number_residues_total       ? 
_refine_hist.pdbx_B_iso_mean_ligand           ? 
_refine_hist.pdbx_B_iso_mean_solvent          ? 
_refine_hist.pdbx_number_atoms_protein        1029 
_refine_hist.pdbx_number_atoms_nucleic_acid   0 
_refine_hist.pdbx_number_atoms_ligand         2 
_refine_hist.pdbx_number_atoms_lipid          ? 
_refine_hist.pdbx_number_atoms_carb           ? 
_refine_hist.pdbx_pseudo_atom_details         ? 
# 
loop_
_refine_ls_restr.pdbx_refine_id 
_refine_ls_restr.criterion 
_refine_ls_restr.dev_ideal 
_refine_ls_restr.dev_ideal_target 
_refine_ls_restr.number 
_refine_ls_restr.rejects 
_refine_ls_restr.type 
_refine_ls_restr.weight 
_refine_ls_restr.pdbx_restraint_function 
'X-RAY DIFFRACTION' ? 0.007  0.012  1042 ? r_bond_refined_d               ? ? 
'X-RAY DIFFRACTION' ? 1.585  1.639  1410 ? r_angle_refined_deg            ? ? 
'X-RAY DIFFRACTION' ? 5.259  5.000  131  ? r_dihedral_angle_1_deg         ? ? 
'X-RAY DIFFRACTION' ? 41.508 24.889 45   ? r_dihedral_angle_2_deg         ? ? 
'X-RAY DIFFRACTION' ? 17.642 15.000 207  ? r_dihedral_angle_3_deg         ? ? 
'X-RAY DIFFRACTION' ? 17.347 15.000 4    ? r_dihedral_angle_4_deg         ? ? 
'X-RAY DIFFRACTION' ? 0.121  0.200  142  ? r_chiral_restr                 ? ? 
'X-RAY DIFFRACTION' ? 0.006  0.020  742  ? r_gen_planes_refined           ? ? 
'X-RAY DIFFRACTION' ? 0.226  0.200  524  ? r_nbd_refined                  ? ? 
'X-RAY DIFFRACTION' ? 0.312  0.200  726  ? r_nbtor_refined                ? ? 
'X-RAY DIFFRACTION' ? 0.165  0.200  29   ? r_xyhbond_nbd_refined          ? ? 
'X-RAY DIFFRACTION' ? 0.023  0.200  2    ? r_metal_ion_refined            ? ? 
'X-RAY DIFFRACTION' ? 0.321  0.200  27   ? r_symmetry_nbd_refined         ? ? 
'X-RAY DIFFRACTION' ? 0.260  0.200  3    ? r_symmetry_xyhbond_nbd_refined ? ? 
'X-RAY DIFFRACTION' ? 0.113  0.200  1    ? r_symmetry_metal_ion_refined   ? ? 
'X-RAY DIFFRACTION' ? 4.453  4.782  527  ? r_mcbond_it                    ? ? 
'X-RAY DIFFRACTION' ? 6.553  7.138  657  ? r_mcangle_it                   ? ? 
'X-RAY DIFFRACTION' ? 6.604  5.715  515  ? r_scbond_it                    ? ? 
'X-RAY DIFFRACTION' ? 9.965  8.228  753  ? r_scangle_it                   ? ? 
'X-RAY DIFFRACTION' ? 12.903 90.634 4496 ? r_lrange_it                    ? ? 
# 
loop_
_refine_ls_shell.pdbx_refine_id 
_refine_ls_shell.d_res_high 
_refine_ls_shell.d_res_low 
_refine_ls_shell.number_reflns_all 
_refine_ls_shell.number_reflns_obs 
_refine_ls_shell.number_reflns_R_free 
_refine_ls_shell.number_reflns_R_work 
_refine_ls_shell.percent_reflns_obs 
_refine_ls_shell.percent_reflns_R_free 
_refine_ls_shell.R_factor_all 
_refine_ls_shell.R_factor_obs 
_refine_ls_shell.R_factor_R_free 
_refine_ls_shell.R_factor_R_free_error 
_refine_ls_shell.R_factor_R_work 
_refine_ls_shell.redundancy_reflns_all 
_refine_ls_shell.redundancy_reflns_obs 
_refine_ls_shell.wR_factor_all 
_refine_ls_shell.wR_factor_obs 
_refine_ls_shell.wR_factor_R_free 
_refine_ls_shell.wR_factor_R_work 
_refine_ls_shell.pdbx_R_complete 
_refine_ls_shell.pdbx_total_number_of_bins_used 
_refine_ls_shell.pdbx_phase_error 
_refine_ls_shell.pdbx_fsc_work 
_refine_ls_shell.pdbx_fsc_free 
'X-RAY DIFFRACTION' 1.943 1.994  777 . 35 673 91.1197  . 0.326 . 0.390 . 0.323 . . . . . 0.314 . 20 . 0.735 0.679 
'X-RAY DIFFRACTION' 1.994 2.048  780 . 39 741 100.0000 . 0.295 . 0.273 . 0.296 . . . . . 0.285 . 20 . 0.775 0.774 
'X-RAY DIFFRACTION' 2.048 2.107  724 . 36 688 100.0000 . 0.286 . 0.361 . 0.282 . . . . . 0.264 . 20 . 0.797 0.772 
'X-RAY DIFFRACTION' 2.107 2.172  726 . 36 690 100.0000 . 0.314 . 0.385 . 0.311 . . . . . 0.291 . 20 . 0.761 0.704 
'X-RAY DIFFRACTION' 2.172 2.243  701 . 29 588 88.0171  . 0.428 . 0.439 . 0.428 . . . . . 0.406 . 20 . 0.683 0.769 
'X-RAY DIFFRACTION' 2.243 2.321  686 . 32 584 89.7959  . 0.467 . 0.445 . 0.468 . . . . . 0.446 . 20 . 0.722 0.735 
'X-RAY DIFFRACTION' 2.321 2.409  649 . 32 616 99.8459  . 0.234 . 0.227 . 0.235 . . . . . 0.208 . 20 . 0.887 0.905 
'X-RAY DIFFRACTION' 2.409 2.507  637 . 32 605 100.0000 . 0.218 . 0.262 . 0.215 . . . . . 0.196 . 20 . 0.920 0.881 
'X-RAY DIFFRACTION' 2.507 2.618  611 . 30 581 100.0000 . 0.245 . 0.279 . 0.243 . . . . . 0.220 . 20 . 0.902 0.907 
'X-RAY DIFFRACTION' 2.618 2.745  587 . 30 557 100.0000 . 0.253 . 0.361 . 0.247 . . . . . 0.224 . 20 . 0.900 0.840 
'X-RAY DIFFRACTION' 2.745 2.892  561 . 28 533 100.0000 . 0.243 . 0.301 . 0.239 . . . . . 0.218 . 20 . 0.906 0.901 
'X-RAY DIFFRACTION' 2.892 3.067  526 . 26 500 100.0000 . 0.222 . 0.237 . 0.221 . . . . . 0.210 . 20 . 0.912 0.909 
'X-RAY DIFFRACTION' 3.067 3.277  505 . 25 479 99.8020  . 0.249 . 0.412 . 0.242 . . . . . 0.234 . 20 . 0.915 0.806 
'X-RAY DIFFRACTION' 3.277 3.537  466 . 24 442 100.0000 . 0.236 . 0.274 . 0.233 . . . . . 0.230 . 20 . 0.927 0.901 
'X-RAY DIFFRACTION' 3.537 3.871  438 . 21 410 98.4018  . 0.207 . 0.238 . 0.206 . . . . . 0.210 . 20 . 0.954 0.952 
'X-RAY DIFFRACTION' 3.871 4.323  398 . 20 378 100.0000 . 0.171 . 0.164 . 0.171 . . . . . 0.183 . 20 . 0.969 0.966 
'X-RAY DIFFRACTION' 4.323 4.981  356 . 18 338 100.0000 . 0.147 . 0.168 . 0.146 . . . . . 0.160 . 20 . 0.976 0.972 
'X-RAY DIFFRACTION' 4.981 6.074  309 . 15 294 100.0000 . 0.208 . 0.258 . 0.205 . . . . . 0.233 . 20 . 0.958 0.943 
'X-RAY DIFFRACTION' 6.074 8.482  244 . 13 231 100.0000 . 0.165 . 0.218 . 0.162 . . . . . 0.206 . 20 . 0.977 0.950 
'X-RAY DIFFRACTION' 8.482 37.893 161 . 8  153 100.0000 . 0.180 . 0.177 . 0.180 . . . . . 0.249 . 20 . 0.977 0.985 
# 
_struct.entry_id                     7W8I 
_struct.title                        
'Crystal structure of Zn bound human Focal Adhesion Targeting (FAT) domain of the Focal Adhesion Kinase' 
_struct.pdbx_model_details           ? 
_struct.pdbx_formula_weight          ? 
_struct.pdbx_formula_weight_method   ? 
_struct.pdbx_model_type_details      ? 
_struct.pdbx_CASP_flag               N 
# 
_struct_keywords.entry_id        7W8I 
_struct_keywords.text            'Focal adhesion kinase, Protein tyrosine kinase 2, TRANSFERASE' 
_struct_keywords.pdbx_keywords   TRANSFERASE 
# 
loop_
_struct_asym.id 
_struct_asym.pdbx_blank_PDB_chainid_flag 
_struct_asym.pdbx_modified 
_struct_asym.entity_id 
_struct_asym.details 
A N N 1 ? 
B N N 2 ? 
C N N 2 ? 
D N N 3 ? 
# 
loop_
_struct_conf.conf_type_id 
_struct_conf.id 
_struct_conf.pdbx_PDB_helix_id 
_struct_conf.beg_label_comp_id 
_struct_conf.beg_label_asym_id 
_struct_conf.beg_label_seq_id 
_struct_conf.pdbx_beg_PDB_ins_code 
_struct_conf.end_label_comp_id 
_struct_conf.end_label_asym_id 
_struct_conf.end_label_seq_id 
_struct_conf.pdbx_end_PDB_ins_code 
_struct_conf.beg_auth_comp_id 
_struct_conf.beg_auth_asym_id 
_struct_conf.beg_auth_seq_id 
_struct_conf.end_auth_comp_id 
_struct_conf.end_auth_asym_id 
_struct_conf.end_auth_seq_id 
_struct_conf.pdbx_PDB_helix_class 
_struct_conf.details 
_struct_conf.pdbx_PDB_helix_length 
HELX_P HELX_P1 AA1 ASP A 34  ? SER A 52  ? ASP A 925  SER A 943  1 ? 19 
HELX_P HELX_P2 AA2 PRO A 58  ? ILE A 84  ? PRO A 949  ILE A 975  1 ? 27 
HELX_P HELX_P3 AA3 PRO A 85  ? LEU A 87  ? PRO A 976  LEU A 978  5 ? 3  
HELX_P HELX_P4 AA4 PRO A 88  ? SER A 90  ? PRO A 979  SER A 981  5 ? 3  
HELX_P HELX_P5 AA5 THR A 91  ? TYR A 119 ? THR A 982  TYR A 1010 1 ? 29 
HELX_P HELX_P6 AA6 LEU A 124 ? GLY A 159 ? LEU A 1015 GLY A 1050 1 ? 36 
# 
_struct_conf_type.id          HELX_P 
_struct_conf_type.criteria    ? 
_struct_conf_type.reference   ? 
# 
loop_
_struct_conn.id 
_struct_conn.conn_type_id 
_struct_conn.pdbx_leaving_atom_flag 
_struct_conn.pdbx_PDB_id 
_struct_conn.ptnr1_label_asym_id 
_struct_conn.ptnr1_label_comp_id 
_struct_conn.ptnr1_label_seq_id 
_struct_conn.ptnr1_label_atom_id 
_struct_conn.pdbx_ptnr1_label_alt_id 
_struct_conn.pdbx_ptnr1_PDB_ins_code 
_struct_conn.pdbx_ptnr1_standard_comp_id 
_struct_conn.ptnr1_symmetry 
_struct_conn.ptnr2_label_asym_id 
_struct_conn.ptnr2_label_comp_id 
_struct_conn.ptnr2_label_seq_id 
_struct_conn.ptnr2_label_atom_id 
_struct_conn.pdbx_ptnr2_label_alt_id 
_struct_conn.pdbx_ptnr2_PDB_ins_code 
_struct_conn.ptnr1_auth_asym_id 
_struct_conn.ptnr1_auth_comp_id 
_struct_conn.ptnr1_auth_seq_id 
_struct_conn.ptnr2_auth_asym_id 
_struct_conn.ptnr2_auth_comp_id 
_struct_conn.ptnr2_auth_seq_id 
_struct_conn.ptnr2_symmetry 
_struct_conn.pdbx_ptnr3_label_atom_id 
_struct_conn.pdbx_ptnr3_label_seq_id 
_struct_conn.pdbx_ptnr3_label_comp_id 
_struct_conn.pdbx_ptnr3_label_asym_id 
_struct_conn.pdbx_ptnr3_label_alt_id 
_struct_conn.pdbx_ptnr3_PDB_ins_code 
_struct_conn.details 
_struct_conn.pdbx_dist_value 
_struct_conn.pdbx_value_order 
_struct_conn.pdbx_role 
metalc1 metalc ? ? A GLU 49  OE1 ? ? ? 1_555 B ZN . ZN ? ? A GLU 940  A ZN 1101 3_555 ? ? ? ? ? ? ? 2.122 ? ? 
metalc2 metalc ? ? A GLU 68  OE2 ? ? ? 1_555 B ZN . ZN ? ? A GLU 959  A ZN 1101 3_555 ? ? ? ? ? ? ? 1.907 ? ? 
metalc3 metalc ? ? A HIS 92  ND1 ? ? ? 1_555 B ZN . ZN ? ? A HIS 983  A ZN 1101 1_555 ? ? ? ? ? ? ? 2.027 ? ? 
metalc4 metalc ? ? A HIS 137 ND1 ? ? ? 1_555 C ZN . ZN ? ? A HIS 1028 A ZN 1102 1_555 ? ? ? ? ? ? ? 2.102 ? ? 
metalc5 metalc ? ? A ASP 151 OD2 ? ? ? 1_555 C ZN . ZN ? ? A ASP 1042 A ZN 1102 4_455 ? ? ? ? ? ? ? 2.082 ? ? 
metalc6 metalc ? ? A HIS 164 NE2 ? ? ? 1_555 C ZN . ZN ? ? A HIS 1055 A ZN 1102 1_455 ? ? ? ? ? ? ? 2.186 ? ? 
# 
_struct_conn_type.id          metalc 
_struct_conn_type.criteria    ? 
_struct_conn_type.reference   ? 
# 
_atom_sites.entry_id                    7W8I 
_atom_sites.Cartn_transf_matrix[1][1]   ? 
_atom_sites.Cartn_transf_matrix[1][2]   ? 
_atom_sites.Cartn_transf_matrix[1][3]   ? 
_atom_sites.Cartn_transf_matrix[2][1]   ? 
_atom_sites.Cartn_transf_matrix[2][2]   ? 
_atom_sites.Cartn_transf_matrix[2][3]   ? 
_atom_sites.Cartn_transf_matrix[3][1]   ? 
_atom_sites.Cartn_transf_matrix[3][2]   ? 
_atom_sites.Cartn_transf_matrix[3][3]   ? 
_atom_sites.Cartn_transf_vector[1]      ? 
_atom_sites.Cartn_transf_vector[2]      ? 
_atom_sites.Cartn_transf_vector[3]      ? 
_atom_sites.fract_transf_matrix[1][1]   -0.00028406 
_atom_sites.fract_transf_matrix[1][2]   -0.00726079 
_atom_sites.fract_transf_matrix[1][3]   -0.01911230 
_atom_sites.fract_transf_matrix[2][1]   0.01521070 
_atom_sites.fract_transf_matrix[2][2]   -0.01045409 
_atom_sites.fract_transf_matrix[2][3]   0.00374545 
_atom_sites.fract_transf_matrix[3][1]   -0.01089893 
_atom_sites.fract_transf_matrix[3][2]   -0.01390702 
_atom_sites.fract_transf_matrix[3][3]   0.00544529 
_atom_sites.fract_transf_vector[1]      0.144319 
_atom_sites.fract_transf_vector[2]      0.217851 
_atom_sites.fract_transf_vector[3]      0.208838 
_atom_sites.solution_primary            ? 
_atom_sites.solution_secondary          ? 
_atom_sites.solution_hydrogens          ? 
_atom_sites.special_details             ? 
# 
loop_
_atom_type.symbol 
_atom_type.pdbx_scat_Z 
_atom_type.pdbx_N_electrons 
_atom_type.scat_Cromer_Mann_a1 
_atom_type.scat_Cromer_Mann_b1 
_atom_type.scat_Cromer_Mann_a2 
_atom_type.scat_Cromer_Mann_b2 
_atom_type.scat_Cromer_Mann_a3 
_atom_type.scat_Cromer_Mann_b3 
_atom_type.scat_Cromer_Mann_a4 
_atom_type.scat_Cromer_Mann_b4 
_atom_type.scat_Cromer_Mann_c 
C    6  6  2.310  20.844 1.020 10.208 1.589 0.569  0.865 51.651 0.216   
N    7  7  12.222 0.006  3.135 9.893  2.014 28.997 1.167 0.583  -11.538 
O    8  8  3.049  13.277 2.287 5.701  1.546 0.324  0.867 32.909 0.251   
S    16 16 6.905  1.468  5.203 22.215 1.438 0.254  1.586 56.172 1.050   
ZN   ?  ?  ?      ?      ?     ?      ?     ?      ?     ?      ?       
ZN+2 30 28 11.972 2.995  7.386 0.203  6.467 7.083  1.394 18.099 0.465   
# 
loop_
_atom_site.group_PDB 
_atom_site.id 
_atom_site.type_symbol 
_atom_site.label_atom_id 
_atom_site.label_alt_id 
_atom_site.label_comp_id 
_atom_site.label_asym_id 
_atom_site.label_entity_id 
_atom_site.label_seq_id 
_atom_site.pdbx_PDB_ins_code 
_atom_site.Cartn_x 
_atom_site.Cartn_y 
_atom_site.Cartn_z 
_atom_site.occupancy 
_atom_site.B_iso_or_equiv 
_atom_site.pdbx_formal_charge 
_atom_site.auth_seq_id 
_atom_site.auth_comp_id 
_atom_site.auth_asym_id 
_atom_site.auth_atom_id 
_atom_site.pdbx_PDB_model_num 
_atom_site.calc_flag 
ATOM   1    N  N   . ASN A 1 33  ? 11.705  3.573   15.266  1.000 83.325  0 924  ASN A N   1 ? 
ATOM   2    C  CA  . ASN A 1 33  ? 10.908  3.036   16.418  1.000 88.972  0 924  ASN A CA  1 ? 
ATOM   3    C  C   . ASN A 1 33  ? 9.415   3.192   16.152  1.000 88.090  0 924  ASN A C   1 ? 
ATOM   4    O  O   . ASN A 1 33  ? 8.605   2.991   17.056  1.000 98.465  0 924  ASN A O   1 ? 
ATOM   5    C  CB  . ASN A 1 33  ? 11.193  3.804   17.711  1.000 94.860  0 924  ASN A CB  1 ? 
ATOM   6    C  CG  . ASN A 1 33  ? 12.570  3.527   18.269  1.000 105.566 0 924  ASN A CG  1 ? 
ATOM   7    O  OD1 . ASN A 1 33  ? 13.506  3.274   17.513  1.000 119.217 0 924  ASN A OD1 1 ? 
ATOM   8    N  ND2 . ASN A 1 33  ? 12.702  3.573   19.585  1.000 101.953 0 924  ASN A ND2 1 ? 
ATOM   9    N  N   . ASP A 1 34  ? 9.063   3.559   14.914  1.000 73.673  0 925  ASP A N   1 ? 
ATOM   10   C  CA  . ASP A 1 34  ? 7.740   4.080   14.604  1.000 55.948  0 925  ASP A CA  1 ? 
ATOM   11   C  C   . ASP A 1 34  ? 6.972   3.070   13.745  1.000 51.081  0 925  ASP A C   1 ? 
ATOM   12   O  O   . ASP A 1 34  ? 7.426   2.708   12.656  1.000 43.531  0 925  ASP A O   1 ? 
ATOM   13   C  CB  . ASP A 1 34  ? 7.903   5.469   13.990  1.000 57.710  0 925  ASP A CB  1 ? 
ATOM   14   C  CG  . ASP A 1 34  ? 6.828   5.865   12.995  1.000 59.105  0 925  ASP A CG  1 ? 
ATOM   15   O  OD1 . ASP A 1 34  ? 5.693   5.377   13.117  1.000 69.537  0 925  ASP A OD1 1 ? 
ATOM   16   O  OD2 . ASP A 1 34  ? 7.134   6.675   12.124  1.000 51.895  0 925  ASP A OD2 1 ? 
ATOM   17   N  N   . LYS A 1 35  ? 5.790   2.658   14.242  1.000 40.096  0 926  LYS A N   1 ? 
ATOM   18   C  CA  . LYS A 1 35  ? 5.015   1.561   13.675  1.000 45.017  0 926  LYS A CA  1 ? 
ATOM   19   C  C   . LYS A 1 35  ? 4.519   1.921   12.268  1.000 45.300  0 926  LYS A C   1 ? 
ATOM   20   O  O   . LYS A 1 35  ? 4.454   1.056   11.395  1.000 42.867  0 926  LYS A O   1 ? 
ATOM   21   C  CB  . LYS A 1 35  ? 3.855   1.205   14.607  1.000 46.386  0 926  LYS A CB  1 ? 
ATOM   22   C  CG  . LYS A 1 35  ? 3.472   -0.263  14.640  1.000 55.840  0 926  LYS A CG  1 ? 
ATOM   23   C  CD  . LYS A 1 35  ? 2.129   -0.529  15.292  1.000 58.600  0 926  LYS A CD  1 ? 
ATOM   24   C  CE  . LYS A 1 35  ? 1.774   -2.000  15.297  1.000 64.366  0 926  LYS A CE  1 ? 
ATOM   25   N  NZ  . LYS A 1 35  ? 1.385   -2.438  16.656  1.000 68.676  0 926  LYS A NZ  1 ? 
ATOM   26   N  N   . VAL A 1 36  ? 4.213   3.205   12.028  1.000 40.201  0 927  VAL A N   1 ? 
ATOM   27   C  CA  . VAL A 1 36  ? 3.770   3.623   10.700  1.000 39.729  0 927  VAL A CA  1 ? 
ATOM   28   C  C   . VAL A 1 36  ? 4.922   3.432   9.725   1.000 34.453  0 927  VAL A C   1 ? 
ATOM   29   O  O   . VAL A 1 36  ? 4.766   2.827   8.668   1.000 35.275  0 927  VAL A O   1 ? 
ATOM   30   C  CB  . VAL A 1 36  ? 3.245   5.073   10.682  1.000 32.527  0 927  VAL A CB  1 ? 
ATOM   31   C  CG1 . VAL A 1 36  ? 3.027   5.565   9.246   1.000 35.510  0 927  VAL A CG1 1 ? 
ATOM   32   C  CG2 . VAL A 1 36  ? 1.965   5.175   11.489  1.000 33.957  0 927  VAL A CG2 1 ? 
ATOM   33   N  N   . TYR A 1 37  ? 6.086   3.951   10.109  1.000 34.968  0 928  TYR A N   1 ? 
ATOM   34   C  CA  . TYR A 1 37  ? 7.283   3.776   9.315   1.000 37.224  0 928  TYR A CA  1 ? 
ATOM   35   C  C   . TYR A 1 37  ? 7.558   2.289   9.050   1.000 40.120  0 928  TYR A C   1 ? 
ATOM   36   O  O   . TYR A 1 37  ? 7.845   1.895   7.928   1.000 36.236  0 928  TYR A O   1 ? 
ATOM   37   C  CB  . TYR A 1 37  ? 8.480   4.464   9.977   1.000 43.532  0 928  TYR A CB  1 ? 
ATOM   38   C  CG  . TYR A 1 37  ? 9.732   4.204   9.182   1.000 48.376  0 928  TYR A CG  1 ? 
ATOM   39   C  CD1 . TYR A 1 37  ? 9.940   4.868   7.976   1.000 47.860  0 928  TYR A CD1 1 ? 
ATOM   40   C  CD2 . TYR A 1 37  ? 10.639  3.218   9.563   1.000 46.047  0 928  TYR A CD2 1 ? 
ATOM   41   C  CE1 . TYR A 1 37  ? 11.061  4.612   7.198   1.000 53.194  0 928  TYR A CE1 1 ? 
ATOM   42   C  CE2 . TYR A 1 37  ? 11.759  2.946   8.789   1.000 52.511  0 928  TYR A CE2 1 ? 
ATOM   43   C  CZ  . TYR A 1 37  ? 11.976  3.656   7.614   1.000 54.831  0 928  TYR A CZ  1 ? 
ATOM   44   O  OH  . TYR A 1 37  ? 13.071  3.403   6.836   1.000 58.027  0 928  TYR A OH  1 ? 
ATOM   45   N  N   . GLU A 1 38  ? 7.413   1.432   10.059  1.000 41.005  0 929  GLU A N   1 ? 
ATOM   46   C  CA  . GLU A 1 38  ? 7.756   0.033   9.866   1.000 41.299  0 929  GLU A CA  1 ? 
ATOM   47   C  C   . GLU A 1 38  ? 6.766   -0.646  8.920   1.000 36.030  0 929  GLU A C   1 ? 
ATOM   48   O  O   . GLU A 1 38  ? 7.168   -1.426  8.060   1.000 31.142  0 929  GLU A O   1 ? 
ATOM   49   C  CB  . GLU A 1 38  ? 7.824   -0.686  11.215  1.000 46.515  0 929  GLU A CB  1 ? 
ATOM   50   C  CG  . GLU A 1 38  ? 8.918   -0.123  12.099  1.000 62.715  0 929  GLU A CG  1 ? 
ATOM   51   C  CD  . GLU A 1 38  ? 8.840   -0.547  13.558  1.000 74.499  0 929  GLU A CD  1 ? 
ATOM   52   O  OE1 . GLU A 1 38  ? 8.012   -1.444  13.879  1.000 72.164  0 929  GLU A OE1 1 ? 
ATOM   53   O  OE2 . GLU A 1 38  ? 9.588   0.048   14.377  1.000 88.380  0 929  GLU A OE2 1 ? 
ATOM   54   N  N   . ASN A 1 39  ? 5.473   -0.370  9.130   1.000 35.251  0 930  ASN A N   1 ? 
ATOM   55   C  CA  . ASN A 1 39  ? 4.401   -0.865  8.281   1.000 36.638  0 930  ASN A CA  1 ? 
ATOM   56   C  C   . ASN A 1 39  ? 4.540   -0.410  6.822   1.000 34.221  0 930  ASN A C   1 ? 
ATOM   57   O  O   . ASN A 1 39  ? 4.234   -1.169  5.907   1.000 32.747  0 930  ASN A O   1 ? 
ATOM   58   C  CB  . ASN A 1 39  ? 3.031   -0.498  8.840   1.000 39.090  0 930  ASN A CB  1 ? 
ATOM   59   C  CG  . ASN A 1 39  ? 2.683   -1.210  10.132  1.000 46.594  0 930  ASN A CG  1 ? 
ATOM   60   O  OD1 . ASN A 1 39  ? 1.717   -0.826  10.790  1.000 48.426  0 930  ASN A OD1 1 ? 
ATOM   61   N  ND2 . ASN A 1 39  ? 3.440   -2.234  10.505  1.000 40.660  0 930  ASN A ND2 1 ? 
ATOM   62   N  N   . VAL A 1 40  ? 5.021   0.807   6.577   1.000 30.553  0 931  VAL A N   1 ? 
ATOM   63   C  CA  . VAL A 1 40  ? 5.132   1.238   5.185   1.000 31.012  0 931  VAL A CA  1 ? 
ATOM   64   C  C   . VAL A 1 40  ? 6.265   0.465   4.504   1.000 34.228  0 931  VAL A C   1 ? 
ATOM   65   O  O   . VAL A 1 40  ? 6.141   0.028   3.350   1.000 33.849  0 931  VAL A O   1 ? 
ATOM   66   C  CB  . VAL A 1 40  ? 5.295   2.773   5.089   1.000 29.197  0 931  VAL A CB  1 ? 
ATOM   67   C  CG1 . VAL A 1 40  ? 5.775   3.225   3.711   1.000 28.517  0 931  VAL A CG1 1 ? 
ATOM   68   C  CG2 . VAL A 1 40  ? 4.020   3.520   5.479   1.000 29.047  0 931  VAL A CG2 1 ? 
ATOM   69   N  N   . THR A 1 41  ? 7.366   0.250   5.256   1.000 34.827  0 932  THR A N   1 ? 
ATOM   70   C  CA  . THR A 1 41  ? 8.556   -0.430  4.754   1.000 34.225  0 932  THR A CA  1 ? 
ATOM   71   C  C   . THR A 1 41  ? 8.211   -1.871  4.401   1.000 31.182  0 932  THR A C   1 ? 
ATOM   72   O  O   . THR A 1 41  ? 8.666   -2.396  3.391   1.000 32.527  0 932  THR A O   1 ? 
ATOM   73   C  CB  . THR A 1 41  ? 9.673   -0.494  5.814   1.000 35.236  0 932  THR A CB  1 ? 
ATOM   74   O  OG1 . THR A 1 41  ? 10.019  0.851   6.123   1.000 40.041  0 932  THR A OG1 1 ? 
ATOM   75   C  CG2 . THR A 1 41  ? 10.909  -1.207  5.315   1.000 37.938  0 932  THR A CG2 1 ? 
ATOM   76   N  N   . GLY A 1 42  ? 7.440   -2.511  5.268   1.000 29.467  0 933  GLY A N   1 ? 
ATOM   77   C  CA  . GLY A 1 42  ? 7.030   -3.880  5.009   1.000 32.997  0 933  GLY A CA  1 ? 
ATOM   78   C  C   . GLY A 1 42  ? 6.205   -3.983  3.725   1.000 32.294  0 933  GLY A C   1 ? 
ATOM   79   O  O   . GLY A 1 42  ? 6.513   -4.811  2.867   1.000 33.969  0 933  GLY A O   1 ? 
ATOM   80   N  N   . LEU A 1 43  ? 5.234   -3.073  3.562   1.000 34.856  0 934  LEU A N   1 ? 
ATOM   81   C  CA  . LEU A 1 43  ? 4.381   -3.033  2.373   1.000 31.725  0 934  LEU A CA  1 ? 
ATOM   82   C  C   . LEU A 1 43  ? 5.218   -2.810  1.117   1.000 29.647  0 934  LEU A C   1 ? 
ATOM   83   O  O   . LEU A 1 43  ? 5.072   -3.553  0.154   1.000 30.781  0 934  LEU A O   1 ? 
ATOM   84   C  CB  . LEU A 1 43  ? 3.298   -1.963  2.559   1.000 33.585  0 934  LEU A CB  1 ? 
ATOM   85   C  CG  . LEU A 1 43  ? 2.359   -1.708  1.377   1.000 34.922  0 934  LEU A CG  1 ? 
ATOM   86   C  CD1 . LEU A 1 43  ? 1.792   -2.994  0.788   1.000 33.724  0 934  LEU A CD1 1 ? 
ATOM   87   C  CD2 . LEU A 1 43  ? 1.209   -0.828  1.833   1.000 30.415  0 934  LEU A CD2 1 ? 
ATOM   88   N  N   . VAL A 1 44  ? 6.141   -1.842  1.141   1.000 31.966  0 935  VAL A N   1 ? 
ATOM   89   C  CA  . VAL A 1 44  ? 7.036   -1.600  0.013   1.000 35.979  0 935  VAL A CA  1 ? 
ATOM   90   C  C   . VAL A 1 44  ? 7.907   -2.829  -0.287  1.000 36.638  0 935  VAL A C   1 ? 
ATOM   91   O  O   . VAL A 1 44  ? 8.151   -3.140  -1.451  1.000 34.494  0 935  VAL A O   1 ? 
ATOM   92   C  CB  . VAL A 1 44  ? 7.854   -0.299  0.191   1.000 35.444  0 935  VAL A CB  1 ? 
ATOM   93   C  CG1 . VAL A 1 44  ? 8.880   -0.128  -0.923  1.000 37.120  0 935  VAL A CG1 1 ? 
ATOM   94   C  CG2 . VAL A 1 44  ? 6.935   0.919   0.251   1.000 35.466  0 935  VAL A CG2 1 ? 
ATOM   95   N  N   . LYS A 1 45  ? 8.382   -3.528  0.765   1.000 36.694  0 936  LYS A N   1 ? 
ATOM   96   C  CA  . LYS A 1 45  ? 9.246   -4.681  0.574   1.000 35.470  0 936  LYS A CA  1 ? 
ATOM   97   C  C   . LYS A 1 45  ? 8.450   -5.799  -0.092  1.000 32.662  0 936  LYS A C   1 ? 
ATOM   98   O  O   . LYS A 1 45  ? 8.948   -6.422  -1.022  1.000 35.248  0 936  LYS A O   1 ? 
ATOM   99   C  CB  . LYS A 1 45  ? 9.913   -5.129  1.886   1.000 42.179  0 936  LYS A CB  1 ? 
ATOM   100  C  CG  . LYS A 1 45  ? 10.328  -6.606  1.916   1.000 48.492  0 936  LYS A CG  1 ? 
ATOM   101  C  CD  . LYS A 1 45  ? 11.253  -6.998  3.065   1.000 55.702  0 936  LYS A CD  1 ? 
ATOM   102  C  CE  . LYS A 1 45  ? 11.982  -8.311  2.836   1.000 52.360  0 936  LYS A CE  1 ? 
ATOM   103  N  NZ  . LYS A 1 45  ? 12.473  -8.892  4.117   1.000 56.761  0 936  LYS A NZ  1 ? 
ATOM   104  N  N   . ALA A 1 46  ? 7.185   -5.988  0.319   1.000 34.270  0 937  ALA A N   1 ? 
ATOM   105  C  CA  . ALA A 1 46  ? 6.311   -6.966  -0.330  1.000 34.957  0 937  ALA A CA  1 ? 
ATOM   106  C  C   . ALA A 1 46  ? 6.079   -6.662  -1.822  1.000 36.776  0 937  ALA A C   1 ? 
ATOM   107  O  O   . ALA A 1 46  ? 6.110   -7.565  -2.655  1.000 33.805  0 937  ALA A O   1 ? 
ATOM   108  C  CB  . ALA A 1 46  ? 5.025   -7.110  0.445   1.000 31.253  0 937  ALA A CB  1 ? 
ATOM   109  N  N   . VAL A 1 47  ? 5.846   -5.390  -2.175  1.000 39.422  0 938  VAL A N   1 ? 
ATOM   110  C  CA  . VAL A 1 47  ? 5.634   -4.984  -3.558  1.000 34.331  0 938  VAL A CA  1 ? 
ATOM   111  C  C   . VAL A 1 47  ? 6.906   -5.235  -4.357  1.000 36.695  0 938  VAL A C   1 ? 
ATOM   112  O  O   . VAL A 1 47  ? 6.841   -5.711  -5.478  1.000 39.092  0 938  VAL A O   1 ? 
ATOM   113  C  CB  . VAL A 1 47  ? 5.188   -3.511  -3.640  1.000 36.557  0 938  VAL A CB  1 ? 
ATOM   114  C  CG1 . VAL A 1 47  ? 5.324   -2.936  -5.053  1.000 33.886  0 938  VAL A CG1 1 ? 
ATOM   115  C  CG2 . VAL A 1 47  ? 3.771   -3.335  -3.126  1.000 29.154  0 938  VAL A CG2 1 ? 
ATOM   116  N  N   . ILE A 1 48  ? 8.070   -4.903  -3.787  1.000 37.541  0 939  ILE A N   1 ? 
ATOM   117  C  CA  . ILE A 1 48  ? 9.334   -5.098  -4.480  1.000 34.710  0 939  ILE A CA  1 ? 
ATOM   118  C  C   . ILE A 1 48  ? 9.615   -6.583  -4.730  1.000 38.240  0 939  ILE A C   1 ? 
ATOM   119  O  O   . ILE A 1 48  ? 10.046  -6.939  -5.833  1.000 41.925  0 939  ILE A O   1 ? 
ATOM   120  C  CB  . ILE A 1 48  ? 10.492  -4.368  -3.767  1.000 37.431  0 939  ILE A CB  1 ? 
ATOM   121  C  CG1 . ILE A 1 48  ? 10.308  -2.852  -3.847  1.000 33.909  0 939  ILE A CG1 1 ? 
ATOM   122  C  CG2 . ILE A 1 48  ? 11.847  -4.811  -4.320  1.000 36.573  0 939  ILE A CG2 1 ? 
ATOM   123  C  CD1 . ILE A 1 48  ? 11.205  -2.077  -2.898  1.000 32.587  0 939  ILE A CD1 1 ? 
ATOM   124  N  N   . GLU A 1 49  ? 9.329   -7.452  -3.743  1.000 36.781  0 940  GLU A N   1 ? 
ATOM   125  C  CA  . GLU A 1 49  ? 9.432   -8.891  -3.952  1.000 39.126  0 940  GLU A CA  1 ? 
ATOM   126  C  C   . GLU A 1 49  ? 8.546   -9.375  -5.102  1.000 42.291  0 940  GLU A C   1 ? 
ATOM   127  O  O   . GLU A 1 49  ? 9.028   -10.109 -5.963  1.000 44.829  0 940  GLU A O   1 ? 
ATOM   128  C  CB  . GLU A 1 49  ? 9.098   -9.677  -2.693  1.000 39.500  0 940  GLU A CB  1 ? 
ATOM   129  C  CG  . GLU A 1 49  ? 10.151  -9.506  -1.628  1.000 38.845  0 940  GLU A CG  1 ? 
ATOM   130  C  CD  . GLU A 1 49  ? 9.717   -10.269 -0.388  1.000 44.345  0 940  GLU A CD  1 ? 
ATOM   131  O  OE1 . GLU A 1 49  ? 8.511   -10.522 -0.261  1.000 34.507  0 940  GLU A OE1 1 ? 
ATOM   132  O  OE2 . GLU A 1 49  ? 10.580  -10.585 0.454   1.000 56.620  0 940  GLU A OE2 1 ? 
ATOM   133  N  N   . MET A 1 50  ? 7.255   -9.016  -5.088  1.000 41.628  0 941  MET A N   1 ? 
ATOM   134  C  CA  . MET A 1 50  ? 6.318   -9.458  -6.117  1.000 49.073  0 941  MET A CA  1 ? 
ATOM   135  C  C   . MET A 1 50  ? 6.818   -8.999  -7.479  1.000 52.096  0 941  MET A C   1 ? 
ATOM   136  O  O   . MET A 1 50  ? 6.761   -9.748  -8.453  1.000 49.296  0 941  MET A O   1 ? 
ATOM   137  C  CB  . MET A 1 50  ? 4.913   -8.885  -5.919  1.000 51.819  0 941  MET A CB  1 ? 
ATOM   138  C  CG  . MET A 1 50  ? 4.003   -9.111  -7.125  1.000 58.888  0 941  MET A CG  1 ? 
ATOM   139  S  SD  . MET A 1 50  ? 2.597   -7.985  -7.107  1.000 57.359  0 941  MET A SD  1 ? 
ATOM   140  C  CE  . MET A 1 50  ? 1.985   -8.370  -5.474  1.000 48.779  0 941  MET A CE  1 ? 
ATOM   141  N  N   . SER A 1 51  ? 7.322   -7.765  -7.513  1.000 50.658  0 942  SER A N   1 ? 
ATOM   142  C  CA  . SER A 1 51  ? 7.750   -7.139  -8.743  1.000 56.096  0 942  SER A CA  1 ? 
ATOM   143  C  C   . SER A 1 51  ? 8.906   -7.906  -9.349  1.000 55.868  0 942  SER A C   1 ? 
ATOM   144  O  O   . SER A 1 51  ? 8.946   -8.095  -10.557 1.000 59.870  0 942  SER A O   1 ? 
ATOM   145  C  CB  . SER A 1 51  ? 8.077   -5.705  -8.501  1.000 59.202  0 942  SER A CB  1 ? 
ATOM   146  O  OG  . SER A 1 51  ? 6.861   -5.031  -8.174  1.000 63.270  0 942  SER A OG  1 ? 
ATOM   147  N  N   . SER A 1 52  ? 9.803   -8.382  -8.487  1.000 61.359  0 943  SER A N   1 ? 
ATOM   148  C  CA  . SER A 1 52  ? 11.023  -9.048  -8.906  1.000 59.387  0 943  SER A CA  1 ? 
ATOM   149  C  C   . SER A 1 52  ? 10.776  -10.524 -9.231  1.000 60.777  0 943  SER A C   1 ? 
ATOM   150  O  O   . SER A 1 52  ? 11.710  -11.218 -9.615  1.000 63.957  0 943  SER A O   1 ? 
ATOM   151  C  CB  . SER A 1 52  ? 12.070  -8.899  -7.842  1.000 55.464  0 943  SER A CB  1 ? 
ATOM   152  O  OG  . SER A 1 52  ? 11.837  -9.831  -6.795  1.000 62.244  0 943  SER A OG  1 ? 
ATOM   153  N  N   . LYS A 1 53  ? 9.519   -10.980 -9.119  1.000 63.424  0 944  LYS A N   1 ? 
ATOM   154  C  CA  . LYS A 1 53  ? 9.164   -12.394 -9.126  1.000 63.794  0 944  LYS A CA  1 ? 
ATOM   155  C  C   . LYS A 1 53  ? 8.035   -12.730 -10.113 1.000 65.353  0 944  LYS A C   1 ? 
ATOM   156  O  O   . LYS A 1 53  ? 7.853   -13.896 -10.479 1.000 57.010  0 944  LYS A O   1 ? 
ATOM   157  C  CB  . LYS A 1 53  ? 8.712   -12.785 -7.716  1.000 68.066  0 944  LYS A CB  1 ? 
ATOM   158  C  CG  . LYS A 1 53  ? 9.586   -13.785 -6.969  1.000 76.037  0 944  LYS A CG  1 ? 
ATOM   159  C  CD  . LYS A 1 53  ? 10.983  -13.320 -6.623  1.000 74.071  0 944  LYS A CD  1 ? 
ATOM   160  C  CE  . LYS A 1 53  ? 11.757  -14.483 -6.037  1.000 77.272  0 944  LYS A CE  1 ? 
ATOM   161  N  NZ  . LYS A 1 53  ? 13.129  -14.105 -5.627  1.000 76.552  0 944  LYS A NZ  1 ? 
ATOM   162  N  N   . ILE A 1 54  ? 7.256   -11.717 -10.519 1.000 68.740  0 945  ILE A N   1 ? 
ATOM   163  C  CA  . ILE A 1 54  ? 5.952   -11.932 -11.133 1.000 67.675  0 945  ILE A CA  1 ? 
ATOM   164  C  C   . ILE A 1 54  ? 6.088   -12.395 -12.583 1.000 70.348  0 945  ILE A C   1 ? 
ATOM   165  O  O   . ILE A 1 54  ? 5.236   -13.142 -13.067 1.000 64.037  0 945  ILE A O   1 ? 
ATOM   166  C  CB  . ILE A 1 54  ? 5.047   -10.690 -11.016 1.000 62.890  0 945  ILE A CB  1 ? 
ATOM   167  C  CG1 . ILE A 1 54  ? 3.567   -11.075 -10.993 1.000 66.472  0 945  ILE A CG1 1 ? 
ATOM   168  C  CG2 . ILE A 1 54  ? 5.349   -9.680  -12.113 1.000 63.206  0 945  ILE A CG2 1 ? 
ATOM   169  C  CD1 . ILE A 1 54  ? 2.660   -10.010 -11.551 1.000 67.582  0 945  ILE A CD1 1 ? 
ATOM   170  N  N   . GLN A 1 55  ? 7.146   -11.940 -13.268 1.000 78.605  0 946  GLN A N   1 ? 
ATOM   171  C  CA  . GLN A 1 55  ? 7.334   -12.246 -14.681 1.000 92.153  0 946  GLN A CA  1 ? 
ATOM   172  C  C   . GLN A 1 55  ? 7.348   -13.762 -14.894 1.000 92.451  0 946  GLN A C   1 ? 
ATOM   173  O  O   . GLN A 1 55  ? 6.478   -14.288 -15.591 1.000 78.956  0 946  GLN A O   1 ? 
ATOM   174  C  CB  . GLN A 1 55  ? 8.589   -11.556 -15.221 1.000 99.924  0 946  GLN A CB  1 ? 
ATOM   175  C  CG  . GLN A 1 55  ? 8.693   -11.569 -16.741 1.000 111.975 0 946  GLN A CG  1 ? 
ATOM   176  C  CD  . GLN A 1 55  ? 10.036  -11.055 -17.204 1.000 122.911 0 946  GLN A CD  1 ? 
ATOM   177  O  OE1 . GLN A 1 55  ? 10.945  -10.838 -16.406 1.000 122.454 0 946  GLN A OE1 1 ? 
ATOM   178  N  NE2 . GLN A 1 55  ? 10.174  -10.862 -18.508 1.000 132.032 0 946  GLN A NE2 1 ? 
ATOM   179  N  N   . PRO A 1 56  ? 8.297   -14.519 -14.286 1.000 88.087  0 947  PRO A N   1 ? 
ATOM   180  C  CA  . PRO A 1 56  ? 8.415   -15.951 -14.551 1.000 83.359  0 947  PRO A CA  1 ? 
ATOM   181  C  C   . PRO A 1 56  ? 7.582   -16.779 -13.576 1.000 85.521  0 947  PRO A C   1 ? 
ATOM   182  O  O   . PRO A 1 56  ? 8.106   -17.730 -13.009 1.000 86.207  0 947  PRO A O   1 ? 
ATOM   183  C  CB  . PRO A 1 56  ? 9.905   -16.160 -14.232 1.000 82.771  0 947  PRO A CB  1 ? 
ATOM   184  C  CG  . PRO A 1 56  ? 10.129  -15.284 -13.014 1.000 79.841  0 947  PRO A CG  1 ? 
ATOM   185  C  CD  . PRO A 1 56  ? 9.292   -14.055 -13.298 1.000 87.663  0 947  PRO A CD  1 ? 
ATOM   186  N  N   . ALA A 1 57  ? 6.305   -16.415 -13.359 1.000 74.350  0 948  ALA A N   1 ? 
ATOM   187  C  CA  . ALA A 1 57  ? 5.546   -17.063 -12.295 1.000 68.069  0 948  ALA A CA  1 ? 
ATOM   188  C  C   . ALA A 1 57  ? 4.131   -17.427 -12.733 1.000 70.029  0 948  ALA A C   1 ? 
ATOM   189  O  O   . ALA A 1 57  ? 3.454   -16.640 -13.400 1.000 65.224  0 948  ALA A O   1 ? 
ATOM   190  C  CB  . ALA A 1 57  ? 5.546   -16.241 -11.026 1.000 64.975  0 948  ALA A CB  1 ? 
ATOM   191  N  N   . PRO A 1 58  ? 3.668   -18.648 -12.371 1.000 68.567  0 949  PRO A N   1 ? 
ATOM   192  C  CA  . PRO A 1 58  ? 2.266   -19.037 -12.540 1.000 69.824  0 949  PRO A CA  1 ? 
ATOM   193  C  C   . PRO A 1 58  ? 1.394   -18.563 -11.377 1.000 72.770  0 949  PRO A C   1 ? 
ATOM   194  O  O   . PRO A 1 58  ? 1.932   -18.230 -10.318 1.000 63.068  0 949  PRO A O   1 ? 
ATOM   195  C  CB  . PRO A 1 58  ? 2.342   -20.575 -12.540 1.000 74.903  0 949  PRO A CB  1 ? 
ATOM   196  C  CG  . PRO A 1 58  ? 3.542   -20.904 -11.676 1.000 70.652  0 949  PRO A CG  1 ? 
ATOM   197  C  CD  . PRO A 1 58  ? 4.499   -19.741 -11.836 1.000 62.448  0 949  PRO A CD  1 ? 
ATOM   198  N  N   . PRO A 1 59  ? 0.041   -18.535 -11.533 1.000 73.658  0 950  PRO A N   1 ? 
ATOM   199  C  CA  . PRO A 1 59  ? -0.865  -18.007 -10.506 1.000 73.921  0 950  PRO A CA  1 ? 
ATOM   200  C  C   . PRO A 1 59  ? -0.597  -18.537 -9.102  1.000 77.454  0 950  PRO A C   1 ? 
ATOM   201  O  O   . PRO A 1 59  ? -0.809  -17.829 -8.117  1.000 69.375  0 950  PRO A O   1 ? 
ATOM   202  C  CB  . PRO A 1 59  ? -2.249  -18.498 -10.958 1.000 68.089  0 950  PRO A CB  1 ? 
ATOM   203  C  CG  . PRO A 1 59  ? -2.128  -18.558 -12.464 1.000 69.791  0 950  PRO A CG  1 ? 
ATOM   204  C  CD  . PRO A 1 59  ? -0.697  -18.995 -12.722 1.000 71.146  0 950  PRO A CD  1 ? 
ATOM   205  N  N   . GLU A 1 60  ? -0.122  -19.788 -9.042  1.000 82.613  0 951  GLU A N   1 ? 
ATOM   206  C  CA  . GLU A 1 60  ? 0.076   -20.498 -7.789  1.000 88.530  0 951  GLU A CA  1 ? 
ATOM   207  C  C   . GLU A 1 60  ? 1.196   -19.825 -7.005  1.000 80.168  0 951  GLU A C   1 ? 
ATOM   208  O  O   . GLU A 1 60  ? 1.249   -19.952 -5.786  1.000 83.588  0 951  GLU A O   1 ? 
ATOM   209  C  CB  . GLU A 1 60  ? 0.366   -21.986 -8.019  1.000 102.398 0 951  GLU A CB  1 ? 
ATOM   210  C  CG  . GLU A 1 60  ? -0.749  -22.741 -8.730  1.000 114.660 0 951  GLU A CG  1 ? 
ATOM   211  C  CD  . GLU A 1 60  ? -0.679  -22.700 -10.251 1.000 124.686 0 951  GLU A CD  1 ? 
ATOM   212  O  OE1 . GLU A 1 60  ? 0.450   -22.705 -10.795 1.000 128.029 0 951  GLU A OE1 1 ? 
ATOM   213  O  OE2 . GLU A 1 60  ? -1.752  -22.652 -10.890 1.000 122.233 0 951  GLU A OE2 1 ? 
ATOM   214  N  N   . GLU A 1 61  ? 2.067   -19.093 -7.709  1.000 71.039  0 952  GLU A N   1 ? 
ATOM   215  C  CA  . GLU A 1 61  ? 3.102   -18.330 -7.032  1.000 70.787  0 952  GLU A CA  1 ? 
ATOM   216  C  C   . GLU A 1 61  ? 2.651   -16.900 -6.740  1.000 66.512  0 952  GLU A C   1 ? 
ATOM   217  O  O   . GLU A 1 61  ? 3.033   -16.376 -5.701  1.000 65.464  0 952  GLU A O   1 ? 
ATOM   218  C  CB  . GLU A 1 61  ? 4.442   -18.394 -7.766  1.000 76.081  0 952  GLU A CB  1 ? 
ATOM   219  C  CG  . GLU A 1 61  ? 5.209   -19.664 -7.453  1.000 84.521  0 952  GLU A CG  1 ? 
ATOM   220  C  CD  . GLU A 1 61  ? 6.389   -19.970 -8.361  1.000 89.274  0 952  GLU A CD  1 ? 
ATOM   221  O  OE1 . GLU A 1 61  ? 6.372   -19.567 -9.544  1.000 91.707  0 952  GLU A OE1 1 ? 
ATOM   222  O  OE2 . GLU A 1 61  ? 7.327   -20.618 -7.873  1.000 92.686  0 952  GLU A OE2 1 ? 
ATOM   223  N  N   . TYR A 1 62  ? 1.843   -16.280 -7.621  1.000 60.891  0 953  TYR A N   1 ? 
ATOM   224  C  CA  . TYR A 1 62  ? 1.626   -14.842 -7.503  1.000 65.704  0 953  TYR A CA  1 ? 
ATOM   225  C  C   . TYR A 1 62  ? 0.362   -14.479 -6.718  1.000 60.439  0 953  TYR A C   1 ? 
ATOM   226  O  O   . TYR A 1 62  ? 0.241   -13.352 -6.245  1.000 69.911  0 953  TYR A O   1 ? 
ATOM   227  C  CB  . TYR A 1 62  ? 1.889   -14.076 -8.809  1.000 65.898  0 953  TYR A CB  1 ? 
ATOM   228  C  CG  . TYR A 1 62  ? 0.986   -14.397 -9.966  1.000 67.556  0 953  TYR A CG  1 ? 
ATOM   229  C  CD1 . TYR A 1 62  ? -0.383  -14.198 -9.885  1.000 72.073  0 953  TYR A CD1 1 ? 
ATOM   230  C  CD2 . TYR A 1 62  ? 1.509   -14.886 -11.152 1.000 75.235  0 953  TYR A CD2 1 ? 
ATOM   231  C  CE1 . TYR A 1 62  ? -1.211  -14.493 -10.958 1.000 81.405  0 953  TYR A CE1 1 ? 
ATOM   232  C  CE2 . TYR A 1 62  ? 0.694   -15.190 -12.230 1.000 79.009  0 953  TYR A CE2 1 ? 
ATOM   233  C  CZ  . TYR A 1 62  ? -0.672  -14.990 -12.136 1.000 84.697  0 953  TYR A CZ  1 ? 
ATOM   234  O  OH  . TYR A 1 62  ? -1.473  -15.295 -13.202 1.000 89.867  0 953  TYR A OH  1 ? 
ATOM   235  N  N   . VAL A 1 63  ? -0.565  -15.419 -6.538  1.000 53.059  0 954  VAL A N   1 ? 
ATOM   236  C  CA  . VAL A 1 63  ? -1.696  -15.167 -5.650  1.000 48.143  0 954  VAL A CA  1 ? 
ATOM   237  C  C   . VAL A 1 63  ? -1.222  -14.946 -4.206  1.000 45.479  0 954  VAL A C   1 ? 
ATOM   238  O  O   . VAL A 1 63  ? -1.639  -13.986 -3.539  1.000 42.675  0 954  VAL A O   1 ? 
ATOM   239  C  CB  . VAL A 1 63  ? -2.778  -16.259 -5.790  1.000 49.982  0 954  VAL A CB  1 ? 
ATOM   240  C  CG1 . VAL A 1 63  ? -3.719  -16.349 -4.591  1.000 43.085  0 954  VAL A CG1 1 ? 
ATOM   241  C  CG2 . VAL A 1 63  ? -3.559  -16.043 -7.076  1.000 49.465  0 954  VAL A CG2 1 ? 
ATOM   242  N  N   . PRO A 1 64  ? -0.378  -15.849 -3.654  1.000 42.273  0 955  PRO A N   1 ? 
ATOM   243  C  CA  . PRO A 1 64  ? 0.185   -15.653 -2.318  1.000 40.567  0 955  PRO A CA  1 ? 
ATOM   244  C  C   . PRO A 1 64  ? 0.975   -14.347 -2.191  1.000 36.186  0 955  PRO A C   1 ? 
ATOM   245  O  O   . PRO A 1 64  ? 1.061   -13.807 -1.099  1.000 36.939  0 955  PRO A O   1 ? 
ATOM   246  C  CB  . PRO A 1 64  ? 1.048   -16.922 -2.092  1.000 44.193  0 955  PRO A CB  1 ? 
ATOM   247  C  CG  . PRO A 1 64  ? 0.410   -17.957 -3.013  1.000 44.182  0 955  PRO A CG  1 ? 
ATOM   248  C  CD  . PRO A 1 64  ? 0.018   -17.146 -4.239  1.000 41.237  0 955  PRO A CD  1 ? 
ATOM   249  N  N   . MET A 1 65  ? 1.533   -13.839 -3.292  1.000 40.242  0 956  MET A N   1 ? 
ATOM   250  C  CA  . MET A 1 65  ? 2.371   -12.643 -3.248  1.000 41.489  0 956  MET A CA  1 ? 
ATOM   251  C  C   . MET A 1 65  ? 1.470   -11.417 -3.100  1.000 45.859  0 956  MET A C   1 ? 
ATOM   252  O  O   . MET A 1 65  ? 1.740   -10.520 -2.293  1.000 41.517  0 956  MET A O   1 ? 
ATOM   253  C  CB  . MET A 1 65  ? 3.203   -12.495 -4.525  1.000 41.021  0 956  MET A CB  1 ? 
ATOM   254  C  CG  . MET A 1 65  ? 4.068   -13.682 -4.814  1.000 52.004  0 956  MET A CG  1 ? 
ATOM   255  S  SD  . MET A 1 65  ? 5.460   -13.328 -5.914  1.000 71.048  0 956  MET A SD  1 ? 
ATOM   256  C  CE  . MET A 1 65  ? 4.738   -13.512 -7.543  1.000 67.349  0 956  MET A CE  1 ? 
ATOM   257  N  N   . VAL A 1 66  ? 0.367   -11.419 -3.867  1.000 43.915  0 957  VAL A N   1 ? 
ATOM   258  C  CA  . VAL A 1 66  ? -0.654  -10.394 -3.760  1.000 37.426  0 957  VAL A CA  1 ? 
ATOM   259  C  C   . VAL A 1 66  ? -1.242  -10.422 -2.357  1.000 36.942  0 957  VAL A C   1 ? 
ATOM   260  O  O   . VAL A 1 66  ? -1.425  -9.369  -1.744  1.000 38.504  0 957  VAL A O   1 ? 
ATOM   261  C  CB  . VAL A 1 66  ? -1.737  -10.509 -4.854  1.000 38.689  0 957  VAL A CB  1 ? 
ATOM   262  C  CG1 . VAL A 1 66  ? -2.940  -9.628  -4.531  1.000 34.215  0 957  VAL A CG1 1 ? 
ATOM   263  C  CG2 . VAL A 1 66  ? -1.189  -10.208 -6.253  1.000 37.400  0 957  VAL A CG2 1 ? 
ATOM   264  N  N   . LYS A 1 67  ? -1.493  -11.625 -1.833  1.000 37.739  0 958  LYS A N   1 ? 
ATOM   265  C  CA  . LYS A 1 67  ? -2.055  -11.794 -0.498  1.000 35.179  0 958  LYS A CA  1 ? 
ATOM   266  C  C   . LYS A 1 67  ? -1.130  -11.230 0.605   1.000 39.638  0 958  LYS A C   1 ? 
ATOM   267  O  O   . LYS A 1 67  ? -1.620  -10.664 1.577   1.000 36.466  0 958  LYS A O   1 ? 
ATOM   268  C  CB  . LYS A 1 67  ? -2.322  -13.288 -0.314  1.000 43.874  0 958  LYS A CB  1 ? 
ATOM   269  C  CG  . LYS A 1 67  ? -3.042  -13.687 0.958   1.000 56.696  0 958  LYS A CG  1 ? 
ATOM   270  C  CD  . LYS A 1 67  ? -3.796  -15.003 0.784   1.000 63.833  0 958  LYS A CD  1 ? 
ATOM   271  C  CE  . LYS A 1 67  ? -4.682  -15.297 1.976   1.000 76.796  0 958  LYS A CE  1 ? 
ATOM   272  N  NZ  . LYS A 1 67  ? -5.140  -14.038 2.621   1.000 83.829  0 958  LYS A NZ  1 ? 
ATOM   273  N  N   . GLU A 1 68  ? 0.203   -11.378 0.477   1.000 35.211  0 959  GLU A N   1 ? 
ATOM   274  C  CA  . GLU A 1 68  ? 1.189   -10.797 1.408   1.000 37.562  0 959  GLU A CA  1 ? 
ATOM   275  C  C   . GLU A 1 68  ? 1.180   -9.251  1.349   1.000 36.280  0 959  GLU A C   1 ? 
ATOM   276  O  O   . GLU A 1 68  ? 1.264   -8.578  2.378   1.000 33.501  0 959  GLU A O   1 ? 
ATOM   277  C  CB  . GLU A 1 68  ? 2.573   -11.386 1.105   1.000 33.100  0 959  GLU A CB  1 ? 
ATOM   278  C  CG  . GLU A 1 68  ? 3.697   -10.817 1.973   1.000 35.060  0 959  GLU A CG  1 ? 
ATOM   279  C  CD  . GLU A 1 68  ? 5.099   -11.216 1.564   1.000 33.653  0 959  GLU A CD  1 ? 
ATOM   280  O  OE1 . GLU A 1 68  ? 5.239   -11.871 0.513   1.000 39.888  0 959  GLU A OE1 1 ? 
ATOM   281  O  OE2 . GLU A 1 68  ? 6.085   -10.915 2.323   1.000 34.084  0 959  GLU A OE2 1 ? 
ATOM   282  N  N   . VAL A 1 69  ? 1.017   -8.691  0.139   1.000 34.769  0 960  VAL A N   1 ? 
ATOM   283  C  CA  . VAL A 1 69  ? 0.926   -7.254  -0.057  1.000 32.272  0 960  VAL A CA  1 ? 
ATOM   284  C  C   . VAL A 1 69  ? -0.354  -6.743  0.595   1.000 34.811  0 960  VAL A C   1 ? 
ATOM   285  O  O   . VAL A 1 69  ? -0.314  -5.754  1.324   1.000 31.657  0 960  VAL A O   1 ? 
ATOM   286  C  CB  . VAL A 1 69  ? 0.964   -6.902  -1.550  1.000 29.821  0 960  VAL A CB  1 ? 
ATOM   287  C  CG1 . VAL A 1 69  ? 0.456   -5.500  -1.814  1.000 31.664  0 960  VAL A CG1 1 ? 
ATOM   288  C  CG2 . VAL A 1 69  ? 2.378   -7.072  -2.092  1.000 31.364  0 960  VAL A CG2 1 ? 
ATOM   289  N  N   . GLY A 1 70  ? -1.488  -7.411  0.309   1.000 36.978  0 961  GLY A N   1 ? 
ATOM   290  C  CA  . GLY A 1 70  ? -2.769  -7.132  0.950   1.000 34.451  0 961  GLY A CA  1 ? 
ATOM   291  C  C   . GLY A 1 70  ? -2.710  -7.047  2.473   1.000 35.467  0 961  GLY A C   1 ? 
ATOM   292  O  O   . GLY A 1 70  ? -3.189  -6.075  3.075   1.000 41.316  0 961  GLY A O   1 ? 
ATOM   293  N  N   . LEU A 1 71  ? -2.156  -8.081  3.113   1.000 36.666  0 962  LEU A N   1 ? 
ATOM   294  C  CA  . LEU A 1 71  ? -2.099  -8.107  4.565   1.000 37.390  0 962  LEU A CA  1 ? 
ATOM   295  C  C   . LEU A 1 71  ? -1.193  -6.997  5.112   1.000 35.465  0 962  LEU A C   1 ? 
ATOM   296  O  O   . LEU A 1 71  ? -1.480  -6.435  6.163   1.000 41.743  0 962  LEU A O   1 ? 
ATOM   297  C  CB  . LEU A 1 71  ? -1.694  -9.495  5.066   1.000 43.476  0 962  LEU A CB  1 ? 
ATOM   298  C  CG  . LEU A 1 71  ? -2.787  -10.570 4.952   1.000 50.380  0 962  LEU A CG  1 ? 
ATOM   299  C  CD1 . LEU A 1 71  ? -2.260  -11.947 5.355   1.000 47.302  0 962  LEU A CD1 1 ? 
ATOM   300  C  CD2 . LEU A 1 71  ? -4.009  -10.215 5.792   1.000 49.159  0 962  LEU A CD2 1 ? 
ATOM   301  N  N   . ALA A 1 72  ? -0.131  -6.650  4.384   1.000 33.286  0 963  ALA A N   1 ? 
ATOM   302  C  CA  . ALA A 1 72  ? 0.752   -5.580  4.838   1.000 34.438  0 963  ALA A CA  1 ? 
ATOM   303  C  C   . ALA A 1 72  ? 0.016   -4.250  4.708   1.000 32.223  0 963  ALA A C   1 ? 
ATOM   304  O  O   . ALA A 1 72  ? 0.184   -3.394  5.573   1.000 32.339  0 963  ALA A O   1 ? 
ATOM   305  C  CB  . ALA A 1 72  ? 2.068   -5.600  4.082   1.000 28.602  0 963  ALA A CB  1 ? 
ATOM   306  N  N   . LEU A 1 73  ? -0.828  -4.115  3.658   1.000 34.362  0 964  LEU A N   1 ? 
ATOM   307  C  CA  . LEU A 1 73  ? -1.696  -2.948  3.570   1.000 34.715  0 964  LEU A CA  1 ? 
ATOM   308  C  C   . LEU A 1 73  ? -2.656  -2.902  4.756   1.000 33.933  0 964  LEU A C   1 ? 
ATOM   309  O  O   . LEU A 1 73  ? -2.744  -1.878  5.452   1.000 39.132  0 964  LEU A O   1 ? 
ATOM   310  C  CB  . LEU A 1 73  ? -2.468  -2.848  2.241   1.000 31.970  0 964  LEU A CB  1 ? 
ATOM   311  C  CG  . LEU A 1 73  ? -3.357  -1.593  2.168   1.000 33.982  0 964  LEU A CG  1 ? 
ATOM   312  C  CD1 . LEU A 1 73  ? -2.522  -0.334  2.419   1.000 30.578  0 964  LEU A CD1 1 ? 
ATOM   313  C  CD2 . LEU A 1 73  ? -4.049  -1.462  0.824   1.000 29.053  0 964  LEU A CD2 1 ? 
ATOM   314  N  N   . ARG A 1 74  ? -3.366  -4.006  4.991   1.000 34.759  0 965  ARG A N   1 ? 
ATOM   315  C  CA  . ARG A 1 74  ? -4.350  -4.008  6.071   1.000 39.813  0 965  ARG A CA  1 ? 
ATOM   316  C  C   . ARG A 1 74  ? -3.693  -3.599  7.394   1.000 37.408  0 965  ARG A C   1 ? 
ATOM   317  O  O   . ARG A 1 74  ? -4.273  -2.842  8.177   1.000 39.974  0 965  ARG A O   1 ? 
ATOM   318  C  CB  . ARG A 1 74  ? -5.074  -5.360  6.122   1.000 43.161  0 965  ARG A CB  1 ? 
ATOM   319  C  CG  . ARG A 1 74  ? -5.778  -5.666  7.443   1.000 65.063  0 965  ARG A CG  1 ? 
ATOM   320  C  CD  . ARG A 1 74  ? -6.366  -7.069  7.587   1.000 72.783  0 965  ARG A CD  1 ? 
ATOM   321  N  NE  . ARG A 1 74  ? -6.394  -7.824  6.331   1.000 89.830  0 965  ARG A NE  1 ? 
ATOM   322  C  CZ  . ARG A 1 74  ? -7.475  -8.276  5.678   1.000 97.280  0 965  ARG A CZ  1 ? 
ATOM   323  N  NH1 . ARG A 1 74  ? -8.695  -8.059  6.146   1.000 95.847  0 965  ARG A NH1 1 ? 
ATOM   324  N  NH2 . ARG A 1 74  ? -7.325  -8.949  4.549   1.000 96.898  0 965  ARG A NH2 1 ? 
ATOM   325  N  N   . THR A 1 75  ? -2.483  -4.111  7.650   1.000 33.126  0 966  THR A N   1 ? 
ATOM   326  C  CA  . THR A 1 75  ? -1.723  -3.769  8.842   1.000 31.958  0 966  THR A CA  1 ? 
ATOM   327  C  C   . THR A 1 75  ? -1.450  -2.265  8.902   1.000 32.705  0 966  THR A C   1 ? 
ATOM   328  O  O   . THR A 1 75  ? -1.668  -1.628  9.935   1.000 32.651  0 966  THR A O   1 ? 
ATOM   329  C  CB  . THR A 1 75  ? -0.420  -4.576  8.876   1.000 38.611  0 966  THR A CB  1 ? 
ATOM   330  O  OG1 . THR A 1 75  ? -0.872  -5.922  8.887   1.000 41.237  0 966  THR A OG1 1 ? 
ATOM   331  C  CG2 . THR A 1 75  ? 0.422   -4.371  10.115  1.000 36.883  0 966  THR A CG2 1 ? 
ATOM   332  N  N   . LEU A 1 76  ? -0.966  -1.683  7.797   1.000 32.223  0 967  LEU A N   1 ? 
ATOM   333  C  CA  . LEU A 1 76  ? -0.614  -0.260  7.790   1.000 30.321  0 967  LEU A CA  1 ? 
ATOM   334  C  C   . LEU A 1 76  ? -1.864  0.580   8.082   1.000 33.040  0 967  LEU A C   1 ? 
ATOM   335  O  O   . LEU A 1 76  ? -1.831  1.490   8.911   1.000 35.333  0 967  LEU A O   1 ? 
ATOM   336  C  CB  . LEU A 1 76  ? 0.001   0.058   6.416   1.000 29.710  0 967  LEU A CB  1 ? 
ATOM   337  C  CG  . LEU A 1 76  ? 0.164   1.543   6.081   1.000 32.192  0 967  LEU A CG  1 ? 
ATOM   338  C  CD1 . LEU A 1 76  ? 1.011   2.247   7.131   1.000 29.676  0 967  LEU A CD1 1 ? 
ATOM   339  C  CD2 . LEU A 1 76  ? 0.757   1.748   4.685   1.000 29.324  0 967  LEU A CD2 1 ? 
ATOM   340  N  N   . LEU A 1 77  ? -2.995  0.228   7.443   1.000 32.875  0 968  LEU A N   1 ? 
ATOM   341  C  CA  . LEU A 1 77  ? -4.243  0.961   7.583   1.000 32.063  0 968  LEU A CA  1 ? 
ATOM   342  C  C   . LEU A 1 77  ? -4.760  0.952   9.025   1.000 35.373  0 968  LEU A C   1 ? 
ATOM   343  O  O   . LEU A 1 77  ? -5.174  2.002   9.515   1.000 35.936  0 968  LEU A O   1 ? 
ATOM   344  C  CB  . LEU A 1 77  ? -5.274  0.488   6.546   1.000 34.051  0 968  LEU A CB  1 ? 
ATOM   345  C  CG  . LEU A 1 77  ? -4.901  0.798   5.097   1.000 34.111  0 968  LEU A CG  1 ? 
ATOM   346  C  CD1 . LEU A 1 77  ? -6.013  0.415   4.147   1.000 36.222  0 968  LEU A CD1 1 ? 
ATOM   347  C  CD2 . LEU A 1 77  ? -4.494  2.258   4.914   1.000 33.888  0 968  LEU A CD2 1 ? 
ATOM   348  N  N   . ALA A 1 78  ? -4.657  -0.195  9.720   1.000 35.609  0 969  ALA A N   1 ? 
ATOM   349  C  CA  . ALA A 1 78  ? -5.002  -0.284  11.139  1.000 39.335  0 969  ALA A CA  1 ? 
ATOM   350  C  C   . ALA A 1 78  ? -4.062  0.569   11.988  1.000 42.663  0 969  ALA A C   1 ? 
ATOM   351  O  O   . ALA A 1 78  ? -4.517  1.229   12.927  1.000 43.970  0 969  ALA A O   1 ? 
ATOM   352  C  CB  . ALA A 1 78  ? -5.033  -1.727  11.632  1.000 34.812  0 969  ALA A CB  1 ? 
ATOM   353  N  N   . THR A 1 79  ? -2.756  0.567   11.662  1.000 37.828  0 970  THR A N   1 ? 
ATOM   354  C  CA  . THR A 1 79  ? -1.804  1.379   12.414  1.000 40.311  0 970  THR A CA  1 ? 
ATOM   355  C  C   . THR A 1 79  ? -2.144  2.859   12.262  1.000 37.543  0 970  THR A C   1 ? 
ATOM   356  O  O   . THR A 1 79  ? -2.099  3.597   13.248  1.000 35.037  0 970  THR A O   1 ? 
ATOM   357  C  CB  . THR A 1 79  ? -0.338  1.040   12.093  1.000 38.563  0 970  THR A CB  1 ? 
ATOM   358  O  OG1 . THR A 1 79  ? -0.088  -0.326  12.408  1.000 43.333  0 970  THR A OG1 1 ? 
ATOM   359  C  CG2 . THR A 1 79  ? 0.653   1.880   12.862  1.000 37.726  0 970  THR A CG2 1 ? 
ATOM   360  N  N   . VAL A 1 80  ? -2.463  3.283   11.027  1.000 33.189  0 971  VAL A N   1 ? 
ATOM   361  C  CA  . VAL A 1 80  ? -2.785  4.677   10.760  1.000 35.595  0 971  VAL A CA  1 ? 
ATOM   362  C  C   . VAL A 1 80  ? -4.072  5.094   11.475  1.000 36.502  0 971  VAL A C   1 ? 
ATOM   363  O  O   . VAL A 1 80  ? -4.141  6.169   12.071  1.000 36.428  0 971  VAL A O   1 ? 
ATOM   364  C  CB  . VAL A 1 80  ? -2.811  4.989   9.253   1.000 34.276  0 971  VAL A CB  1 ? 
ATOM   365  C  CG1 . VAL A 1 80  ? -3.546  6.290   8.964   1.000 35.254  0 971  VAL A CG1 1 ? 
ATOM   366  C  CG2 . VAL A 1 80  ? -1.386  5.043   8.721   1.000 32.715  0 971  VAL A CG2 1 ? 
ATOM   367  N  N   . ASP A 1 81  ? -5.093  4.245   11.426  1.000 37.683  0 972  ASP A N   1 ? 
ATOM   368  C  CA  . ASP A 1 81  ? -6.325  4.497   12.164  1.000 36.923  0 972  ASP A CA  1 ? 
ATOM   369  C  C   . ASP A 1 81  ? -6.057  4.774   13.638  1.000 38.274  0 972  ASP A C   1 ? 
ATOM   370  O  O   . ASP A 1 81  ? -6.694  5.650   14.229  1.000 39.489  0 972  ASP A O   1 ? 
ATOM   371  C  CB  . ASP A 1 81  ? -7.240  3.280   12.129  1.000 35.971  0 972  ASP A CB  1 ? 
ATOM   372  C  CG  . ASP A 1 81  ? -7.904  3.093   10.786  1.000 44.414  0 972  ASP A CG  1 ? 
ATOM   373  O  OD1 . ASP A 1 81  ? -7.826  4.033   9.951   1.000 47.617  0 972  ASP A OD1 1 ? 
ATOM   374  O  OD2 . ASP A 1 81  ? -8.466  2.004   10.578  1.000 48.428  0 972  ASP A OD2 1 ? 
ATOM   375  N  N   . GLU A 1 82  ? -5.155  3.987   14.237  1.000 37.214  0 973  GLU A N   1 ? 
ATOM   376  C  CA  . GLU A 1 82  ? -4.827  4.086   15.650  1.000 45.641  0 973  GLU A CA  1 ? 
ATOM   377  C  C   . GLU A 1 82  ? -3.966  5.310   15.927  1.000 40.357  0 973  GLU A C   1 ? 
ATOM   378  O  O   . GLU A 1 82  ? -3.841  5.707   17.077  1.000 45.593  0 973  GLU A O   1 ? 
ATOM   379  C  CB  . GLU A 1 82  ? -3.919  2.926   16.045  1.000 50.510  0 973  GLU A CB  1 ? 
ATOM   380  C  CG  . GLU A 1 82  ? -4.597  1.771   16.744  1.000 65.476  0 973  GLU A CG  1 ? 
ATOM   381  C  CD  . GLU A 1 82  ? -3.630  0.604   16.890  1.000 73.292  0 973  GLU A CD  1 ? 
ATOM   382  O  OE1 . GLU A 1 82  ? -2.488  0.819   17.388  1.000 71.422  0 973  GLU A OE1 1 ? 
ATOM   383  O  OE2 . GLU A 1 82  ? -4.001  -0.503  16.458  1.000 84.552  0 973  GLU A OE2 1 ? 
ATOM   384  N  N   . THR A 1 83  ? -3.375  5.899   14.880  1.000 41.801  0 974  THR A N   1 ? 
ATOM   385  C  CA  . THR A 1 83  ? -2.485  7.044   15.033  1.000 38.513  0 974  THR A CA  1 ? 
ATOM   386  C  C   . THR A 1 83  ? -3.248  8.360   14.927  1.000 38.587  0 974  THR A C   1 ? 
ATOM   387  O  O   . THR A 1 83  ? -2.854  9.340   15.544  1.000 38.197  0 974  THR A O   1 ? 
ATOM   388  C  CB  . THR A 1 83  ? -1.358  7.025   13.997  1.000 40.152  0 974  THR A CB  1 ? 
ATOM   389  O  OG1 . THR A 1 83  ? -0.737  5.734   14.036  1.000 46.043  0 974  THR A OG1 1 ? 
ATOM   390  C  CG2 . THR A 1 83  ? -0.332  8.107   14.250  1.000 39.029  0 974  THR A CG2 1 ? 
ATOM   391  N  N   . ILE A 1 84  ? -4.338  8.373   14.150  1.000 37.337  0 975  ILE A N   1 ? 
ATOM   392  C  CA  . ILE A 1 84  ? -5.058  9.587   13.802  1.000 38.583  0 975  ILE A CA  1 ? 
ATOM   393  C  C   . ILE A 1 84  ? -5.506  10.329  15.066  1.000 41.527  0 975  ILE A C   1 ? 
ATOM   394  O  O   . ILE A 1 84  ? -5.463  11.557  15.077  1.000 37.756  0 975  ILE A O   1 ? 
ATOM   395  C  CB  . ILE A 1 84  ? -6.243  9.264   12.858  1.000 39.257  0 975  ILE A CB  1 ? 
ATOM   396  C  CG1 . ILE A 1 84  ? -5.775  9.171   11.406  1.000 35.575  0 975  ILE A CG1 1 ? 
ATOM   397  C  CG2 . ILE A 1 84  ? -7.381  10.269  13.013  1.000 34.373  0 975  ILE A CG2 1 ? 
ATOM   398  C  CD1 . ILE A 1 84  ? -6.771  8.462   10.522  1.000 36.471  0 975  ILE A CD1 1 ? 
ATOM   399  N  N   . PRO A 1 85  ? -5.969  9.647   16.150  1.000 43.504  0 976  PRO A N   1 ? 
ATOM   400  C  CA  . PRO A 1 85  ? -6.387  10.339  17.373  1.000 46.779  0 976  PRO A CA  1 ? 
ATOM   401  C  C   . PRO A 1 85  ? -5.271  11.131  18.038  1.000 51.368  0 976  PRO A C   1 ? 
ATOM   402  O  O   . PRO A 1 85  ? -5.543  12.007  18.847  1.000 54.823  0 976  PRO A O   1 ? 
ATOM   403  C  CB  . PRO A 1 85  ? -6.813  9.205   18.321  1.000 47.149  0 976  PRO A CB  1 ? 
ATOM   404  C  CG  . PRO A 1 85  ? -7.179  8.074   17.386  1.000 44.683  0 976  PRO A CG  1 ? 
ATOM   405  C  CD  . PRO A 1 85  ? -6.188  8.195   16.247  1.000 42.313  0 976  PRO A CD  1 ? 
ATOM   406  N  N   . LEU A 1 86  ? -4.022  10.839  17.677  1.000 54.791  0 977  LEU A N   1 ? 
ATOM   407  C  CA  . LEU A 1 86  ? -2.896  11.596  18.196  1.000 55.718  0 977  LEU A CA  1 ? 
ATOM   408  C  C   . LEU A 1 86  ? -2.674  12.876  17.393  1.000 54.203  0 977  LEU A C   1 ? 
ATOM   409  O  O   . LEU A 1 86  ? -2.164  13.835  17.953  1.000 68.101  0 977  LEU A O   1 ? 
ATOM   410  C  CB  . LEU A 1 86  ? -1.634  10.725  18.221  1.000 57.422  0 977  LEU A CB  1 ? 
ATOM   411  C  CG  . LEU A 1 86  ? -1.709  9.492   19.119  1.000 59.964  0 977  LEU A CG  1 ? 
ATOM   412  C  CD1 . LEU A 1 86  ? -0.569  8.526   18.824  1.000 57.290  0 977  LEU A CD1 1 ? 
ATOM   413  C  CD2 . LEU A 1 86  ? -1.703  9.900   20.586  1.000 64.141  0 977  LEU A CD2 1 ? 
ATOM   414  N  N   . LEU A 1 87  ? -3.050  12.905  16.102  1.000 48.376  0 978  LEU A N   1 ? 
ATOM   415  C  CA  . LEU A 1 87  ? -2.629  13.983  15.210  1.000 43.825  0 978  LEU A CA  1 ? 
ATOM   416  C  C   . LEU A 1 87  ? -3.657  15.118  15.191  1.000 45.652  0 978  LEU A C   1 ? 
ATOM   417  O  O   . LEU A 1 87  ? -4.820  14.911  15.531  1.000 41.583  0 978  LEU A O   1 ? 
ATOM   418  C  CB  . LEU A 1 87  ? -2.399  13.433  13.800  1.000 42.687  0 978  LEU A CB  1 ? 
ATOM   419  C  CG  . LEU A 1 87  ? -1.426  12.257  13.701  1.000 42.718  0 978  LEU A CG  1 ? 
ATOM   420  C  CD1 . LEU A 1 87  ? -1.515  11.608  12.322  1.000 41.782  0 978  LEU A CD1 1 ? 
ATOM   421  C  CD2 . LEU A 1 87  ? -0.001  12.714  14.002  1.000 42.297  0 978  LEU A CD2 1 ? 
ATOM   422  N  N   . PRO A 1 88  ? -3.273  16.347  14.773  1.000 46.228  0 979  PRO A N   1 ? 
ATOM   423  C  CA  . PRO A 1 88  ? -4.206  17.478  14.731  1.000 48.335  0 979  PRO A CA  1 ? 
ATOM   424  C  C   . PRO A 1 88  ? -5.422  17.218  13.834  1.000 41.065  0 979  PRO A C   1 ? 
ATOM   425  O  O   . PRO A 1 88  ? -5.284  16.633  12.747  1.000 40.433  0 979  PRO A O   1 ? 
ATOM   426  C  CB  . PRO A 1 88  ? -3.364  18.661  14.195  1.000 46.735  0 979  PRO A CB  1 ? 
ATOM   427  C  CG  . PRO A 1 88  ? -1.914  18.241  14.355  1.000 47.670  0 979  PRO A CG  1 ? 
ATOM   428  C  CD  . PRO A 1 88  ? -1.923  16.724  14.325  1.000 48.595  0 979  PRO A CD  1 ? 
ATOM   429  N  N   . ALA A 1 89  ? -6.599  17.671  14.308  1.000 39.362  0 980  ALA A N   1 ? 
ATOM   430  C  CA  . ALA A 1 89  ? -7.889  17.567  13.628  1.000 38.151  0 980  ALA A CA  1 ? 
ATOM   431  C  C   . ALA A 1 89  ? -7.817  18.014  12.167  1.000 39.579  0 980  ALA A C   1 ? 
ATOM   432  O  O   . ALA A 1 89  ? -8.432  17.395  11.306  1.000 44.889  0 980  ALA A O   1 ? 
ATOM   433  C  CB  . ALA A 1 89  ? -8.996  18.250  14.404  1.000 35.330  0 980  ALA A CB  1 ? 
ATOM   434  N  N   . SER A 1 90  ? -7.047  19.061  11.875  1.000 36.967  0 981  SER A N   1 ? 
ATOM   435  C  CA  . SER A 1 90  ? -6.929  19.608  10.532  1.000 40.954  0 981  SER A CA  1 ? 
ATOM   436  C  C   . SER A 1 90  ? -6.159  18.684  9.579   1.000 40.415  0 981  SER A C   1 ? 
ATOM   437  O  O   . SER A 1 90  ? -6.120  18.913  8.372   1.000 40.135  0 981  SER A O   1 ? 
ATOM   438  C  CB  . SER A 1 90  ? -6.304  20.987  10.594  1.000 48.151  0 981  SER A CB  1 ? 
ATOM   439  O  OG  . SER A 1 90  ? -4.981  20.934  11.101  1.000 47.133  0 981  SER A OG  1 ? 
ATOM   440  N  N   . THR A 1 91  ? -5.543  17.621  10.100  1.000 41.139  0 982  THR A N   1 ? 
ATOM   441  C  CA  . THR A 1 91  ? -4.779  16.749  9.220   1.000 38.866  0 982  THR A CA  1 ? 
ATOM   442  C  C   . THR A 1 91  ? -5.552  15.479  8.896   1.000 37.214  0 982  THR A C   1 ? 
ATOM   443  O  O   . THR A 1 91  ? -5.121  14.734  8.016   1.000 34.799  0 982  THR A O   1 ? 
ATOM   444  C  CB  . THR A 1 91  ? -3.415  16.413  9.833   1.000 40.329  0 982  THR A CB  1 ? 
ATOM   445  O  OG1 . THR A 1 91  ? -3.627  15.629  11.006  1.000 38.781  0 982  THR A OG1 1 ? 
ATOM   446  C  CG2 . THR A 1 91  ? -2.636  17.651  10.234  1.000 39.748  0 982  THR A CG2 1 ? 
ATOM   447  N  N   . HIS A 1 92  ? -6.680  15.270  9.599   1.000 35.073  0 983  HIS A N   1 ? 
ATOM   448  C  CA  . HIS A 1 92  ? -7.394  14.000  9.605   1.000 37.337  0 983  HIS A CA  1 ? 
ATOM   449  C  C   . HIS A 1 92  ? -7.900  13.673  8.205   1.000 36.488  0 983  HIS A C   1 ? 
ATOM   450  O  O   . HIS A 1 92  ? -7.706  12.562  7.718   1.000 41.303  0 983  HIS A O   1 ? 
ATOM   451  C  CB  . HIS A 1 92  ? -8.517  13.989  10.658  1.000 30.959  0 983  HIS A CB  1 ? 
ATOM   452  C  CG  . HIS A 1 92  ? -8.050  13.879  12.081  1.000 32.357  0 983  HIS A CG  1 ? 
ATOM   453  N  ND1 . HIS A 1 92  ? -8.920  13.611  13.135  1.000 32.127  0 983  HIS A ND1 1 ? 
ATOM   454  C  CD2 . HIS A 1 92  ? -6.819  13.980  12.629  1.000 34.030  0 983  HIS A CD2 1 ? 
ATOM   455  C  CE1 . HIS A 1 92  ? -8.240  13.558  14.264  1.000 35.571  0 983  HIS A CE1 1 ? 
ATOM   456  N  NE2 . HIS A 1 92  ? -6.941  13.773  13.968  1.000 34.018  0 983  HIS A NE2 1 ? 
ATOM   457  N  N   . ARG A 1 93  ? -8.501  14.665  7.542   1.000 38.966  0 984  ARG A N   1 ? 
ATOM   458  C  CA  . ARG A 1 93  ? -9.177  14.425  6.275   1.000 42.201  0 984  ARG A CA  1 ? 
ATOM   459  C  C   . ARG A 1 93  ? -8.187  13.965  5.203   1.000 41.928  0 984  ARG A C   1 ? 
ATOM   460  O  O   . ARG A 1 93  ? -8.450  13.002  4.470   1.000 36.844  0 984  ARG A O   1 ? 
ATOM   461  C  CB  . ARG A 1 93  ? -9.916  15.682  5.828   1.000 46.939  0 984  ARG A CB  1 ? 
ATOM   462  C  CG  . ARG A 1 93  ? -10.586 15.502  4.478   1.000 60.692  0 984  ARG A CG  1 ? 
ATOM   463  C  CD  . ARG A 1 93  ? -10.746 16.827  3.763   1.000 82.126  0 984  ARG A CD  1 ? 
ATOM   464  N  NE  . ARG A 1 93  ? -11.762 16.653  2.734   1.000 93.818  0 984  ARG A NE  1 ? 
ATOM   465  C  CZ  . ARG A 1 93  ? -13.073 16.563  2.953   1.000 92.724  0 984  ARG A CZ  1 ? 
ATOM   466  N  NH1 . ARG A 1 93  ? -13.581 16.642  4.176   1.000 76.887  0 984  ARG A NH1 1 ? 
ATOM   467  N  NH2 . ARG A 1 93  ? -13.872 16.384  1.921   1.000 107.889 0 984  ARG A NH2 1 ? 
ATOM   468  N  N   . GLU A 1 94  ? -7.027  14.632  5.137   1.000 38.581  0 985  GLU A N   1 ? 
ATOM   469  C  CA  . GLU A 1 94  ? -6.042  14.330  4.107   1.000 40.658  0 985  GLU A CA  1 ? 
ATOM   470  C  C   . GLU A 1 94  ? -5.386  12.970  4.359   1.000 37.757  0 985  GLU A C   1 ? 
ATOM   471  O  O   . GLU A 1 94  ? -5.050  12.270  3.405   1.000 36.151  0 985  GLU A O   1 ? 
ATOM   472  C  CB  . GLU A 1 94  ? -5.029  15.472  3.989   1.000 44.593  0 985  GLU A CB  1 ? 
ATOM   473  C  CG  . GLU A 1 94  ? -4.077  15.305  2.824   1.000 60.228  0 985  GLU A CG  1 ? 
ATOM   474  C  CD  . GLU A 1 94  ? -2.796  16.114  2.939   1.000 72.421  0 985  GLU A CD  1 ? 
ATOM   475  O  OE1 . GLU A 1 94  ? -2.660  16.862  3.935   1.000 80.427  0 985  GLU A OE1 1 ? 
ATOM   476  O  OE2 . GLU A 1 94  ? -1.937  15.998  2.032   1.000 77.354  0 985  GLU A OE2 1 ? 
ATOM   477  N  N   . ILE A 1 95  ? -5.209  12.593  5.635   1.000 35.951  0 986  ILE A N   1 ? 
ATOM   478  C  CA  . ILE A 1 95  ? -4.689  11.265  5.925   1.000 33.300  0 986  ILE A CA  1 ? 
ATOM   479  C  C   . ILE A 1 95  ? -5.710  10.218  5.467   1.000 33.075  0 986  ILE A C   1 ? 
ATOM   480  O  O   . ILE A 1 95  ? -5.353  9.216   4.823   1.000 33.867  0 986  ILE A O   1 ? 
ATOM   481  C  CB  . ILE A 1 95  ? -4.326  11.131  7.417   1.000 32.229  0 986  ILE A CB  1 ? 
ATOM   482  C  CG1 . ILE A 1 95  ? -3.147  12.018  7.784   1.000 31.380  0 986  ILE A CG1 1 ? 
ATOM   483  C  CG2 . ILE A 1 95  ? -4.095  9.675   7.822   1.000 28.641  0 986  ILE A CG2 1 ? 
ATOM   484  C  CD1 . ILE A 1 95  ? -3.027  12.220  9.276   1.000 29.371  0 986  ILE A CD1 1 ? 
ATOM   485  N  N   . GLU A 1 96  ? -6.984  10.478  5.772   1.000 32.147  0 987  GLU A N   1 ? 
ATOM   486  C  CA  . GLU A 1 96  ? -8.067  9.560   5.453   1.000 33.537  0 987  GLU A CA  1 ? 
ATOM   487  C  C   . GLU A 1 96  ? -8.247  9.398   3.931   1.000 32.574  0 987  GLU A C   1 ? 
ATOM   488  O  O   . GLU A 1 96  ? -8.612  8.327   3.445   1.000 30.517  0 987  GLU A O   1 ? 
ATOM   489  C  CB  . GLU A 1 96  ? -9.338  10.011  6.178   1.000 33.630  0 987  GLU A CB  1 ? 
ATOM   490  C  CG  . GLU A 1 96  ? -9.379  9.626   7.655   1.000 33.436  0 987  GLU A CG  1 ? 
ATOM   491  C  CD  . GLU A 1 96  ? -10.222 10.492  8.600   1.000 45.918  0 987  GLU A CD  1 ? 
ATOM   492  O  OE1 . GLU A 1 96  ? -10.894 11.443  8.107   1.000 44.950  0 987  GLU A OE1 1 ? 
ATOM   493  O  OE2 . GLU A 1 96  ? -10.192 10.226  9.848   1.000 42.478  0 987  GLU A OE2 1 ? 
ATOM   494  N  N   . MET A 1 97  ? -7.999  10.445  3.144   1.000 33.693  0 988  MET A N   1 ? 
ATOM   495  C  CA  . MET A 1 97  ? -8.093  10.293  1.696   1.000 41.299  0 988  MET A CA  1 ? 
ATOM   496  C  C   . MET A 1 97  ? -6.901  9.487   1.159   1.000 37.865  0 988  MET A C   1 ? 
ATOM   497  O  O   . MET A 1 97  ? -7.049  8.721   0.206   1.000 36.980  0 988  MET A O   1 ? 
ATOM   498  C  CB  . MET A 1 97  ? -8.138  11.651  0.994   1.000 43.467  0 988  MET A CB  1 ? 
ATOM   499  C  CG  . MET A 1 97  ? -9.396  12.445  1.273   1.000 65.401  0 988  MET A CG  1 ? 
ATOM   500  S  SD  . MET A 1 97  ? -9.344  14.022  0.360   1.000 81.846  0 988  MET A SD  1 ? 
ATOM   501  C  CE  . MET A 1 97  ? -7.917  14.835  1.081   1.000 78.591  0 988  MET A CE  1 ? 
ATOM   502  N  N   . ALA A 1 98  ? -5.726  9.648   1.781   1.000 33.964  0 989  ALA A N   1 ? 
ATOM   503  C  CA  . ALA A 1 98  ? -4.547  8.871   1.418   1.000 34.414  0 989  ALA A CA  1 ? 
ATOM   504  C  C   . ALA A 1 98  ? -4.803  7.390   1.743   1.000 34.671  0 989  ALA A C   1 ? 
ATOM   505  O  O   . ALA A 1 98  ? -4.325  6.513   1.031   1.000 31.147  0 989  ALA A O   1 ? 
ATOM   506  C  CB  . ALA A 1 98  ? -3.310  9.454   2.110   1.000 32.024  0 989  ALA A CB  1 ? 
ATOM   507  N  N   . GLN A 1 99  ? -5.559  7.100   2.822   1.000 33.034  0 990  GLN A N   1 ? 
ATOM   508  C  CA  . GLN A 1 99  ? -5.888  5.712   3.163   1.000 34.273  0 990  GLN A CA  1 ? 
ATOM   509  C  C   . GLN A 1 99  ? -6.809  5.076   2.121   1.000 34.808  0 990  GLN A C   1 ? 
ATOM   510  O  O   . GLN A 1 99  ? -6.575  3.942   1.688   1.000 34.110  0 990  GLN A O   1 ? 
ATOM   511  C  CB  . GLN A 1 99  ? -6.499  5.536   4.557   1.000 30.740  0 990  GLN A CB  1 ? 
ATOM   512  C  CG  . GLN A 1 99  ? -5.592  5.925   5.725   1.000 34.196  0 990  GLN A CG  1 ? 
ATOM   513  C  CD  . GLN A 1 99  ? -6.405  5.828   7.001   1.000 38.122  0 990  GLN A CD  1 ? 
ATOM   514  O  OE1 . GLN A 1 99  ? -7.089  6.776   7.389   1.000 41.230  0 990  GLN A OE1 1 ? 
ATOM   515  N  NE2 . GLN A 1 99  ? -6.314  4.701   7.695   1.000 34.939  0 990  GLN A NE2 1 ? 
ATOM   516  N  N   . LYS A 1 100 ? -7.872  5.796   1.733   1.000 36.550  0 991  LYS A N   1 ? 
ATOM   517  C  CA  . LYS A 1 100 ? -8.842  5.307   0.766   1.000 40.579  0 991  LYS A CA  1 ? 
ATOM   518  C  C   . LYS A 1 100 ? -8.171  5.039   -0.584  1.000 32.945  0 991  LYS A C   1 ? 
ATOM   519  O  O   . LYS A 1 100 ? -8.480  4.041   -1.238  1.000 33.564  0 991  LYS A O   1 ? 
ATOM   520  C  CB  . LYS A 1 100 ? -9.971  6.331   0.598   1.000 48.101  0 991  LYS A CB  1 ? 
ATOM   521  C  CG  . LYS A 1 100 ? -11.180 6.104   1.487   1.000 64.474  0 991  LYS A CG  1 ? 
ATOM   522  C  CD  . LYS A 1 100 ? -12.121 5.073   0.859   1.000 78.687  0 991  LYS A CD  1 ? 
ATOM   523  C  CE  . LYS A 1 100 ? -13.368 4.787   1.674   1.000 82.780  0 991  LYS A CE  1 ? 
ATOM   524  N  NZ  . LYS A 1 100 ? -14.027 6.041   2.116   1.000 83.585  0 991  LYS A NZ  1 ? 
ATOM   525  N  N   . LEU A 1 101 ? -7.270  5.930   -1.005  1.000 30.540  0 992  LEU A N   1 ? 
ATOM   526  C  CA  . LEU A 1 101 ? -6.488  5.711   -2.223  1.000 31.790  0 992  LEU A CA  1 ? 
ATOM   527  C  C   . LEU A 1 101 ? -5.683  4.399   -2.176  1.000 31.171  0 992  LEU A C   1 ? 
ATOM   528  O  O   . LEU A 1 101 ? -5.641  3.693   -3.184  1.000 32.609  0 992  LEU A O   1 ? 
ATOM   529  C  CB  . LEU A 1 101 ? -5.560  6.907   -2.452  1.000 31.608  0 992  LEU A CB  1 ? 
ATOM   530  C  CG  . LEU A 1 101 ? -4.648  6.748   -3.670  1.000 33.418  0 992  LEU A CG  1 ? 
ATOM   531  C  CD1 . LEU A 1 101 ? -5.475  6.692   -4.951  1.000 36.099  0 992  LEU A CD1 1 ? 
ATOM   532  C  CD2 . LEU A 1 101 ? -3.573  7.822   -3.725  1.000 34.063  0 992  LEU A CD2 1 ? 
ATOM   533  N  N   . LEU A 1 102 ? -5.026  4.057   -1.034  1.000 32.318  0 993  LEU A N   1 ? 
ATOM   534  C  CA  . LEU A 1 102 ? -4.300  2.785   -0.959  1.000 33.838  0 993  LEU A CA  1 ? 
ATOM   535  C  C   . LEU A 1 102 ? -5.287  1.625   -1.096  1.000 31.814  0 993  LEU A C   1 ? 
ATOM   536  O  O   . LEU A 1 102 ? -4.994  0.608   -1.721  1.000 33.441  0 993  LEU A O   1 ? 
ATOM   537  C  CB  . LEU A 1 102 ? -3.578  2.626   0.388   1.000 31.073  0 993  LEU A CB  1 ? 
ATOM   538  C  CG  . LEU A 1 102 ? -2.404  3.550   0.631   1.000 31.604  0 993  LEU A CG  1 ? 
ATOM   539  C  CD1 . LEU A 1 102 ? -1.944  3.394   2.077   1.000 32.602  0 993  LEU A CD1 1 ? 
ATOM   540  C  CD2 . LEU A 1 102 ? -1.272  3.178   -0.314  1.000 34.900  0 993  LEU A CD2 1 ? 
ATOM   541  N  N   . ASN A 1 103 ? -6.435  1.745   -0.430  1.000 38.326  0 994  ASN A N   1 ? 
ATOM   542  C  CA  . ASN A 1 103 ? -7.438  0.702   -0.526  1.000 37.812  0 994  ASN A CA  1 ? 
ATOM   543  C  C   . ASN A 1 103 ? -7.904  0.517   -1.962  1.000 39.542  0 994  ASN A C   1 ? 
ATOM   544  O  O   . ASN A 1 103 ? -8.027  -0.607  -2.421  1.000 48.411  0 994  ASN A O   1 ? 
ATOM   545  C  CB  . ASN A 1 103 ? -8.617  0.933   0.402   1.000 46.874  0 994  ASN A CB  1 ? 
ATOM   546  C  CG  . ASN A 1 103 ? -9.016  -0.406  0.967   1.000 59.601  0 994  ASN A CG  1 ? 
ATOM   547  O  OD1 . ASN A 1 103 ? -8.240  -1.011  1.704   1.000 65.493  0 994  ASN A OD1 1 ? 
ATOM   548  N  ND2 . ASN A 1 103 ? -10.171 -0.907  0.556   1.000 72.661  0 994  ASN A ND2 1 ? 
ATOM   549  N  N   . SER A 1 104 ? -8.088  1.613   -2.705  1.000 39.191  0 995  SER A N   1 ? 
ATOM   550  C  CA  . SER A 1 104 ? -8.503  1.428   -4.084  1.000 35.641  0 995  SER A CA  1 ? 
ATOM   551  C  C   . SER A 1 104 ? -7.350  0.941   -4.981  1.000 36.150  0 995  SER A C   1 ? 
ATOM   552  O  O   . SER A 1 104 ? -7.585  0.266   -5.972  1.000 29.195  0 995  SER A O   1 ? 
ATOM   553  C  CB  . SER A 1 104 ? -9.317  2.599   -4.612  1.000 41.163  0 995  SER A CB  1 ? 
ATOM   554  O  OG  . SER A 1 104 ? -8.536  3.770   -4.760  1.000 47.899  0 995  SER A OG  1 ? 
ATOM   555  N  N   . ASP A 1 105 ? -6.093  1.201   -4.596  1.000 33.429  0 996  ASP A N   1 ? 
ATOM   556  C  CA  . ASP A 1 105 ? -4.917  0.651   -5.267  1.000 32.885  0 996  ASP A CA  1 ? 
ATOM   557  C  C   . ASP A 1 105 ? -4.844  -0.871  -5.094  1.000 34.490  0 996  ASP A C   1 ? 
ATOM   558  O  O   . ASP A 1 105 ? -4.481  -1.593  -6.020  1.000 32.849  0 996  ASP A O   1 ? 
ATOM   559  C  CB  . ASP A 1 105 ? -3.609  1.221   -4.684  1.000 37.425  0 996  ASP A CB  1 ? 
ATOM   560  C  CG  . ASP A 1 105 ? -3.300  2.661   -5.062  1.000 38.912  0 996  ASP A CG  1 ? 
ATOM   561  O  OD1 . ASP A 1 105 ? -3.877  3.141   -6.050  1.000 39.549  0 996  ASP A OD1 1 ? 
ATOM   562  O  OD2 . ASP A 1 105 ? -2.470  3.303   -4.363  1.000 37.949  0 996  ASP A OD2 1 ? 
ATOM   563  N  N   . LEU A 1 106 ? -5.139  -1.360  -3.885  1.000 34.304  0 997  LEU A N   1 ? 
ATOM   564  C  CA  . LEU A 1 106 ? -5.194  -2.791  -3.645  1.000 36.028  0 997  LEU A CA  1 ? 
ATOM   565  C  C   . LEU A 1 106 ? -6.313  -3.456  -4.472  1.000 36.039  0 997  LEU A C   1 ? 
ATOM   566  O  O   . LEU A 1 106 ? -6.097  -4.511  -5.069  1.000 36.847  0 997  LEU A O   1 ? 
ATOM   567  C  CB  . LEU A 1 106 ? -5.303  -3.031  -2.139  1.000 30.510  0 997  LEU A CB  1 ? 
ATOM   568  C  CG  . LEU A 1 106 ? -5.437  -4.499  -1.716  1.000 33.378  0 997  LEU A CG  1 ? 
ATOM   569  C  CD1 . LEU A 1 106 ? -4.266  -5.345  -2.162  1.000 30.482  0 997  LEU A CD1 1 ? 
ATOM   570  C  CD2 . LEU A 1 106 ? -5.625  -4.614  -0.214  1.000 33.101  0 997  LEU A CD2 1 ? 
ATOM   571  N  N   . GLY A 1 107 ? -7.482  -2.827  -4.566  1.000 41.187  0 998  GLY A N   1 ? 
ATOM   572  C  CA  . GLY A 1 107 ? -8.563  -3.357  -5.392  1.000 39.816  0 998  GLY A CA  1 ? 
ATOM   573  C  C   . GLY A 1 107 ? -8.166  -3.508  -6.860  1.000 40.209  0 998  GLY A C   1 ? 
ATOM   574  O  O   . GLY A 1 107 ? -8.493  -4.509  -7.491  1.000 42.654  0 998  GLY A O   1 ? 
ATOM   575  N  N   . GLU A 1 108 ? -7.465  -2.504  -7.403  1.000 38.623  0 999  GLU A N   1 ? 
ATOM   576  C  CA  . GLU A 1 108 ? -6.943  -2.543  -8.763  1.000 37.075  0 999  GLU A CA  1 ? 
ATOM   577  C  C   . GLU A 1 108 ? -5.963  -3.708  -8.960  1.000 40.467  0 999  GLU A C   1 ? 
ATOM   578  O  O   . GLU A 1 108 ? -6.021  -4.403  -9.973  1.000 40.082  0 999  GLU A O   1 ? 
ATOM   579  C  CB  . GLU A 1 108 ? -6.383  -1.166  -9.131  1.000 41.796  0 999  GLU A CB  1 ? 
ATOM   580  C  CG  . GLU A 1 108 ? -5.640  -1.123  -10.450 1.000 60.334  0 999  GLU A CG  1 ? 
ATOM   581  C  CD  . GLU A 1 108 ? -6.499  -0.789  -11.657 1.000 73.521  0 999  GLU A CD  1 ? 
ATOM   582  O  OE1 . GLU A 1 108 ? -7.731  -0.622  -11.484 1.000 77.723  0 999  GLU A OE1 1 ? 
ATOM   583  O  OE2 . GLU A 1 108 ? -5.932  -0.684  -12.766 1.000 84.109  0 999  GLU A OE2 1 ? 
ATOM   584  N  N   . LEU A 1 109 ? -5.046  -3.908  -8.005  1.000 33.936  0 1000 LEU A N   1 ? 
ATOM   585  C  CA  . LEU A 1 109 ? -4.082  -4.989  -8.099  1.000 33.909  0 1000 LEU A CA  1 ? 
ATOM   586  C  C   . LEU A 1 109 ? -4.822  -6.325  -8.102  1.000 36.892  0 1000 LEU A C   1 ? 
ATOM   587  O  O   . LEU A 1 109 ? -4.460  -7.209  -8.872  1.000 38.826  0 1000 LEU A O   1 ? 
ATOM   588  C  CB  . LEU A 1 109 ? -3.147  -4.920  -6.888  1.000 32.462  0 1000 LEU A CB  1 ? 
ATOM   589  C  CG  . LEU A 1 109 ? -2.196  -6.106  -6.732  1.000 33.312  0 1000 LEU A CG  1 ? 
ATOM   590  C  CD1 . LEU A 1 109 ? -1.273  -6.172  -7.943  1.000 28.517  0 1000 LEU A CD1 1 ? 
ATOM   591  C  CD2 . LEU A 1 109 ? -1.384  -5.963  -5.435  1.000 30.414  0 1000 LEU A CD2 1 ? 
ATOM   592  N  N   . ILE A 1 110 ? -5.824  -6.469  -7.218  1.000 35.978  0 1001 ILE A N   1 ? 
ATOM   593  C  CA  . ILE A 1 110 ? -6.558  -7.722  -7.073  1.000 37.348  0 1001 ILE A CA  1 ? 
ATOM   594  C  C   . ILE A 1 110 ? -7.270  -7.997  -8.393  1.000 42.579  0 1001 ILE A C   1 ? 
ATOM   595  O  O   . ILE A 1 110 ? -7.130  -9.090  -8.929  1.000 46.628  0 1001 ILE A O   1 ? 
ATOM   596  C  CB  . ILE A 1 110 ? -7.517  -7.635  -5.872  1.000 42.608  0 1001 ILE A CB  1 ? 
ATOM   597  C  CG1 . ILE A 1 110 ? -6.734  -7.650  -4.559  1.000 42.094  0 1001 ILE A CG1 1 ? 
ATOM   598  C  CG2 . ILE A 1 110 ? -8.577  -8.727  -5.901  1.000 44.699  0 1001 ILE A CG2 1 ? 
ATOM   599  C  CD1 . ILE A 1 110 ? -7.424  -6.883  -3.462  1.000 51.735  0 1001 ILE A CD1 1 ? 
ATOM   600  N  N   . ASN A 1 111 ? -7.911  -6.958  -8.961  1.000 46.788  0 1002 ASN A N   1 ? 
ATOM   601  C  CA  . ASN A 1 111 ? -8.554  -7.024  -10.268 1.000 50.900  0 1002 ASN A CA  1 ? 
ATOM   602  C  C   . ASN A 1 111 ? -7.607  -7.579  -11.324 1.000 54.168  0 1002 ASN A C   1 ? 
ATOM   603  O  O   . ASN A 1 111 ? -7.996  -8.502  -12.043 1.000 54.206  0 1002 ASN A O   1 ? 
ATOM   604  C  CB  . ASN A 1 111 ? -8.964  -5.660  -10.821 1.000 57.744  0 1002 ASN A CB  1 ? 
ATOM   605  C  CG  . ASN A 1 111 ? -10.255 -5.148  -10.225 1.000 70.873  0 1002 ASN A CG  1 ? 
ATOM   606  O  OD1 . ASN A 1 111 ? -10.894 -5.835  -9.427  1.000 79.966  0 1002 ASN A OD1 1 ? 
ATOM   607  N  ND2 . ASN A 1 111 ? -10.638 -3.936  -10.598 1.000 77.576  0 1002 ASN A ND2 1 ? 
ATOM   608  N  N   . LYS A 1 112 ? -6.407  -6.977  -11.447 1.000 44.471  0 1003 LYS A N   1 ? 
ATOM   609  C  CA  . LYS A 1 112 ? -5.477  -7.329  -12.503 1.000 38.806  0 1003 LYS A CA  1 ? 
ATOM   610  C  C   . LYS A 1 112 ? -4.928  -8.738  -12.293 1.000 40.822  0 1003 LYS A C   1 ? 
ATOM   611  O  O   . LYS A 1 112 ? -4.658  -9.431  -13.267 1.000 46.828  0 1003 LYS A O   1 ? 
ATOM   612  C  CB  . LYS A 1 112 ? -4.338  -6.316  -12.625 1.000 39.117  0 1003 LYS A CB  1 ? 
ATOM   613  C  CG  . LYS A 1 112 ? -4.775  -4.872  -12.814 1.000 44.598  0 1003 LYS A CG  1 ? 
ATOM   614  C  CD  . LYS A 1 112 ? -5.549  -4.633  -14.078 1.000 53.439  0 1003 LYS A CD  1 ? 
ATOM   615  C  CE  . LYS A 1 112 ? -6.050  -3.209  -14.191 1.000 53.887  0 1003 LYS A CE  1 ? 
ATOM   616  N  NZ  . LYS A 1 112 ? -6.958  -3.025  -15.342 1.000 62.332  0 1003 LYS A NZ  1 ? 
ATOM   617  N  N   . MET A 1 113 ? -4.743  -9.132  -11.026 1.000 45.528  0 1004 MET A N   1 ? 
ATOM   618  C  CA  . MET A 1 113 ? -4.336  -10.488 -10.670 1.000 46.759  0 1004 MET A CA  1 ? 
ATOM   619  C  C   . MET A 1 113 ? -5.402  -11.515 -11.099 1.000 53.559  0 1004 MET A C   1 ? 
ATOM   620  O  O   . MET A 1 113 ? -5.051  -12.578 -11.619 1.000 45.892  0 1004 MET A O   1 ? 
ATOM   621  C  CB  . MET A 1 113 ? -4.059  -10.613 -9.167  1.000 45.132  0 1004 MET A CB  1 ? 
ATOM   622  C  CG  . MET A 1 113 ? -3.625  -12.003 -8.732  1.000 49.502  0 1004 MET A CG  1 ? 
ATOM   623  S  SD  . MET A 1 113 ? -4.130  -12.310 -7.033  1.000 55.164  0 1004 MET A SD  1 ? 
ATOM   624  C  CE  . MET A 1 113 ? -5.911  -12.165 -7.154  1.000 56.289  0 1004 MET A CE  1 ? 
ATOM   625  N  N   . LYS A 1 114 ? -6.696  -11.209 -10.883 1.000 51.514  0 1005 LYS A N   1 ? 
ATOM   626  C  CA  . LYS A 1 114 ? -7.769  -12.119 -11.271 1.000 55.237  0 1005 LYS A CA  1 ? 
ATOM   627  C  C   . LYS A 1 114 ? -7.801  -12.246 -12.793 1.000 63.340  0 1005 LYS A C   1 ? 
ATOM   628  O  O   . LYS A 1 114 ? -8.037  -13.332 -13.316 1.000 70.892  0 1005 LYS A O   1 ? 
ATOM   629  C  CB  . LYS A 1 114 ? -9.140  -11.639 -10.802 1.000 53.276  0 1005 LYS A CB  1 ? 
ATOM   630  C  CG  . LYS A 1 114 ? -9.438  -11.771 -9.319  1.000 53.749  0 1005 LYS A CG  1 ? 
ATOM   631  C  CD  . LYS A 1 114 ? -10.844 -11.284 -9.018  1.000 55.961  0 1005 LYS A CD  1 ? 
ATOM   632  C  CE  . LYS A 1 114 ? -11.122 -10.960 -7.564  1.000 60.710  0 1005 LYS A CE  1 ? 
ATOM   633  N  NZ  . LYS A 1 114 ? -10.519 -11.968 -6.655  1.000 64.357  0 1005 LYS A NZ  1 ? 
ATOM   634  N  N   . LEU A 1 115 ? -7.534  -11.136 -13.491 1.000 58.832  0 1006 LEU A N   1 ? 
ATOM   635  C  CA  . LEU A 1 115 ? -7.465  -11.134 -14.945 1.000 62.971  0 1006 LEU A CA  1 ? 
ATOM   636  C  C   . LEU A 1 115 ? -6.239  -11.896 -15.441 1.000 63.173  0 1006 LEU A C   1 ? 
ATOM   637  O  O   . LEU A 1 115 ? -6.324  -12.556 -16.470 1.000 65.672  0 1006 LEU A O   1 ? 
ATOM   638  C  CB  . LEU A 1 115 ? -7.453  -9.697  -15.468 1.000 61.056  0 1006 LEU A CB  1 ? 
ATOM   639  C  CG  . LEU A 1 115 ? -8.825  -9.034  -15.526 1.000 60.857  0 1006 LEU A CG  1 ? 
ATOM   640  C  CD1 . LEU A 1 115 ? -8.712  -7.652  -16.146 1.000 56.351  0 1006 LEU A CD1 1 ? 
ATOM   641  C  CD2 . LEU A 1 115 ? -9.800  -9.905  -16.309 1.000 58.837  0 1006 LEU A CD2 1 ? 
ATOM   642  N  N   . ALA A 1 116 ? -5.107  -11.792 -14.728 1.000 63.957  0 1007 ALA A N   1 ? 
ATOM   643  C  CA  . ALA A 1 116 ? -3.889  -12.470 -15.155 1.000 60.623  0 1007 ALA A CA  1 ? 
ATOM   644  C  C   . ALA A 1 116 ? -4.066  -13.979 -15.016 1.000 59.163  0 1007 ALA A C   1 ? 
ATOM   645  O  O   . ALA A 1 116 ? -3.506  -14.744 -15.796 1.000 56.923  0 1007 ALA A O   1 ? 
ATOM   646  C  CB  . ALA A 1 116 ? -2.690  -11.985 -14.383 1.000 50.395  0 1007 ALA A CB  1 ? 
ATOM   647  N  N   . GLN A 1 117 ? -4.866  -14.381 -14.021 1.000 59.953  0 1008 GLN A N   1 ? 
ATOM   648  C  CA  . GLN A 1 117 ? -5.141  -15.781 -13.749 1.000 62.316  0 1008 GLN A CA  1 ? 
ATOM   649  C  C   . GLN A 1 117 ? -6.154  -16.362 -14.733 1.000 70.762  0 1008 GLN A C   1 ? 
ATOM   650  O  O   . GLN A 1 117 ? -6.171  -17.574 -14.952 1.000 78.438  0 1008 GLN A O   1 ? 
ATOM   651  C  CB  . GLN A 1 117 ? -5.755  -15.918 -12.366 1.000 67.384  0 1008 GLN A CB  1 ? 
ATOM   652  C  CG  . GLN A 1 117 ? -4.735  -15.845 -11.251 1.000 68.196  0 1008 GLN A CG  1 ? 
ATOM   653  C  CD  . GLN A 1 117 ? -5.516  -16.032 -9.981  1.000 75.273  0 1008 GLN A CD  1 ? 
ATOM   654  O  OE1 . GLN A 1 117 ? -6.165  -15.110 -9.496  1.000 76.141  0 1008 GLN A OE1 1 ? 
ATOM   655  N  NE2 . GLN A 1 117 ? -5.496  -17.252 -9.472  1.000 76.172  0 1008 GLN A NE2 1 ? 
ATOM   656  N  N   . GLN A 1 118 ? -7.029  -15.507 -15.277 1.000 70.580  0 1009 GLN A N   1 ? 
ATOM   657  C  CA  . GLN A 1 118 ? -8.012  -15.949 -16.251 1.000 78.076  0 1009 GLN A CA  1 ? 
ATOM   658  C  C   . GLN A 1 118 ? -7.359  -16.165 -17.613 1.000 75.059  0 1009 GLN A C   1 ? 
ATOM   659  O  O   . GLN A 1 118 ? -7.714  -17.093 -18.330 1.000 82.232  0 1009 GLN A O   1 ? 
ATOM   660  C  CB  . GLN A 1 118 ? -9.118  -14.919 -16.415 1.000 75.037  0 1009 GLN A CB  1 ? 
ATOM   661  C  CG  . GLN A 1 118 ? -10.322 -15.196 -15.543 1.000 78.031  0 1009 GLN A CG  1 ? 
ATOM   662  C  CD  . GLN A 1 118 ? -11.294 -14.091 -15.852 1.000 88.612  0 1009 GLN A CD  1 ? 
ATOM   663  O  OE1 . GLN A 1 118 ? -11.902 -14.066 -16.918 1.000 88.425  0 1009 GLN A OE1 1 ? 
ATOM   664  N  NE2 . GLN A 1 118 ? -11.394 -13.134 -14.944 1.000 90.741  0 1009 GLN A NE2 1 ? 
ATOM   665  N  N   . TYR A 1 119 ? -6.419  -15.295 -17.975 1.000 67.425  0 1010 TYR A N   1 ? 
ATOM   666  C  CA  . TYR A 1 119 ? -5.790  -15.397 -19.277 1.000 69.811  0 1010 TYR A CA  1 ? 
ATOM   667  C  C   . TYR A 1 119 ? -4.438  -16.077 -19.134 1.000 64.685  0 1010 TYR A C   1 ? 
ATOM   668  O  O   . TYR A 1 119 ? -3.510  -15.778 -19.885 1.000 77.003  0 1010 TYR A O   1 ? 
ATOM   669  C  CB  . TYR A 1 119 ? -5.708  -14.025 -19.951 1.000 78.170  0 1010 TYR A CB  1 ? 
ATOM   670  C  CG  . TYR A 1 119 ? -7.057  -13.419 -20.229 1.000 82.777  0 1010 TYR A CG  1 ? 
ATOM   671  C  CD1 . TYR A 1 119 ? -7.566  -13.367 -21.518 1.000 86.233  0 1010 TYR A CD1 1 ? 
ATOM   672  C  CD2 . TYR A 1 119 ? -7.844  -12.930 -19.194 1.000 82.810  0 1010 TYR A CD2 1 ? 
ATOM   673  C  CE1 . TYR A 1 119 ? -8.815  -12.818 -21.774 1.000 88.282  0 1010 TYR A CE1 1 ? 
ATOM   674  C  CE2 . TYR A 1 119 ? -9.097  -12.385 -19.431 1.000 84.384  0 1010 TYR A CE2 1 ? 
ATOM   675  C  CZ  . TYR A 1 119 ? -9.581  -12.330 -20.726 1.000 86.135  0 1010 TYR A CZ  1 ? 
ATOM   676  O  OH  . TYR A 1 119 ? -10.808 -11.787 -20.961 1.000 86.202  0 1010 TYR A OH  1 ? 
ATOM   677  N  N   . VAL A 1 120 ? -4.351  -16.995 -18.163 1.000 66.025  0 1011 VAL A N   1 ? 
ATOM   678  C  CA  . VAL A 1 120 ? -3.150  -17.790 -17.958 1.000 73.604  0 1011 VAL A CA  1 ? 
ATOM   679  C  C   . VAL A 1 120 ? -2.930  -18.671 -19.188 1.000 81.071  0 1011 VAL A C   1 ? 
ATOM   680  O  O   . VAL A 1 120 ? -3.882  -19.208 -19.749 1.000 77.322  0 1011 VAL A O   1 ? 
ATOM   681  C  CB  . VAL A 1 120 ? -3.207  -18.603 -16.646 1.000 71.037  0 1011 VAL A CB  1 ? 
ATOM   682  C  CG1 . VAL A 1 120 ? -4.404  -19.542 -16.581 1.000 69.807  0 1011 VAL A CG1 1 ? 
ATOM   683  C  CG2 . VAL A 1 120 ? -1.913  -19.356 -16.383 1.000 66.918  0 1011 VAL A CG2 1 ? 
ATOM   684  N  N   . MET A 1 121 ? -1.666  -18.770 -19.615 1.000 90.000  0 1012 MET A N   1 ? 
ATOM   685  C  CA  . MET A 1 121 ? -1.243  -19.631 -20.711 1.000 103.044 0 1012 MET A CA  1 ? 
ATOM   686  C  C   . MET A 1 121 ? -1.741  -19.078 -22.049 1.000 104.877 0 1012 MET A C   1 ? 
ATOM   687  O  O   . MET A 1 121 ? -1.813  -19.819 -23.027 1.000 116.243 0 1012 MET A O   1 ? 
ATOM   688  C  CB  . MET A 1 121 ? -1.692  -21.094 -20.526 1.000 104.156 0 1012 MET A CB  1 ? 
ATOM   689  C  CG  . MET A 1 121 ? -1.358  -21.714 -19.152 1.000 118.273 0 1012 MET A CG  1 ? 
ATOM   690  S  SD  . MET A 1 121 ? 0.113   -22.795 -18.986 1.000 129.718 0 1012 MET A SD  1 ? 
ATOM   691  C  CE  . MET A 1 121 ? 0.415   -22.704 -17.218 1.000 109.883 0 1012 MET A CE  1 ? 
ATOM   692  N  N   . THR A 1 122 ? -2.070  -17.774 -22.090 1.000 100.819 0 1013 THR A N   1 ? 
ATOM   693  C  CA  . THR A 1 122 ? -2.467  -17.098 -23.322 1.000 90.509  0 1013 THR A CA  1 ? 
ATOM   694  C  C   . THR A 1 122 ? -1.481  -15.976 -23.650 1.000 94.199  0 1013 THR A C   1 ? 
ATOM   695  O  O   . THR A 1 122 ? -0.407  -15.893 -23.053 1.000 93.754  0 1013 THR A O   1 ? 
ATOM   696  C  CB  . THR A 1 122 ? -3.920  -16.594 -23.286 1.000 80.714  0 1013 THR A CB  1 ? 
ATOM   697  O  OG1 . THR A 1 122 ? -4.009  -15.329 -22.630 1.000 80.298  0 1013 THR A OG1 1 ? 
ATOM   698  C  CG2 . THR A 1 122 ? -4.882  -17.576 -22.653 1.000 75.339  0 1013 THR A CG2 1 ? 
ATOM   699  N  N   . SER A 1 123 ? -1.862  -15.119 -24.608 1.000 103.336 0 1014 SER A N   1 ? 
ATOM   700  C  CA  . SER A 1 123 ? -1.036  -13.996 -25.030 1.000 106.917 0 1014 SER A CA  1 ? 
ATOM   701  C  C   . SER A 1 123 ? -1.519  -12.689 -24.394 1.000 98.925  0 1014 SER A C   1 ? 
ATOM   702  O  O   . SER A 1 123 ? -1.014  -11.618 -24.723 1.000 89.122  0 1014 SER A O   1 ? 
ATOM   703  C  CB  . SER A 1 123 ? -0.959  -13.893 -26.539 1.000 116.797 0 1014 SER A CB  1 ? 
ATOM   704  O  OG  . SER A 1 123 ? -2.041  -13.128 -27.052 1.000 130.653 0 1014 SER A OG  1 ? 
ATOM   705  N  N   . LEU A 1 124 ? -2.508  -12.781 -23.494 1.000 96.329  0 1015 LEU A N   1 ? 
ATOM   706  C  CA  . LEU A 1 124 ? -2.871  -11.662 -22.634 1.000 92.476  0 1015 LEU A CA  1 ? 
ATOM   707  C  C   . LEU A 1 124 ? -2.343  -11.907 -21.220 1.000 93.996  0 1015 LEU A C   1 ? 
ATOM   708  O  O   . LEU A 1 124 ? -2.644  -11.139 -20.308 1.000 88.668  0 1015 LEU A O   1 ? 
ATOM   709  C  CB  . LEU A 1 124 ? -4.390  -11.458 -22.615 1.000 92.908  0 1015 LEU A CB  1 ? 
ATOM   710  C  CG  . LEU A 1 124 ? -5.076  -11.119 -23.942 1.000 93.531  0 1015 LEU A CG  1 ? 
ATOM   711  C  CD1 . LEU A 1 124 ? -6.377  -10.366 -23.693 1.000 88.111  0 1015 LEU A CD1 1 ? 
ATOM   712  C  CD2 . LEU A 1 124 ? -4.164  -10.341 -24.886 1.000 81.072  0 1015 LEU A CD2 1 ? 
ATOM   713  N  N   . GLN A 1 125 ? -1.554  -12.984 -21.064 1.000 95.608  0 1016 GLN A N   1 ? 
ATOM   714  C  CA  . GLN A 1 125 ? -0.886  -13.362 -19.827 1.000 89.009  0 1016 GLN A CA  1 ? 
ATOM   715  C  C   . GLN A 1 125 ? 0.068   -12.254 -19.378 1.000 84.109  0 1016 GLN A C   1 ? 
ATOM   716  O  O   . GLN A 1 125 ? -0.127  -11.683 -18.307 1.000 77.903  0 1016 GLN A O   1 ? 
ATOM   717  C  CB  . GLN A 1 125 ? -0.169  -14.710 -19.990 1.000 101.878 0 1016 GLN A CB  1 ? 
ATOM   718  C  CG  . GLN A 1 125 ? 0.676   -15.137 -18.793 1.000 101.421 0 1016 GLN A CG  1 ? 
ATOM   719  C  CD  . GLN A 1 125 ? -0.129  -15.636 -17.612 1.000 113.540 0 1016 GLN A CD  1 ? 
ATOM   720  O  OE1 . GLN A 1 125 ? 0.050   -16.761 -17.151 1.000 117.142 0 1016 GLN A OE1 1 ? 
ATOM   721  N  NE2 . GLN A 1 125 ? -1.020  -14.797 -17.099 1.000 108.861 0 1016 GLN A NE2 1 ? 
ATOM   722  N  N   . GLN A 1 126 ? 1.092   -11.966 -20.196 1.000 64.963  0 1017 GLN A N   1 ? 
ATOM   723  C  CA  . GLN A 1 126 ? 2.090   -10.961 -19.860 1.000 72.295  0 1017 GLN A CA  1 ? 
ATOM   724  C  C   . GLN A 1 126 ? 1.432   -9.591  -19.687 1.000 67.572  0 1017 GLN A C   1 ? 
ATOM   725  O  O   . GLN A 1 126 ? 1.699   -8.904  -18.707 1.000 69.789  0 1017 GLN A O   1 ? 
ATOM   726  C  CB  . GLN A 1 126 ? 3.265   -10.943 -20.844 1.000 73.140  0 1017 GLN A CB  1 ? 
ATOM   727  C  CG  . GLN A 1 126 ? 4.050   -12.251 -20.923 1.000 86.608  0 1017 GLN A CG  1 ? 
ATOM   728  C  CD  . GLN A 1 126 ? 4.768   -12.689 -19.665 1.000 94.159  0 1017 GLN A CD  1 ? 
ATOM   729  O  OE1 . GLN A 1 126 ? 4.191   -13.330 -18.787 1.000 86.983  0 1017 GLN A OE1 1 ? 
ATOM   730  N  NE2 . GLN A 1 126 ? 6.057   -12.395 -19.584 1.000 94.884  0 1017 GLN A NE2 1 ? 
ATOM   731  N  N   . GLU A 1 127 ? 0.549   -9.215  -20.616 1.000 63.258  0 1018 GLU A N   1 ? 
ATOM   732  C  CA  . GLU A 1 127 ? -0.114  -7.921  -20.562 1.000 61.743  0 1018 GLU A CA  1 ? 
ATOM   733  C  C   . GLU A 1 127 ? -0.716  -7.663  -19.178 1.000 62.161  0 1018 GLU A C   1 ? 
ATOM   734  O  O   . GLU A 1 127 ? -0.531  -6.582  -18.622 1.000 52.532  0 1018 GLU A O   1 ? 
ATOM   735  C  CB  . GLU A 1 127 ? -1.205  -7.813  -21.630 1.000 63.651  0 1018 GLU A CB  1 ? 
ATOM   736  C  CG  . GLU A 1 127 ? -2.113  -6.595  -21.468 1.000 67.220  0 1018 GLU A CG  1 ? 
ATOM   737  C  CD  . GLU A 1 127 ? -1.405  -5.245  -21.393 1.000 76.376  0 1018 GLU A CD  1 ? 
ATOM   738  O  OE1 . GLU A 1 127 ? -0.294  -5.102  -21.979 1.000 77.615  0 1018 GLU A OE1 1 ? 
ATOM   739  O  OE2 . GLU A 1 127 ? -1.957  -4.333  -20.740 1.000 72.968  0 1018 GLU A OE2 1 ? 
ATOM   740  N  N   . TYR A 1 128 ? -1.464  -8.642  -18.645 1.000 55.669  0 1019 TYR A N   1 ? 
ATOM   741  C  CA  . TYR A 1 128 ? -2.168  -8.466  -17.382 1.000 60.093  0 1019 TYR A CA  1 ? 
ATOM   742  C  C   . TYR A 1 128 ? -1.201  -8.471  -16.202 1.000 53.160  0 1019 TYR A C   1 ? 
ATOM   743  O  O   . TYR A 1 128 ? -1.455  -7.780  -15.226 1.000 50.364  0 1019 TYR A O   1 ? 
ATOM   744  C  CB  . TYR A 1 128 ? -3.294  -9.489  -17.202 1.000 60.278  0 1019 TYR A CB  1 ? 
ATOM   745  C  CG  . TYR A 1 128 ? -4.538  -9.104  -17.944 1.000 68.759  0 1019 TYR A CG  1 ? 
ATOM   746  C  CD1 . TYR A 1 128 ? -5.212  -7.938  -17.623 1.000 72.566  0 1019 TYR A CD1 1 ? 
ATOM   747  C  CD2 . TYR A 1 128 ? -5.006  -9.870  -18.998 1.000 75.644  0 1019 TYR A CD2 1 ? 
ATOM   748  C  CE1 . TYR A 1 128 ? -6.343  -7.549  -18.318 1.000 77.741  0 1019 TYR A CE1 1 ? 
ATOM   749  C  CE2 . TYR A 1 128 ? -6.138  -9.496  -19.705 1.000 84.222  0 1019 TYR A CE2 1 ? 
ATOM   750  C  CZ  . TYR A 1 128 ? -6.809  -8.336  -19.358 1.000 85.099  0 1019 TYR A CZ  1 ? 
ATOM   751  O  OH  . TYR A 1 128 ? -7.925  -7.956  -20.049 1.000 88.036  0 1019 TYR A OH  1 ? 
ATOM   752  N  N   . LYS A 1 129 ? -0.114  -9.252  -16.309 1.000 51.841  0 1020 LYS A N   1 ? 
ATOM   753  C  CA  . LYS A 1 129 ? 0.946   -9.304  -15.307 1.000 55.129  0 1020 LYS A CA  1 ? 
ATOM   754  C  C   . LYS A 1 129 ? 1.685   -7.968  -15.226 1.000 55.044  0 1020 LYS A C   1 ? 
ATOM   755  O  O   . LYS A 1 129 ? 2.110   -7.570  -14.136 1.000 45.567  0 1020 LYS A O   1 ? 
ATOM   756  C  CB  . LYS A 1 129 ? 1.951   -10.419 -15.607 1.000 52.997  0 1020 LYS A CB  1 ? 
ATOM   757  C  CG  . LYS A 1 129 ? 1.573   -11.784 -15.056 1.000 59.337  0 1020 LYS A CG  1 ? 
ATOM   758  C  CD  . LYS A 1 129 ? 2.409   -12.847 -15.700 1.000 60.592  0 1020 LYS A CD  1 ? 
ATOM   759  C  CE  . LYS A 1 129 ? 2.675   -14.039 -14.815 1.000 58.767  0 1020 LYS A CE  1 ? 
ATOM   760  N  NZ  . LYS A 1 129 ? 4.036   -14.553 -15.098 1.000 58.965  0 1020 LYS A NZ  1 ? 
ATOM   761  N  N   . LYS A 1 130 ? 1.847   -7.304  -16.385 1.000 50.310  0 1021 LYS A N   1 ? 
ATOM   762  C  CA  . LYS A 1 130 ? 2.477   -5.999  -16.454 1.000 51.715  0 1021 LYS A CA  1 ? 
ATOM   763  C  C   . LYS A 1 130 ? 1.561   -4.976  -15.802 1.000 50.692  0 1021 LYS A C   1 ? 
ATOM   764  O  O   . LYS A 1 130 ? 2.039   -4.039  -15.185 1.000 58.185  0 1021 LYS A O   1 ? 
ATOM   765  C  CB  . LYS A 1 130 ? 2.801   -5.594  -17.890 1.000 58.036  0 1021 LYS A CB  1 ? 
ATOM   766  C  CG  . LYS A 1 130 ? 3.976   -6.351  -18.481 1.000 67.736  0 1021 LYS A CG  1 ? 
ATOM   767  C  CD  . LYS A 1 130 ? 4.318   -5.909  -19.888 1.000 83.751  0 1021 LYS A CD  1 ? 
ATOM   768  C  CE  . LYS A 1 130 ? 3.627   -6.702  -20.980 1.000 88.501  0 1021 LYS A CE  1 ? 
ATOM   769  N  NZ  . LYS A 1 130 ? 4.237   -6.427  -22.303 1.000 81.351  0 1021 LYS A NZ  1 ? 
ATOM   770  N  N   . GLN A 1 131 ? 0.247   -5.183  -15.906 1.000 46.817  0 1022 GLN A N   1 ? 
ATOM   771  C  CA  . GLN A 1 131 ? -0.691  -4.265  -15.287 1.000 44.902  0 1022 GLN A CA  1 ? 
ATOM   772  C  C   . GLN A 1 131 ? -0.753  -4.511  -13.773 1.000 44.344  0 1022 GLN A C   1 ? 
ATOM   773  O  O   . GLN A 1 131 ? -1.004  -3.592  -13.000 1.000 44.716  0 1022 GLN A O   1 ? 
ATOM   774  C  CB  . GLN A 1 131 ? -2.079  -4.422  -15.898 1.000 46.727  0 1022 GLN A CB  1 ? 
ATOM   775  C  CG  . GLN A 1 131 ? -2.215  -3.928  -17.327 1.000 49.500  0 1022 GLN A CG  1 ? 
ATOM   776  C  CD  . GLN A 1 131 ? -3.584  -4.338  -17.811 1.000 58.963  0 1022 GLN A CD  1 ? 
ATOM   777  O  OE1 . GLN A 1 131 ? -4.487  -4.631  -17.019 1.000 62.754  0 1022 GLN A OE1 1 ? 
ATOM   778  N  NE2 . GLN A 1 131 ? -3.740  -4.377  -19.124 1.000 59.427  0 1022 GLN A NE2 1 ? 
ATOM   779  N  N   . MET A 1 132 ? -0.567  -5.761  -13.342 1.000 43.726  0 1023 MET A N   1 ? 
ATOM   780  C  CA  . MET A 1 132 ? -0.426  -6.018  -11.917 1.000 46.916  0 1023 MET A CA  1 ? 
ATOM   781  C  C   . MET A 1 132 ? 0.751   -5.218  -11.367 1.000 38.916  0 1023 MET A C   1 ? 
ATOM   782  O  O   . MET A 1 132 ? 0.636   -4.563  -10.331 1.000 43.655  0 1023 MET A O   1 ? 
ATOM   783  C  CB  . MET A 1 132 ? -0.149  -7.500  -11.678 1.000 47.918  0 1023 MET A CB  1 ? 
ATOM   784  C  CG  . MET A 1 132 ? -1.389  -8.342  -11.593 1.000 50.899  0 1023 MET A CG  1 ? 
ATOM   785  S  SD  . MET A 1 132 ? -0.870  -10.051 -11.358 1.000 56.657  0 1023 MET A SD  1 ? 
ATOM   786  C  CE  . MET A 1 132 ? -0.069  -9.948  -9.764  1.000 49.590  0 1023 MET A CE  1 ? 
ATOM   787  N  N   . LEU A 1 133 ? 1.889   -5.308  -12.058 1.000 39.372  0 1024 LEU A N   1 ? 
ATOM   788  C  CA  . LEU A 1 133 ? 3.118   -4.666  -11.606 1.000 44.607  0 1024 LEU A CA  1 ? 
ATOM   789  C  C   . LEU A 1 133 ? 2.901   -3.163  -11.490 1.000 38.805  0 1024 LEU A C   1 ? 
ATOM   790  O  O   . LEU A 1 133 ? 3.274   -2.552  -10.488 1.000 41.292  0 1024 LEU A O   1 ? 
ATOM   791  C  CB  . LEU A 1 133 ? 4.265   -4.989  -12.570 1.000 45.531  0 1024 LEU A CB  1 ? 
ATOM   792  C  CG  . LEU A 1 133 ? 5.300   -5.979  -12.039 1.000 57.280  0 1024 LEU A CG  1 ? 
ATOM   793  C  CD1 . LEU A 1 133 ? 6.627   -5.285  -11.741 1.000 49.444  0 1024 LEU A CD1 1 ? 
ATOM   794  C  CD2 . LEU A 1 133 ? 4.789   -6.691  -10.789 1.000 64.478  0 1024 LEU A CD2 1 ? 
ATOM   795  N  N   . THR A 1 134 ? 2.252   -2.583  -12.503 1.000 34.806  0 1025 THR A N   1 ? 
ATOM   796  C  CA  . THR A 1 134 ? 1.902   -1.168  -12.479 1.000 35.628  0 1025 THR A CA  1 ? 
ATOM   797  C  C   . THR A 1 134 ? 1.022   -0.860  -11.271 1.000 34.983  0 1025 THR A C   1 ? 
ATOM   798  O  O   . THR A 1 134 ? 1.198   0.173   -10.637 1.000 34.713  0 1025 THR A O   1 ? 
ATOM   799  C  CB  . THR A 1 134 ? 1.230   -0.752  -13.794 1.000 37.336  0 1025 THR A CB  1 ? 
ATOM   800  O  OG1 . THR A 1 134 ? 2.296   -0.818  -14.739 1.000 46.791  0 1025 THR A OG1 1 ? 
ATOM   801  C  CG2 . THR A 1 134 ? 0.646   0.643   -13.760 1.000 43.065  0 1025 THR A CG2 1 ? 
ATOM   802  N  N   . ALA A 1 135 ? 0.038   -1.723  -10.987 1.000 34.644  0 1026 ALA A N   1 ? 
ATOM   803  C  CA  . ALA A 1 135 ? -0.871  -1.422  -9.887  1.000 33.518  0 1026 ALA A CA  1 ? 
ATOM   804  C  C   . ALA A 1 135 ? -0.113  -1.514  -8.558  1.000 31.745  0 1026 ALA A C   1 ? 
ATOM   805  O  O   . ALA A 1 135 ? -0.328  -0.678  -7.685  1.000 32.706  0 1026 ALA A O   1 ? 
ATOM   806  C  CB  . ALA A 1 135 ? -2.065  -2.342  -9.900  1.000 30.179  0 1026 ALA A CB  1 ? 
ATOM   807  N  N   . ALA A 1 136 ? 0.784   -2.512  -8.448  1.000 28.443  0 1027 ALA A N   1 ? 
ATOM   808  C  CA  . ALA A 1 136 ? 1.610   -2.669  -7.243  1.000 32.397  0 1027 ALA A CA  1 ? 
ATOM   809  C  C   . ALA A 1 136 ? 2.532   -1.457  -7.058  1.000 31.731  0 1027 ALA A C   1 ? 
ATOM   810  O  O   . ALA A 1 136 ? 2.699   -0.949  -5.953  1.000 30.479  0 1027 ALA A O   1 ? 
ATOM   811  C  CB  . ALA A 1 136 ? 2.377   -3.975  -7.314  1.000 27.360  0 1027 ALA A CB  1 ? 
ATOM   812  N  N   . HIS A 1 137 ? 3.137   -0.973  -8.149  1.000 34.059  0 1028 HIS A N   1 ? 
ATOM   813  C  CA  . HIS A 1 137 ? 4.054   0.151   -8.024  1.000 32.547  0 1028 HIS A CA  1 ? 
ATOM   814  C  C   . HIS A 1 137 ? 3.302   1.381   -7.502  1.000 33.452  0 1028 HIS A C   1 ? 
ATOM   815  O  O   . HIS A 1 137 ? 3.798   2.047   -6.586  1.000 31.627  0 1028 HIS A O   1 ? 
ATOM   816  C  CB  . HIS A 1 137 ? 4.862   0.358   -9.333  1.000 35.798  0 1028 HIS A CB  1 ? 
ATOM   817  C  CG  . HIS A 1 137 ? 5.918   1.426   -9.259  1.000 38.986  0 1028 HIS A CG  1 ? 
ATOM   818  N  ND1 . HIS A 1 137 ? 6.804   1.675   -10.305 1.000 36.978  0 1028 HIS A ND1 1 ? 
ATOM   819  C  CD2 . HIS A 1 137 ? 6.254   2.315   -8.286  1.000 37.264  0 1028 HIS A CD2 1 ? 
ATOM   820  C  CE1 . HIS A 1 137 ? 7.622   2.666   -9.984  1.000 38.008  0 1028 HIS A CE1 1 ? 
ATOM   821  N  NE2 . HIS A 1 137 ? 7.310   3.075   -8.751  1.000 35.985  0 1028 HIS A NE2 1 ? 
ATOM   822  N  N   . ALA A 1 138 ? 2.111   1.672   -8.071  1.000 30.584  0 1029 ALA A N   1 ? 
ATOM   823  C  CA  . ALA A 1 138 ? 1.208   2.722   -7.597  1.000 32.006  0 1029 ALA A CA  1 ? 
ATOM   824  C  C   . ALA A 1 138 ? 0.887   2.596   -6.099  1.000 28.343  0 1029 ALA A C   1 ? 
ATOM   825  O  O   . ALA A 1 138 ? 0.960   3.578   -5.341  1.000 28.762  0 1029 ALA A O   1 ? 
ATOM   826  C  CB  . ALA A 1 138 ? -0.078  2.693   -8.410  1.000 35.716  0 1029 ALA A CB  1 ? 
ATOM   827  N  N   . LEU A 1 139 ? 0.516   1.387   -5.664  1.000 29.997  0 1030 LEU A N   1 ? 
ATOM   828  C  CA  . LEU A 1 139 ? 0.321   1.090   -4.239  1.000 27.966  0 1030 LEU A CA  1 ? 
ATOM   829  C  C   . LEU A 1 139 ? 1.565   1.497   -3.431  1.000 30.364  0 1030 LEU A C   1 ? 
ATOM   830  O  O   . LEU A 1 139 ? 1.402   2.154   -2.414  1.000 30.446  0 1030 LEU A O   1 ? 
ATOM   831  C  CB  . LEU A 1 139 ? 0.038   -0.414  -4.106  1.000 32.134  0 1030 LEU A CB  1 ? 
ATOM   832  C  CG  . LEU A 1 139 ? -0.412  -0.972  -2.753  1.000 38.502  0 1030 LEU A CG  1 ? 
ATOM   833  C  CD1 . LEU A 1 139 ? -1.184  0.072   -1.959  1.000 46.705  0 1030 LEU A CD1 1 ? 
ATOM   834  C  CD2 . LEU A 1 139 ? -1.288  -2.212  -2.986  1.000 36.437  0 1030 LEU A CD2 1 ? 
ATOM   835  N  N   . ALA A 1 140 ? 2.794   1.162   -3.877  1.000 25.502  0 1031 ALA A N   1 ? 
ATOM   836  C  CA  . ALA A 1 140 ? 3.988   1.528   -3.102  1.000 29.831  0 1031 ALA A CA  1 ? 
ATOM   837  C  C   . ALA A 1 140 ? 4.179   3.047   -3.035  1.000 29.221  0 1031 ALA A C   1 ? 
ATOM   838  O  O   . ALA A 1 140 ? 4.562   3.575   -1.985  1.000 30.001  0 1031 ALA A O   1 ? 
ATOM   839  C  CB  . ALA A 1 140 ? 5.245   0.836   -3.601  1.000 28.140  0 1031 ALA A CB  1 ? 
ATOM   840  N  N   . VAL A 1 141 ? 3.959   3.748   -4.162  1.000 29.781  0 1032 VAL A N   1 ? 
ATOM   841  C  CA  . VAL A 1 141 ? 4.115   5.196   -4.218  1.000 29.671  0 1032 VAL A CA  1 ? 
ATOM   842  C  C   . VAL A 1 141 ? 3.114   5.852   -3.265  1.000 31.449  0 1032 VAL A C   1 ? 
ATOM   843  O  O   . VAL A 1 141 ? 3.445   6.816   -2.550  1.000 31.027  0 1032 VAL A O   1 ? 
ATOM   844  C  CB  . VAL A 1 141 ? 3.956   5.715   -5.666  1.000 32.169  0 1032 VAL A CB  1 ? 
ATOM   845  C  CG1 . VAL A 1 141 ? 3.867   7.233   -5.718  1.000 31.844  0 1032 VAL A CG1 1 ? 
ATOM   846  C  CG2 . VAL A 1 141 ? 5.148   5.261   -6.492  1.000 34.320  0 1032 VAL A CG2 1 ? 
ATOM   847  N  N   . ASP A 1 142 ? 1.882   5.325   -3.268  1.000 29.996  0 1033 ASP A N   1 ? 
ATOM   848  C  CA  . ASP A 1 142 ? 0.818   5.834   -2.412  1.000 30.922  0 1033 ASP A CA  1 ? 
ATOM   849  C  C   . ASP A 1 142 ? 1.097   5.515   -0.939  1.000 28.742  0 1033 ASP A C   1 ? 
ATOM   850  O  O   . ASP A 1 142 ? 0.782   6.346   -0.069  1.000 30.024  0 1033 ASP A O   1 ? 
ATOM   851  C  CB  . ASP A 1 142 ? -0.584  5.496   -2.939  1.000 32.248  0 1033 ASP A CB  1 ? 
ATOM   852  C  CG  . ASP A 1 142 ? -0.886  6.092   -4.313  1.000 41.154  0 1033 ASP A CG  1 ? 
ATOM   853  O  OD1 . ASP A 1 142 ? -0.329  7.178   -4.617  1.000 43.202  0 1033 ASP A OD1 1 ? 
ATOM   854  O  OD2 . ASP A 1 142 ? -1.675  5.467   -5.080  1.000 39.759  0 1033 ASP A OD2 1 ? 
ATOM   855  N  N   . ALA A 1 143 ? 1.757   4.390   -0.638  1.000 29.090  0 1034 ALA A N   1 ? 
ATOM   856  C  CA  . ALA A 1 143 ? 2.130   4.166   0.768   1.000 28.032  0 1034 ALA A CA  1 ? 
ATOM   857  C  C   . ALA A 1 143 ? 3.161   5.206   1.246   1.000 32.347  0 1034 ALA A C   1 ? 
ATOM   858  O  O   . ALA A 1 143 ? 3.058   5.769   2.341   1.000 32.395  0 1034 ALA A O   1 ? 
ATOM   859  C  CB  . ALA A 1 143 ? 2.566   2.732   0.990   1.000 30.975  0 1034 ALA A CB  1 ? 
ATOM   860  N  N   . LYS A 1 144 ? 4.132   5.525   0.383   1.000 35.397  0 1035 LYS A N   1 ? 
ATOM   861  C  CA  . LYS A 1 144 ? 5.148   6.534   0.686   1.000 38.431  0 1035 LYS A CA  1 ? 
ATOM   862  C  C   . LYS A 1 144 ? 4.535   7.914   0.857   1.000 36.474  0 1035 LYS A C   1 ? 
ATOM   863  O  O   . LYS A 1 144 ? 4.878   8.633   1.791   1.000 32.248  0 1035 LYS A O   1 ? 
ATOM   864  C  CB  . LYS A 1 144 ? 6.253   6.599   -0.381  1.000 38.275  0 1035 LYS A CB  1 ? 
ATOM   865  C  CG  . LYS A 1 144 ? 7.124   5.348   -0.445  1.000 46.794  0 1035 LYS A CG  1 ? 
ATOM   866  C  CD  . LYS A 1 144 ? 7.808   4.953   0.864   1.000 51.138  0 1035 LYS A CD  1 ? 
ATOM   867  C  CE  . LYS A 1 144 ? 8.886   5.914   1.313   1.000 56.680  0 1035 LYS A CE  1 ? 
ATOM   868  N  NZ  . LYS A 1 144 ? 10.080  5.845   0.439   1.000 61.315  0 1035 LYS A NZ  1 ? 
ATOM   869  N  N   . ASN A 1 145 ? 3.625   8.281   -0.048  1.000 32.033  0 1036 ASN A N   1 ? 
ATOM   870  C  CA  . ASN A 1 145 ? 2.914   9.537   0.096   1.000 35.120  0 1036 ASN A CA  1 ? 
ATOM   871  C  C   . ASN A 1 145 ? 2.164   9.608   1.438   1.000 32.113  0 1036 ASN A C   1 ? 
ATOM   872  O  O   . ASN A 1 145 ? 2.153   10.661  2.102   1.000 32.109  0 1036 ASN A O   1 ? 
ATOM   873  C  CB  . ASN A 1 145 ? 2.042   9.869   -1.130  1.000 38.802  0 1036 ASN A CB  1 ? 
ATOM   874  C  CG  . ASN A 1 145 ? 1.215   11.109  -0.865  1.000 50.667  0 1036 ASN A CG  1 ? 
ATOM   875  O  OD1 . ASN A 1 145 ? 1.768   12.192  -0.657  1.000 61.816  0 1036 ASN A OD1 1 ? 
ATOM   876  N  ND2 . ASN A 1 145 ? -0.101  10.959  -0.801  1.000 64.168  0 1036 ASN A ND2 1 ? 
ATOM   877  N  N   . LEU A 1 146 ? 1.508   8.508   1.836   1.000 27.026  0 1037 LEU A N   1 ? 
ATOM   878  C  CA  . LEU A 1 146 ? 0.782   8.516   3.104   1.000 30.024  0 1037 LEU A CA  1 ? 
ATOM   879  C  C   . LEU A 1 146 ? 1.746   8.742   4.277   1.000 29.957  0 1037 LEU A C   1 ? 
ATOM   880  O  O   . LEU A 1 146 ? 1.359   9.412   5.232   1.000 31.581  0 1037 LEU A O   1 ? 
ATOM   881  C  CB  . LEU A 1 146 ? -0.013  7.212   3.284   1.000 32.414  0 1037 LEU A CB  1 ? 
ATOM   882  C  CG  . LEU A 1 146 ? -0.567  6.914   4.688   1.000 32.269  0 1037 LEU A CG  1 ? 
ATOM   883  C  CD1 . LEU A 1 146 ? -1.592  7.953   5.139   1.000 30.790  0 1037 LEU A CD1 1 ? 
ATOM   884  C  CD2 . LEU A 1 146 ? -1.201  5.534   4.748   1.000 30.167  0 1037 LEU A CD2 1 ? 
ATOM   885  N  N   . LEU A 1 147 ? 2.968   8.180   4.212   1.000 31.570  0 1038 LEU A N   1 ? 
ATOM   886  C  CA  . LEU A 1 147 ? 3.989   8.362   5.249   1.000 29.375  0 1038 LEU A CA  1 ? 
ATOM   887  C  C   . LEU A 1 147 ? 4.369   9.843   5.329   1.000 31.582  0 1038 LEU A C   1 ? 
ATOM   888  O  O   . LEU A 1 147 ? 4.463   10.406  6.423   1.000 29.338  0 1038 LEU A O   1 ? 
ATOM   889  C  CB  . LEU A 1 147 ? 5.202   7.468   4.934   1.000 32.746  0 1038 LEU A CB  1 ? 
ATOM   890  C  CG  . LEU A 1 147 ? 6.371   7.530   5.929   1.000 35.446  0 1038 LEU A CG  1 ? 
ATOM   891  C  CD1 . LEU A 1 147 ? 5.919   7.110   7.324   1.000 41.183  0 1038 LEU A CD1 1 ? 
ATOM   892  C  CD2 . LEU A 1 147 ? 7.531   6.632   5.496   1.000 35.597  0 1038 LEU A CD2 1 ? 
ATOM   893  N  N   . ASP A 1 148 ? 4.511   10.475  4.148   1.000 33.203  0 1039 ASP A N   1 ? 
ATOM   894  C  CA  . ASP A 1 148 ? 4.863   11.886  4.016   1.000 35.442  0 1039 ASP A CA  1 ? 
ATOM   895  C  C   . ASP A 1 148 ? 3.823   12.770  4.691   1.000 34.288  0 1039 ASP A C   1 ? 
ATOM   896  O  O   . ASP A 1 148 ? 4.187   13.643  5.482   1.000 32.841  0 1039 ASP A O   1 ? 
ATOM   897  C  CB  . ASP A 1 148 ? 5.026   12.317  2.556   1.000 41.653  0 1039 ASP A CB  1 ? 
ATOM   898  C  CG  . ASP A 1 148 ? 6.287   11.785  1.887   1.000 58.489  0 1039 ASP A CG  1 ? 
ATOM   899  O  OD1 . ASP A 1 148 ? 7.031   10.999  2.536   1.000 53.665  0 1039 ASP A OD1 1 ? 
ATOM   900  O  OD2 . ASP A 1 148 ? 6.537   12.175  0.709   1.000 75.346  0 1039 ASP A OD2 1 ? 
ATOM   901  N  N   . VAL A 1 149 ? 2.539   12.493  4.399   1.000 32.087  0 1040 VAL A N   1 ? 
ATOM   902  C  CA  . VAL A 1 149 ? 1.398   13.212  4.963   1.000 32.832  0 1040 VAL A CA  1 ? 
ATOM   903  C  C   . VAL A 1 149 ? 1.366   13.069  6.484   1.000 29.589  0 1040 VAL A C   1 ? 
ATOM   904  O  O   . VAL A 1 149 ? 1.162   14.069  7.158   1.000 28.249  0 1040 VAL A O   1 ? 
ATOM   905  C  CB  . VAL A 1 149 ? 0.059   12.815  4.312   1.000 34.679  0 1040 VAL A CB  1 ? 
ATOM   906  C  CG1 . VAL A 1 149 ? -1.155  13.403  5.026   1.000 34.472  0 1040 VAL A CG1 1 ? 
ATOM   907  C  CG2 . VAL A 1 149 ? 0.056   13.225  2.850   1.000 40.053  0 1040 VAL A CG2 1 ? 
ATOM   908  N  N   . ILE A 1 150 ? 1.605   11.864  7.021   1.000 28.550  0 1041 ILE A N   1 ? 
ATOM   909  C  CA  . ILE A 1 150 ? 1.602   11.659  8.472   1.000 30.364  0 1041 ILE A CA  1 ? 
ATOM   910  C  C   . ILE A 1 150 ? 2.830   12.343  9.079   1.000 30.136  0 1041 ILE A C   1 ? 
ATOM   911  O  O   . ILE A 1 150 ? 2.742   12.934  10.138  1.000 32.283  0 1041 ILE A O   1 ? 
ATOM   912  C  CB  . ILE A 1 150 ? 1.551   10.158  8.821   1.000 33.070  0 1041 ILE A CB  1 ? 
ATOM   913  C  CG1 . ILE A 1 150 ? 0.162   9.558   8.550   1.000 30.935  0 1041 ILE A CG1 1 ? 
ATOM   914  C  CG2 . ILE A 1 150 ? 2.045   9.866   10.241  1.000 31.302  0 1041 ILE A CG2 1 ? 
ATOM   915  C  CD1 . ILE A 1 150 ? 0.230   8.061   8.349   1.000 39.519  0 1041 ILE A CD1 1 ? 
ATOM   916  N  N   . ASP A 1 151 ? 3.964   12.298  8.384   1.000 28.562  0 1042 ASP A N   1 ? 
ATOM   917  C  CA  . ASP A 1 151 ? 5.170   12.947  8.891   1.000 31.550  0 1042 ASP A CA  1 ? 
ATOM   918  C  C   . ASP A 1 151 ? 4.997   14.467  9.038   1.000 30.304  0 1042 ASP A C   1 ? 
ATOM   919  O  O   . ASP A 1 151 ? 5.387   15.033  10.050  1.000 31.555  0 1042 ASP A O   1 ? 
ATOM   920  C  CB  . ASP A 1 151 ? 6.352   12.507  8.028   1.000 32.322  0 1042 ASP A CB  1 ? 
ATOM   921  C  CG  . ASP A 1 151 ? 7.639   13.218  8.373   1.000 34.647  0 1042 ASP A CG  1 ? 
ATOM   922  O  OD1 . ASP A 1 151 ? 8.265   12.832  9.360   1.000 38.195  0 1042 ASP A OD1 1 ? 
ATOM   923  O  OD2 . ASP A 1 151 ? 7.953   14.179  7.662   1.000 37.172  0 1042 ASP A OD2 1 ? 
ATOM   924  N  N   . GLN A 1 152 ? 4.363   15.124  8.055   1.000 33.566  0 1043 GLN A N   1 ? 
ATOM   925  C  CA  . GLN A 1 152 ? 4.062   16.549  8.147   1.000 37.790  0 1043 GLN A CA  1 ? 
ATOM   926  C  C   . GLN A 1 152 ? 3.038   16.862  9.248   1.000 38.268  0 1043 GLN A C   1 ? 
ATOM   927  O  O   . GLN A 1 152 ? 3.146   17.902  9.907   1.000 36.112  0 1043 GLN A O   1 ? 
ATOM   928  C  CB  . GLN A 1 152 ? 3.555   17.055  6.793   1.000 42.862  0 1043 GLN A CB  1 ? 
ATOM   929  C  CG  . GLN A 1 152 ? 4.661   17.186  5.756   1.000 50.338  0 1043 GLN A CG  1 ? 
ATOM   930  C  CD  . GLN A 1 152 ? 5.751   18.153  6.175   1.000 62.307  0 1043 GLN A CD  1 ? 
ATOM   931  O  OE1 . GLN A 1 152 ? 5.532   19.359  6.363   1.000 60.872  0 1043 GLN A OE1 1 ? 
ATOM   932  N  NE2 . GLN A 1 152 ? 6.956   17.619  6.324   1.000 58.904  0 1043 GLN A NE2 1 ? 
ATOM   933  N  N   . ALA A 1 153 ? 2.010   16.002  9.422   1.000 31.619  0 1044 ALA A N   1 ? 
ATOM   934  C  CA  . ALA A 1 153 ? 1.056   16.109  10.526  1.000 31.806  0 1044 ALA A CA  1 ? 
ATOM   935  C  C   . ALA A 1 153 ? 1.770   16.040  11.876  1.000 28.453  0 1044 ALA A C   1 ? 
ATOM   936  O  O   . ALA A 1 153 ? 1.466   16.804  12.792  1.000 32.229  0 1044 ALA A O   1 ? 
ATOM   937  C  CB  . ALA A 1 153 ? -0.034  15.041  10.431  1.000 30.102  0 1044 ALA A CB  1 ? 
ATOM   938  N  N   . ARG A 1 154 ? 2.728   15.122  12.011  1.000 31.064  0 1045 ARG A N   1 ? 
ATOM   939  C  CA  . ARG A 1 154 ? 3.502   15.026  13.247  1.000 32.914  0 1045 ARG A CA  1 ? 
ATOM   940  C  C   . ARG A 1 154 ? 4.352   16.285  13.479  1.000 30.854  0 1045 ARG A C   1 ? 
ATOM   941  O  O   . ARG A 1 154 ? 4.532   16.685  14.620  1.000 31.968  0 1045 ARG A O   1 ? 
ATOM   942  C  CB  . ARG A 1 154 ? 4.433   13.815  13.195  1.000 32.274  0 1045 ARG A CB  1 ? 
ATOM   943  C  CG  . ARG A 1 154 ? 3.725   12.486  13.381  1.000 39.810  0 1045 ARG A CG  1 ? 
ATOM   944  C  CD  . ARG A 1 154 ? 4.680   11.371  13.021  1.000 39.871  0 1045 ARG A CD  1 ? 
ATOM   945  N  NE  . ARG A 1 154 ? 4.036   10.193  13.561  1.000 46.499  0 1045 ARG A NE  1 ? 
ATOM   946  C  CZ  . ARG A 1 154 ? 4.393   8.937   13.291  1.000 47.609  0 1045 ARG A CZ  1 ? 
ATOM   947  N  NH1 . ARG A 1 154 ? 5.407   8.690   12.480  1.000 47.264  0 1045 ARG A NH1 1 ? 
ATOM   948  N  NH2 . ARG A 1 154 ? 3.717   7.935   13.824  1.000 42.286  0 1045 ARG A NH2 1 ? 
ATOM   949  N  N   . LEU A 1 155 ? 4.930   16.861  12.417  1.000 31.032  0 1046 LEU A N   1 ? 
ATOM   950  C  CA  . LEU A 1 155 ? 5.692   18.095  12.562  1.000 35.328  0 1046 LEU A CA  1 ? 
ATOM   951  C  C   . LEU A 1 155 ? 4.748   19.214  12.989  1.000 38.019  0 1046 LEU A C   1 ? 
ATOM   952  O  O   . LEU A 1 155 ? 5.071   19.941  13.923  1.000 41.122  0 1046 LEU A O   1 ? 
ATOM   953  C  CB  . LEU A 1 155 ? 6.457   18.437  11.278  1.000 34.780  0 1046 LEU A CB  1 ? 
ATOM   954  C  CG  . LEU A 1 155 ? 7.105   19.831  11.233  1.000 35.464  0 1046 LEU A CG  1 ? 
ATOM   955  C  CD1 . LEU A 1 155 ? 8.090   20.064  12.391  1.000 33.171  0 1046 LEU A CD1 1 ? 
ATOM   956  C  CD2 . LEU A 1 155 ? 7.782   20.071  9.890   1.000 38.570  0 1046 LEU A CD2 1 ? 
ATOM   957  N  N   . LYS A 1 156 ? 3.561   19.290  12.365  1.000 39.201  0 1047 LYS A N   1 ? 
ATOM   958  C  CA  . LYS A 1 156 ? 2.549   20.274  12.726  1.000 41.629  0 1047 LYS A CA  1 ? 
ATOM   959  C  C   . LYS A 1 156 ? 2.149   20.126  14.195  1.000 40.209  0 1047 LYS A C   1 ? 
ATOM   960  O  O   . LYS A 1 156 ? 1.892   21.110  14.894  1.000 38.591  0 1047 LYS A O   1 ? 
ATOM   961  C  CB  . LYS A 1 156 ? 1.369   20.225  11.748  1.000 46.239  0 1047 LYS A CB  1 ? 
ATOM   962  C  CG  . LYS A 1 156 ? 1.551   21.106  10.514  1.000 55.763  0 1047 LYS A CG  1 ? 
ATOM   963  C  CD  . LYS A 1 156 ? 1.345   20.460  9.133   1.000 71.861  0 1047 LYS A CD  1 ? 
ATOM   964  C  CE  . LYS A 1 156 ? -0.036  19.904  8.838   1.000 76.027  0 1047 LYS A CE  1 ? 
ATOM   965  N  NZ  . LYS A 1 156 ? -1.092  20.753  9.434   1.000 87.916  0 1047 LYS A NZ  1 ? 
ATOM   966  N  N   . MET A 1 157 ? 2.132   18.880  14.676  1.000 39.216  0 1048 MET A N   1 ? 
ATOM   967  C  CA  . MET A 1 157 ? 1.717   18.597  16.037  1.000 40.166  0 1048 MET A CA  1 ? 
ATOM   968  C  C   . MET A 1 157 ? 2.737   19.138  17.049  1.000 44.631  0 1048 MET A C   1 ? 
ATOM   969  O  O   . MET A 1 157 ? 2.345   19.547  18.145  1.000 39.888  0 1048 MET A O   1 ? 
ATOM   970  C  CB  . MET A 1 157 ? 1.561   17.091  16.211  1.000 43.848  0 1048 MET A CB  1 ? 
ATOM   971  C  CG  . MET A 1 157 ? 0.781   16.660  17.432  1.000 55.265  0 1048 MET A CG  1 ? 
ATOM   972  S  SD  . MET A 1 157 ? 1.176   14.885  17.581  1.000 82.361  0 1048 MET A SD  1 ? 
ATOM   973  C  CE  . MET A 1 157 ? 2.974   14.891  17.680  1.000 78.464  0 1048 MET A CE  1 ? 
ATOM   974  N  N   . LEU A 1 158 ? 4.035   19.148  16.696  1.000 38.321  0 1049 LEU A N   1 ? 
ATOM   975  C  CA  . LEU A 1 158 ? 5.054   19.716  17.581  1.000 39.020  0 1049 LEU A CA  1 ? 
ATOM   976  C  C   . LEU A 1 158 ? 4.754   21.197  17.802  1.000 40.383  0 1049 LEU A C   1 ? 
ATOM   977  O  O   . LEU A 1 158 ? 5.048   21.755  18.853  1.000 38.313  0 1049 LEU A O   1 ? 
ATOM   978  C  CB  . LEU A 1 158 ? 6.452   19.583  16.961  1.000 39.573  0 1049 LEU A CB  1 ? 
ATOM   979  C  CG  . LEU A 1 158 ? 6.984   18.178  16.657  1.000 40.425  0 1049 LEU A CG  1 ? 
ATOM   980  C  CD1 . LEU A 1 158 ? 8.435   18.253  16.211  1.000 37.650  0 1049 LEU A CD1 1 ? 
ATOM   981  C  CD2 . LEU A 1 158 ? 6.837   17.225  17.831  1.000 37.665  0 1049 LEU A CD2 1 ? 
ATOM   982  N  N   . GLY A 1 159 ? 4.185   21.824  16.770  1.000 41.197  0 1050 GLY A N   1 ? 
ATOM   983  C  CA  . GLY A 1 159 ? 3.883   23.241  16.755  1.000 43.694  0 1050 GLY A CA  1 ? 
ATOM   984  C  C   . GLY A 1 159 ? 2.725   23.626  17.671  1.000 52.053  0 1050 GLY A C   1 ? 
ATOM   985  O  O   . GLY A 1 159 ? 2.518   24.811  17.902  1.000 57.868  0 1050 GLY A O   1 ? 
ATOM   986  N  N   . GLN A 1 160 ? 1.971   22.635  18.170  1.000 54.589  0 1051 GLN A N   1 ? 
ATOM   987  C  CA  . GLN A 1 160 ? 0.801   22.904  18.989  1.000 68.153  0 1051 GLN A CA  1 ? 
ATOM   988  C  C   . GLN A 1 160 ? 0.905   22.155  20.314  1.000 76.787  0 1051 GLN A C   1 ? 
ATOM   989  O  O   . GLN A 1 160 ? 0.013   21.380  20.626  1.000 80.577  0 1051 GLN A O   1 ? 
ATOM   990  C  CB  . GLN A 1 160 ? -0.460  22.380  18.303  1.000 70.706  0 1051 GLN A CB  1 ? 
ATOM   991  C  CG  . GLN A 1 160 ? -0.610  22.777  16.842  1.000 77.817  0 1051 GLN A CG  1 ? 
ATOM   992  C  CD  . GLN A 1 160 ? -1.657  21.918  16.178  1.000 85.983  0 1051 GLN A CD  1 ? 
ATOM   993  O  OE1 . GLN A 1 160 ? -2.381  21.172  16.840  1.000 85.865  0 1051 GLN A OE1 1 ? 
ATOM   994  N  NE2 . GLN A 1 160 ? -1.743  22.012  14.860  1.000 90.638  0 1051 GLN A NE2 1 ? 
ATOM   995  N  N   . THR A 1 161 ? 1.989   22.358  21.077  1.000 84.831  0 1052 THR A N   1 ? 
ATOM   996  C  CA  . THR A 1 161 ? 2.088   21.771  22.410  1.000 107.075 0 1052 THR A CA  1 ? 
ATOM   997  C  C   . THR A 1 161 ? 1.557   22.773  23.441  1.000 122.737 0 1052 THR A C   1 ? 
ATOM   998  O  O   . THR A 1 161 ? 1.025   23.809  23.049  1.000 137.843 0 1052 THR A O   1 ? 
ATOM   999  C  CB  . THR A 1 161 ? 3.495   21.219  22.685  1.000 103.599 0 1052 THR A CB  1 ? 
ATOM   1000 O  OG1 . THR A 1 161 ? 4.399   22.323  22.693  1.000 106.786 0 1052 THR A OG1 1 ? 
ATOM   1001 C  CG2 . THR A 1 161 ? 3.926   20.181  21.670  1.000 94.561  0 1052 THR A CG2 1 ? 
ATOM   1002 N  N   . ARG A 1 162 ? 1.694   22.465  24.743  1.000 122.111 0 1053 ARG A N   1 ? 
ATOM   1003 C  CA  . ARG A 1 162 ? 1.164   23.312  25.811  1.000 121.747 0 1053 ARG A CA  1 ? 
ATOM   1004 C  C   . ARG A 1 162 ? 2.096   23.273  27.029  1.000 124.678 0 1053 ARG A C   1 ? 
ATOM   1005 O  O   . ARG A 1 162 ? 2.531   22.186  27.408  1.000 129.052 0 1053 ARG A O   1 ? 
ATOM   1006 C  CB  . ARG A 1 162 ? -0.274  22.893  26.145  1.000 117.630 0 1053 ARG A CB  1 ? 
ATOM   1007 C  CG  . ARG A 1 162 ? -0.519  21.391  26.157  1.000 107.597 0 1053 ARG A CG  1 ? 
ATOM   1008 C  CD  . ARG A 1 162 ? -1.988  21.150  26.450  1.000 110.424 0 1053 ARG A CD  1 ? 
ATOM   1009 N  NE  . ARG A 1 162 ? -2.383  19.745  26.511  1.000 110.614 0 1053 ARG A NE  1 ? 
ATOM   1010 C  CZ  . ARG A 1 162 ? -3.642  19.302  26.582  1.000 109.154 0 1053 ARG A CZ  1 ? 
ATOM   1011 N  NH1 . ARG A 1 162 ? -4.653  20.159  26.591  1.000 101.860 0 1053 ARG A NH1 1 ? 
ATOM   1012 N  NH2 . ARG A 1 162 ? -3.888  18.003  26.630  1.000 101.164 0 1053 ARG A NH2 1 ? 
ATOM   1013 N  N   . PRO A 1 163 ? 2.420   24.423  27.691  1.000 123.281 0 1054 PRO A N   1 ? 
ATOM   1014 C  CA  . PRO A 1 163 ? 3.499   24.483  28.689  1.000 119.510 0 1054 PRO A CA  1 ? 
ATOM   1015 C  C   . PRO A 1 163 ? 3.506   23.449  29.825  1.000 124.087 0 1054 PRO A C   1 ? 
ATOM   1016 O  O   . PRO A 1 163 ? 4.522   22.788  30.021  1.000 123.208 0 1054 PRO A O   1 ? 
ATOM   1017 C  CB  . PRO A 1 163 ? 3.530   25.940  29.197  1.000 103.299 0 1054 PRO A CB  1 ? 
ATOM   1018 C  CG  . PRO A 1 163 ? 2.216   26.535  28.733  1.000 106.238 0 1054 PRO A CG  1 ? 
ATOM   1019 C  CD  . PRO A 1 163 ? 1.779   25.741  27.516  1.000 113.565 0 1054 PRO A CD  1 ? 
ATOM   1020 N  N   . HIS A 1 164 ? 2.392   23.329  30.569  1.000 122.712 0 1055 HIS A N   1 ? 
ATOM   1021 C  CA  . HIS A 1 164 ? 2.173   22.298  31.588  1.000 120.978 0 1055 HIS A CA  1 ? 
ATOM   1022 C  C   . HIS A 1 164 ? 0.804   22.518  32.256  1.000 113.060 0 1055 HIS A C   1 ? 
ATOM   1023 O  O   . HIS A 1 164 ? 0.743   22.496  33.511  1.000 95.478  0 1055 HIS A O   1 ? 
ATOM   1024 C  CB  . HIS A 1 164 ? 3.350   22.179  32.595  1.000 115.285 0 1055 HIS A CB  1 ? 
ATOM   1025 C  CG  . HIS A 1 164 ? 4.189   20.936  32.494  1.000 94.832  0 1055 HIS A CG  1 ? 
ATOM   1026 N  ND1 . HIS A 1 164 ? 4.478   20.308  31.288  1.000 87.532  0 1055 HIS A ND1 1 ? 
ATOM   1027 C  CD2 . HIS A 1 164 ? 4.846   20.225  33.439  1.000 84.610  0 1055 HIS A CD2 1 ? 
ATOM   1028 C  CE1 . HIS A 1 164 ? 5.249   19.257  31.501  1.000 79.688  0 1055 HIS A CE1 1 ? 
ATOM   1029 N  NE2 . HIS A 1 164 ? 5.497   19.187  32.810  1.000 65.327  0 1055 HIS A NE2 1 ? 
HETATM 1030 ZN ZN  . ZN  B 2 .   ? -10.889 13.342  12.735  1.000 38.475  2 1101 ZN  A ZN  1 ? 
HETATM 1031 ZN ZN  . ZN  C 2 .   ? 6.545   0.708   -12.154 1.000 44.665  2 1102 ZN  A ZN  1 ? 
HETATM 1032 O  O   . HOH D 3 .   ? 7.269   11.316  10.810  1.000 56.244  0 1201 HOH A O   1 ? 
HETATM 1033 O  O   . HOH D 3 .   ? 8.571   5.075   -8.032  1.000 48.243  0 1202 HOH A O   1 ? 
HETATM 1034 O  O   . HOH D 3 .   ? -2.074  14.249  0.274   1.000 52.927  0 1203 HOH A O   1 ? 
HETATM 1035 O  O   . HOH D 3 .   ? -4.314  12.765  1.048   1.000 51.059  0 1204 HOH A O   1 ? 
HETATM 1036 O  O   . HOH D 3 .   ? 0.707   -15.038 1.141   1.000 46.693  0 1205 HOH A O   1 ? 
HETATM 1037 O  O   . HOH D 3 .   ? -11.422 11.917  11.399  1.000 45.496  0 1206 HOH A O   1 ? 
HETATM 1038 O  O   . HOH D 3 .   ? -9.028  6.211   9.159   1.000 48.705  0 1207 HOH A O   1 ? 
HETATM 1039 O  O   . HOH D 3 .   ? 0.932   23.538  14.501  1.000 56.904  0 1208 HOH A O   1 ? 
HETATM 1040 O  O   . HOH D 3 .   ? 5.332   -9.750  4.587   1.000 55.051  0 1209 HOH A O   1 ? 
HETATM 1041 O  O   . HOH D 3 .   ? 2.515   -3.116  6.823   1.000 31.082  0 1210 HOH A O   1 ? 
HETATM 1042 O  O   . HOH D 3 .   ? -12.664 11.618  6.089   1.000 44.881  0 1211 HOH A O   1 ? 
HETATM 1043 O  O   . HOH D 3 .   ? -8.973  17.146  8.664   1.000 40.046  0 1212 HOH A O   1 ? 
HETATM 1044 O  O   . HOH D 3 .   ? 14.201  -10.582 2.824   1.000 44.882  0 1213 HOH A O   1 ? 
HETATM 1045 O  O   . HOH D 3 .   ? -2.002  7.308   -0.293  1.000 35.493  0 1214 HOH A O   1 ? 
HETATM 1046 O  O   . HOH D 3 .   ? -6.779  17.250  6.135   1.000 38.399  0 1215 HOH A O   1 ? 
HETATM 1047 O  O   . HOH D 3 .   ? 6.053   -2.659  -9.956  1.000 68.940  0 1216 HOH A O   1 ? 
HETATM 1048 O  O   . HOH D 3 .   ? 2.058   9.768   15.629  1.000 60.216  0 1217 HOH A O   1 ? 
HETATM 1049 O  O   . HOH D 3 .   ? 7.613   -7.381  3.764   1.000 38.653  0 1218 HOH A O   1 ? 
HETATM 1050 O  O   . HOH D 3 .   ? -5.871  21.057  13.968  1.000 53.498  0 1219 HOH A O   1 ? 
HETATM 1051 O  O   . HOH D 3 .   ? 9.768   16.652  7.005   1.000 40.311  0 1220 HOH A O   1 ? 
HETATM 1052 O  O   . HOH D 3 .   ? -12.825 -1.784  1.881   1.000 61.150  0 1221 HOH A O   1 ? 
HETATM 1053 O  O   . HOH D 3 .   ? -11.167 1.409   13.986  1.000 62.427  0 1222 HOH A O   1 ? 
HETATM 1054 O  O   . HOH D 3 .   ? 13.278  -5.056  -0.236  1.000 58.182  0 1223 HOH A O   1 ? 
HETATM 1055 O  O   . HOH D 3 .   ? -12.490 -1.848  4.676   1.000 51.523  0 1224 HOH A O   1 ? 
HETATM 1056 O  O   . HOH D 3 .   ? -7.254  -12.150 -1.841  1.000 58.665  0 1225 HOH A O   1 ? 
# 
loop_
_pdbx_poly_seq_scheme.asym_id 
_pdbx_poly_seq_scheme.entity_id 
_pdbx_poly_seq_scheme.seq_id 
_pdbx_poly_seq_scheme.mon_id 
_pdbx_poly_seq_scheme.ndb_seq_num 
_pdbx_poly_seq_scheme.pdb_seq_num 
_pdbx_poly_seq_scheme.auth_seq_num 
_pdbx_poly_seq_scheme.pdb_mon_id 
_pdbx_poly_seq_scheme.auth_mon_id 
_pdbx_poly_seq_scheme.pdb_strand_id 
_pdbx_poly_seq_scheme.pdb_ins_code 
_pdbx_poly_seq_scheme.hetero 
A 1 1   SER 1   892  ?    ?   ?   A . n 
A 1 2   SER 2   893  ?    ?   ?   A . n 
A 1 3   PRO 3   894  ?    ?   ?   A . n 
A 1 4   ALA 4   895  ?    ?   ?   A . n 
A 1 5   ASP 5   896  ?    ?   ?   A . n 
A 1 6   SER 6   897  ?    ?   ?   A . n 
A 1 7   TYR 7   898  ?    ?   ?   A . n 
A 1 8   ASN 8   899  ?    ?   ?   A . n 
A 1 9   GLU 9   900  ?    ?   ?   A . n 
A 1 10  GLY 10  901  ?    ?   ?   A . n 
A 1 11  VAL 11  902  ?    ?   ?   A . n 
A 1 12  LYS 12  903  ?    ?   ?   A . n 
A 1 13  PRO 13  904  ?    ?   ?   A . n 
A 1 14  TRP 14  905  ?    ?   ?   A . n 
A 1 15  ARG 15  906  ?    ?   ?   A . n 
A 1 16  LEU 16  907  ?    ?   ?   A . n 
A 1 17  GLN 17  908  ?    ?   ?   A . n 
A 1 18  PRO 18  909  ?    ?   ?   A . n 
A 1 19  GLN 19  910  ?    ?   ?   A . n 
A 1 20  GLU 20  911  ?    ?   ?   A . n 
A 1 21  ILE 21  912  ?    ?   ?   A . n 
A 1 22  SER 22  913  ?    ?   ?   A . n 
A 1 23  PRO 23  914  ?    ?   ?   A . n 
A 1 24  PRO 24  915  ?    ?   ?   A . n 
A 1 25  PRO 25  916  ?    ?   ?   A . n 
A 1 26  THR 26  917  ?    ?   ?   A . n 
A 1 27  ALA 27  918  ?    ?   ?   A . n 
A 1 28  ASN 28  919  ?    ?   ?   A . n 
A 1 29  LEU 29  920  ?    ?   ?   A . n 
A 1 30  ASP 30  921  ?    ?   ?   A . n 
A 1 31  ARG 31  922  ?    ?   ?   A . n 
A 1 32  SER 32  923  ?    ?   ?   A . n 
A 1 33  ASN 33  924  924  ASN ASN A . n 
A 1 34  ASP 34  925  925  ASP ASP A . n 
A 1 35  LYS 35  926  926  LYS LYS A . n 
A 1 36  VAL 36  927  927  VAL VAL A . n 
A 1 37  TYR 37  928  928  TYR TYR A . n 
A 1 38  GLU 38  929  929  GLU GLU A . n 
A 1 39  ASN 39  930  930  ASN ASN A . n 
A 1 40  VAL 40  931  931  VAL VAL A . n 
A 1 41  THR 41  932  932  THR THR A . n 
A 1 42  GLY 42  933  933  GLY GLY A . n 
A 1 43  LEU 43  934  934  LEU LEU A . n 
A 1 44  VAL 44  935  935  VAL VAL A . n 
A 1 45  LYS 45  936  936  LYS LYS A . n 
A 1 46  ALA 46  937  937  ALA ALA A . n 
A 1 47  VAL 47  938  938  VAL VAL A . n 
A 1 48  ILE 48  939  939  ILE ILE A . n 
A 1 49  GLU 49  940  940  GLU GLU A . n 
A 1 50  MET 50  941  941  MET MET A . n 
A 1 51  SER 51  942  942  SER SER A . n 
A 1 52  SER 52  943  943  SER SER A . n 
A 1 53  LYS 53  944  944  LYS LYS A . n 
A 1 54  ILE 54  945  945  ILE ILE A . n 
A 1 55  GLN 55  946  946  GLN GLN A . n 
A 1 56  PRO 56  947  947  PRO PRO A . n 
A 1 57  ALA 57  948  948  ALA ALA A . n 
A 1 58  PRO 58  949  949  PRO PRO A . n 
A 1 59  PRO 59  950  950  PRO PRO A . n 
A 1 60  GLU 60  951  951  GLU GLU A . n 
A 1 61  GLU 61  952  952  GLU GLU A . n 
A 1 62  TYR 62  953  953  TYR TYR A . n 
A 1 63  VAL 63  954  954  VAL VAL A . n 
A 1 64  PRO 64  955  955  PRO PRO A . n 
A 1 65  MET 65  956  956  MET MET A . n 
A 1 66  VAL 66  957  957  VAL VAL A . n 
A 1 67  LYS 67  958  958  LYS LYS A . n 
A 1 68  GLU 68  959  959  GLU GLU A . n 
A 1 69  VAL 69  960  960  VAL VAL A . n 
A 1 70  GLY 70  961  961  GLY GLY A . n 
A 1 71  LEU 71  962  962  LEU LEU A . n 
A 1 72  ALA 72  963  963  ALA ALA A . n 
A 1 73  LEU 73  964  964  LEU LEU A . n 
A 1 74  ARG 74  965  965  ARG ARG A . n 
A 1 75  THR 75  966  966  THR THR A . n 
A 1 76  LEU 76  967  967  LEU LEU A . n 
A 1 77  LEU 77  968  968  LEU LEU A . n 
A 1 78  ALA 78  969  969  ALA ALA A . n 
A 1 79  THR 79  970  970  THR THR A . n 
A 1 80  VAL 80  971  971  VAL VAL A . n 
A 1 81  ASP 81  972  972  ASP ASP A . n 
A 1 82  GLU 82  973  973  GLU GLU A . n 
A 1 83  THR 83  974  974  THR THR A . n 
A 1 84  ILE 84  975  975  ILE ILE A . n 
A 1 85  PRO 85  976  976  PRO PRO A . n 
A 1 86  LEU 86  977  977  LEU LEU A . n 
A 1 87  LEU 87  978  978  LEU LEU A . n 
A 1 88  PRO 88  979  979  PRO PRO A . n 
A 1 89  ALA 89  980  980  ALA ALA A . n 
A 1 90  SER 90  981  981  SER SER A . n 
A 1 91  THR 91  982  982  THR THR A . n 
A 1 92  HIS 92  983  983  HIS HIS A . n 
A 1 93  ARG 93  984  984  ARG ARG A . n 
A 1 94  GLU 94  985  985  GLU GLU A . n 
A 1 95  ILE 95  986  986  ILE ILE A . n 
A 1 96  GLU 96  987  987  GLU GLU A . n 
A 1 97  MET 97  988  988  MET MET A . n 
A 1 98  ALA 98  989  989  ALA ALA A . n 
A 1 99  GLN 99  990  990  GLN GLN A . n 
A 1 100 LYS 100 991  991  LYS LYS A . n 
A 1 101 LEU 101 992  992  LEU LEU A . n 
A 1 102 LEU 102 993  993  LEU LEU A . n 
A 1 103 ASN 103 994  994  ASN ASN A . n 
A 1 104 SER 104 995  995  SER SER A . n 
A 1 105 ASP 105 996  996  ASP ASP A . n 
A 1 106 LEU 106 997  997  LEU LEU A . n 
A 1 107 GLY 107 998  998  GLY GLY A . n 
A 1 108 GLU 108 999  999  GLU GLU A . n 
A 1 109 LEU 109 1000 1000 LEU LEU A . n 
A 1 110 ILE 110 1001 1001 ILE ILE A . n 
A 1 111 ASN 111 1002 1002 ASN ASN A . n 
A 1 112 LYS 112 1003 1003 LYS LYS A . n 
A 1 113 MET 113 1004 1004 MET MET A . n 
A 1 114 LYS 114 1005 1005 LYS LYS A . n 
A 1 115 LEU 115 1006 1006 LEU LEU A . n 
A 1 116 ALA 116 1007 1007 ALA ALA A . n 
A 1 117 GLN 117 1008 1008 GLN GLN A . n 
A 1 118 GLN 118 1009 1009 GLN GLN A . n 
A 1 119 TYR 119 1010 1010 TYR TYR A . n 
A 1 120 VAL 120 1011 1011 VAL VAL A . n 
A 1 121 MET 121 1012 1012 MET MET A . n 
A 1 122 THR 122 1013 1013 THR THR A . n 
A 1 123 SER 123 1014 1014 SER SER A . n 
A 1 124 LEU 124 1015 1015 LEU LEU A . n 
A 1 125 GLN 125 1016 1016 GLN GLN A . n 
A 1 126 GLN 126 1017 1017 GLN GLN A . n 
A 1 127 GLU 127 1018 1018 GLU GLU A . n 
A 1 128 TYR 128 1019 1019 TYR TYR A . n 
A 1 129 LYS 129 1020 1020 LYS LYS A . n 
A 1 130 LYS 130 1021 1021 LYS LYS A . n 
A 1 131 GLN 131 1022 1022 GLN GLN A . n 
A 1 132 MET 132 1023 1023 MET MET A . n 
A 1 133 LEU 133 1024 1024 LEU LEU A . n 
A 1 134 THR 134 1025 1025 THR THR A . n 
A 1 135 ALA 135 1026 1026 ALA ALA A . n 
A 1 136 ALA 136 1027 1027 ALA ALA A . n 
A 1 137 HIS 137 1028 1028 HIS HIS A . n 
A 1 138 ALA 138 1029 1029 ALA ALA A . n 
A 1 139 LEU 139 1030 1030 LEU LEU A . n 
A 1 140 ALA 140 1031 1031 ALA ALA A . n 
A 1 141 VAL 141 1032 1032 VAL VAL A . n 
A 1 142 ASP 142 1033 1033 ASP ASP A . n 
A 1 143 ALA 143 1034 1034 ALA ALA A . n 
A 1 144 LYS 144 1035 1035 LYS LYS A . n 
A 1 145 ASN 145 1036 1036 ASN ASN A . n 
A 1 146 LEU 146 1037 1037 LEU LEU A . n 
A 1 147 LEU 147 1038 1038 LEU LEU A . n 
A 1 148 ASP 148 1039 1039 ASP ASP A . n 
A 1 149 VAL 149 1040 1040 VAL VAL A . n 
A 1 150 ILE 150 1041 1041 ILE ILE A . n 
A 1 151 ASP 151 1042 1042 ASP ASP A . n 
A 1 152 GLN 152 1043 1043 GLN GLN A . n 
A 1 153 ALA 153 1044 1044 ALA ALA A . n 
A 1 154 ARG 154 1045 1045 ARG ARG A . n 
A 1 155 LEU 155 1046 1046 LEU LEU A . n 
A 1 156 LYS 156 1047 1047 LYS LYS A . n 
A 1 157 MET 157 1048 1048 MET MET A . n 
A 1 158 LEU 158 1049 1049 LEU LEU A . n 
A 1 159 GLY 159 1050 1050 GLY GLY A . n 
A 1 160 GLN 160 1051 1051 GLN GLN A . n 
A 1 161 THR 161 1052 1052 THR THR A . n 
A 1 162 ARG 162 1053 1053 ARG ARG A . n 
A 1 163 PRO 163 1054 1054 PRO PRO A . n 
A 1 164 HIS 164 1055 1055 HIS HIS A . n 
# 
_pdbx_contact_author.id                 3 
_pdbx_contact_author.email              stefan.arold@kaust.edu.sa 
_pdbx_contact_author.name_first         Stefan 
_pdbx_contact_author.name_last          Arold 
_pdbx_contact_author.name_mi            T 
_pdbx_contact_author.role               'principal investigator/group leader' 
_pdbx_contact_author.identifier_ORCID   0000-0001-5278-0668 
# 
loop_
_pdbx_nonpoly_scheme.asym_id 
_pdbx_nonpoly_scheme.entity_id 
_pdbx_nonpoly_scheme.mon_id 
_pdbx_nonpoly_scheme.ndb_seq_num 
_pdbx_nonpoly_scheme.pdb_seq_num 
_pdbx_nonpoly_scheme.auth_seq_num 
_pdbx_nonpoly_scheme.pdb_mon_id 
_pdbx_nonpoly_scheme.auth_mon_id 
_pdbx_nonpoly_scheme.pdb_strand_id 
_pdbx_nonpoly_scheme.pdb_ins_code 
B 2 ZN  1  1101 1056 ZN  ZN  A . 
C 2 ZN  1  1102 1057 ZN  ZN  A . 
D 3 HOH 1  1201 1071 HOH HOH A . 
D 3 HOH 2  1202 1109 HOH HOH A . 
D 3 HOH 3  1203 1068 HOH HOH A . 
D 3 HOH 4  1204 1066 HOH HOH A . 
D 3 HOH 5  1205 1086 HOH HOH A . 
D 3 HOH 6  1206 1059 HOH HOH A . 
D 3 HOH 7  1207 1070 HOH HOH A . 
D 3 HOH 8  1208 1076 HOH HOH A . 
D 3 HOH 9  1209 1100 HOH HOH A . 
D 3 HOH 10 1210 1060 HOH HOH A . 
D 3 HOH 11 1211 1074 HOH HOH A . 
D 3 HOH 12 1212 1061 HOH HOH A . 
D 3 HOH 13 1213 1072 HOH HOH A . 
D 3 HOH 14 1214 1062 HOH HOH A . 
D 3 HOH 15 1215 1063 HOH HOH A . 
D 3 HOH 16 1216 1114 HOH HOH A . 
D 3 HOH 17 1217 1098 HOH HOH A . 
D 3 HOH 18 1218 1064 HOH HOH A . 
D 3 HOH 19 1219 1113 HOH HOH A . 
D 3 HOH 20 1220 1115 HOH HOH A . 
D 3 HOH 21 1221 1082 HOH HOH A . 
D 3 HOH 22 1222 1104 HOH HOH A . 
D 3 HOH 23 1223 1091 HOH HOH A . 
D 3 HOH 24 1224 1081 HOH HOH A . 
D 3 HOH 25 1225 1096 HOH HOH A . 
# 
_pdbx_struct_assembly.id                   1 
_pdbx_struct_assembly.details              author_and_software_defined_assembly 
_pdbx_struct_assembly.method_details       PISA 
_pdbx_struct_assembly.oligomeric_details   monomeric 
_pdbx_struct_assembly.oligomeric_count     1 
# 
_pdbx_struct_assembly_gen.assembly_id       1 
_pdbx_struct_assembly_gen.oper_expression   1 
_pdbx_struct_assembly_gen.asym_id_list      A,B,C,D 
# 
loop_
_pdbx_struct_assembly_prop.biol_id 
_pdbx_struct_assembly_prop.type 
_pdbx_struct_assembly_prop.value 
_pdbx_struct_assembly_prop.details 
1 'ABSA (A^2)' 80   ? 
1 MORE         -22  ? 
1 'SSA (A^2)'  8120 ? 
# 
_pdbx_struct_oper_list.id                   1 
_pdbx_struct_oper_list.type                 'identity operation' 
_pdbx_struct_oper_list.name                 1_555 
_pdbx_struct_oper_list.symmetry_operation   x,y,z 
_pdbx_struct_oper_list.matrix[1][1]         1.0000000000 
_pdbx_struct_oper_list.matrix[1][2]         0.0000000000 
_pdbx_struct_oper_list.matrix[1][3]         0.0000000000 
_pdbx_struct_oper_list.vector[1]            0.0000000000 
_pdbx_struct_oper_list.matrix[2][1]         0.0000000000 
_pdbx_struct_oper_list.matrix[2][2]         1.0000000000 
_pdbx_struct_oper_list.matrix[2][3]         0.0000000000 
_pdbx_struct_oper_list.vector[2]            0.0000000000 
_pdbx_struct_oper_list.matrix[3][1]         0.0000000000 
_pdbx_struct_oper_list.matrix[3][2]         0.0000000000 
_pdbx_struct_oper_list.matrix[3][3]         1.0000000000 
_pdbx_struct_oper_list.vector[3]            0.0000000000 
# 
loop_
_pdbx_struct_conn_angle.id 
_pdbx_struct_conn_angle.ptnr1_label_atom_id 
_pdbx_struct_conn_angle.ptnr1_label_alt_id 
_pdbx_struct_conn_angle.ptnr1_label_asym_id 
_pdbx_struct_conn_angle.ptnr1_label_comp_id 
_pdbx_struct_conn_angle.ptnr1_label_seq_id 
_pdbx_struct_conn_angle.ptnr1_auth_atom_id 
_pdbx_struct_conn_angle.ptnr1_auth_asym_id 
_pdbx_struct_conn_angle.ptnr1_auth_comp_id 
_pdbx_struct_conn_angle.ptnr1_auth_seq_id 
_pdbx_struct_conn_angle.ptnr1_PDB_ins_code 
_pdbx_struct_conn_angle.ptnr1_symmetry 
_pdbx_struct_conn_angle.ptnr2_label_atom_id 
_pdbx_struct_conn_angle.ptnr2_label_alt_id 
_pdbx_struct_conn_angle.ptnr2_label_asym_id 
_pdbx_struct_conn_angle.ptnr2_label_comp_id 
_pdbx_struct_conn_angle.ptnr2_label_seq_id 
_pdbx_struct_conn_angle.ptnr2_auth_atom_id 
_pdbx_struct_conn_angle.ptnr2_auth_asym_id 
_pdbx_struct_conn_angle.ptnr2_auth_comp_id 
_pdbx_struct_conn_angle.ptnr2_auth_seq_id 
_pdbx_struct_conn_angle.ptnr2_PDB_ins_code 
_pdbx_struct_conn_angle.ptnr2_symmetry 
_pdbx_struct_conn_angle.ptnr3_label_atom_id 
_pdbx_struct_conn_angle.ptnr3_label_alt_id 
_pdbx_struct_conn_angle.ptnr3_label_asym_id 
_pdbx_struct_conn_angle.ptnr3_label_comp_id 
_pdbx_struct_conn_angle.ptnr3_label_seq_id 
_pdbx_struct_conn_angle.ptnr3_auth_atom_id 
_pdbx_struct_conn_angle.ptnr3_auth_asym_id 
_pdbx_struct_conn_angle.ptnr3_auth_comp_id 
_pdbx_struct_conn_angle.ptnr3_auth_seq_id 
_pdbx_struct_conn_angle.ptnr3_PDB_ins_code 
_pdbx_struct_conn_angle.ptnr3_symmetry 
_pdbx_struct_conn_angle.value 
_pdbx_struct_conn_angle.value_esd 
1 OE1 ? A GLU 49  ? A GLU 940  ? 1_555 ZN ? B ZN . ? A ZN 1101 ? 3_555 OE2 ? A GLU 68  ? A GLU 959  ? 1_555 124.4 ? 
2 OE1 ? A GLU 49  ? A GLU 940  ? 1_555 ZN ? B ZN . ? A ZN 1101 ? 3_555 ND1 ? A HIS 92  ? A HIS 983  ? 1_555 102.9 ? 
3 OE2 ? A GLU 68  ? A GLU 959  ? 1_555 ZN ? B ZN . ? A ZN 1101 ? 3_555 ND1 ? A HIS 92  ? A HIS 983  ? 1_555 42.1  ? 
4 ND1 ? A HIS 137 ? A HIS 1028 ? 1_555 ZN ? C ZN . ? A ZN 1102 ? 1_555 OD2 ? A ASP 151 ? A ASP 1042 ? 1_555 7.6   ? 
5 ND1 ? A HIS 137 ? A HIS 1028 ? 1_555 ZN ? C ZN . ? A ZN 1102 ? 1_555 NE2 ? A HIS 164 ? A HIS 1055 ? 1_555 9.8   ? 
6 OD2 ? A ASP 151 ? A ASP 1042 ? 1_555 ZN ? C ZN . ? A ZN 1102 ? 1_555 NE2 ? A HIS 164 ? A HIS 1055 ? 1_555 12.7  ? 
# 
loop_
_pdbx_audit_revision_history.ordinal 
_pdbx_audit_revision_history.data_content_type 
_pdbx_audit_revision_history.major_revision 
_pdbx_audit_revision_history.minor_revision 
_pdbx_audit_revision_history.revision_date 
1 'Structure model' 1 0 2022-12-21 
2 'Structure model' 1 1 2023-11-29 
# 
_pdbx_audit_revision_details.ordinal             1 
_pdbx_audit_revision_details.revision_ordinal    1 
_pdbx_audit_revision_details.data_content_type   'Structure model' 
_pdbx_audit_revision_details.provider            repository 
_pdbx_audit_revision_details.type                'Initial release' 
_pdbx_audit_revision_details.description         ? 
_pdbx_audit_revision_details.details             ? 
# 
loop_
_pdbx_audit_revision_group.ordinal 
_pdbx_audit_revision_group.revision_ordinal 
_pdbx_audit_revision_group.data_content_type 
_pdbx_audit_revision_group.group 
1 2 'Structure model' 'Data collection'        
2 2 'Structure model' 'Refinement description' 
# 
loop_
_pdbx_audit_revision_category.ordinal 
_pdbx_audit_revision_category.revision_ordinal 
_pdbx_audit_revision_category.data_content_type 
_pdbx_audit_revision_category.category 
1 2 'Structure model' chem_comp_atom                
2 2 'Structure model' chem_comp_bond                
3 2 'Structure model' pdbx_initial_refinement_model 
# 
loop_
_software.citation_id 
_software.classification 
_software.compiler_name 
_software.compiler_version 
_software.contact_author 
_software.contact_author_email 
_software.date 
_software.description 
_software.dependencies 
_software.hardware 
_software.language 
_software.location 
_software.mods 
_software.name 
_software.os 
_software.os_version 
_software.type 
_software.version 
_software.pdbx_ordinal 
? refinement       ? ? ? ? ? ? ? ? ? ? ? REFMAC  ? ? ? 5.8.0267               1 
? 'data reduction' ? ? ? ? ? ? ? ? ? ? ? XDS     ? ? ? 'Version Jan 31, 2020' 2 
? 'data scaling'   ? ? ? ? ? ? ? ? ? ? ? Aimless ? ? ? 0.7.4                  3 
? phasing          ? ? ? ? ? ? ? ? ? ? ? MoRDa   ? ? ? 1.4.01                 4 
# 
_pdbx_entry_details.entry_id                 7W8I 
_pdbx_entry_details.has_ligand_of_interest   Y 
_pdbx_entry_details.compound_details         ? 
_pdbx_entry_details.source_details           ? 
_pdbx_entry_details.nonpolymer_details       ? 
_pdbx_entry_details.sequence_details         ? 
# 
loop_
_pdbx_validate_torsion.id 
_pdbx_validate_torsion.PDB_model_num 
_pdbx_validate_torsion.auth_comp_id 
_pdbx_validate_torsion.auth_asym_id 
_pdbx_validate_torsion.auth_seq_id 
_pdbx_validate_torsion.PDB_ins_code 
_pdbx_validate_torsion.label_alt_id 
_pdbx_validate_torsion.phi 
_pdbx_validate_torsion.psi 
1 1 PRO A 947  ? ? -90.99  48.01   
2 1 THR A 1013 ? ? -118.24 -167.92 
# 
loop_
_pdbx_unobs_or_zero_occ_residues.id 
_pdbx_unobs_or_zero_occ_residues.PDB_model_num 
_pdbx_unobs_or_zero_occ_residues.polymer_flag 
_pdbx_unobs_or_zero_occ_residues.occupancy_flag 
_pdbx_unobs_or_zero_occ_residues.auth_asym_id 
_pdbx_unobs_or_zero_occ_residues.auth_comp_id 
_pdbx_unobs_or_zero_occ_residues.auth_seq_id 
_pdbx_unobs_or_zero_occ_residues.PDB_ins_code 
_pdbx_unobs_or_zero_occ_residues.label_asym_id 
_pdbx_unobs_or_zero_occ_residues.label_comp_id 
_pdbx_unobs_or_zero_occ_residues.label_seq_id 
1  1 Y 1 A SER 892 ? A SER 1  
2  1 Y 1 A SER 893 ? A SER 2  
3  1 Y 1 A PRO 894 ? A PRO 3  
4  1 Y 1 A ALA 895 ? A ALA 4  
5  1 Y 1 A ASP 896 ? A ASP 5  
6  1 Y 1 A SER 897 ? A SER 6  
7  1 Y 1 A TYR 898 ? A TYR 7  
8  1 Y 1 A ASN 899 ? A ASN 8  
9  1 Y 1 A GLU 900 ? A GLU 9  
10 1 Y 1 A GLY 901 ? A GLY 10 
11 1 Y 1 A VAL 902 ? A VAL 11 
12 1 Y 1 A LYS 903 ? A LYS 12 
13 1 Y 1 A PRO 904 ? A PRO 13 
14 1 Y 1 A TRP 905 ? A TRP 14 
15 1 Y 1 A ARG 906 ? A ARG 15 
16 1 Y 1 A LEU 907 ? A LEU 16 
17 1 Y 1 A GLN 908 ? A GLN 17 
18 1 Y 1 A PRO 909 ? A PRO 18 
19 1 Y 1 A GLN 910 ? A GLN 19 
20 1 Y 1 A GLU 911 ? A GLU 20 
21 1 Y 1 A ILE 912 ? A ILE 21 
22 1 Y 1 A SER 913 ? A SER 22 
23 1 Y 1 A PRO 914 ? A PRO 23 
24 1 Y 1 A PRO 915 ? A PRO 24 
25 1 Y 1 A PRO 916 ? A PRO 25 
26 1 Y 1 A THR 917 ? A THR 26 
27 1 Y 1 A ALA 918 ? A ALA 27 
28 1 Y 1 A ASN 919 ? A ASN 28 
29 1 Y 1 A LEU 920 ? A LEU 29 
30 1 Y 1 A ASP 921 ? A ASP 30 
31 1 Y 1 A ARG 922 ? A ARG 31 
32 1 Y 1 A SER 923 ? A SER 32 
# 
loop_
_chem_comp_atom.comp_id 
_chem_comp_atom.atom_id 
_chem_comp_atom.type_symbol 
_chem_comp_atom.pdbx_aromatic_flag 
_chem_comp_atom.pdbx_stereo_config 
_chem_comp_atom.pdbx_ordinal 
ALA N    N  N N 1   
ALA CA   C  N S 2   
ALA C    C  N N 3   
ALA O    O  N N 4   
ALA CB   C  N N 5   
ALA OXT  O  N N 6   
ALA H    H  N N 7   
ALA H2   H  N N 8   
ALA HA   H  N N 9   
ALA HB1  H  N N 10  
ALA HB2  H  N N 11  
ALA HB3  H  N N 12  
ALA HXT  H  N N 13  
ARG N    N  N N 14  
ARG CA   C  N S 15  
ARG C    C  N N 16  
ARG O    O  N N 17  
ARG CB   C  N N 18  
ARG CG   C  N N 19  
ARG CD   C  N N 20  
ARG NE   N  N N 21  
ARG CZ   C  N N 22  
ARG NH1  N  N N 23  
ARG NH2  N  N N 24  
ARG OXT  O  N N 25  
ARG H    H  N N 26  
ARG H2   H  N N 27  
ARG HA   H  N N 28  
ARG HB2  H  N N 29  
ARG HB3  H  N N 30  
ARG HG2  H  N N 31  
ARG HG3  H  N N 32  
ARG HD2  H  N N 33  
ARG HD3  H  N N 34  
ARG HE   H  N N 35  
ARG HH11 H  N N 36  
ARG HH12 H  N N 37  
ARG HH21 H  N N 38  
ARG HH22 H  N N 39  
ARG HXT  H  N N 40  
ASN N    N  N N 41  
ASN CA   C  N S 42  
ASN C    C  N N 43  
ASN O    O  N N 44  
ASN CB   C  N N 45  
ASN CG   C  N N 46  
ASN OD1  O  N N 47  
ASN ND2  N  N N 48  
ASN OXT  O  N N 49  
ASN H    H  N N 50  
ASN H2   H  N N 51  
ASN HA   H  N N 52  
ASN HB2  H  N N 53  
ASN HB3  H  N N 54  
ASN HD21 H  N N 55  
ASN HD22 H  N N 56  
ASN HXT  H  N N 57  
ASP N    N  N N 58  
ASP CA   C  N S 59  
ASP C    C  N N 60  
ASP O    O  N N 61  
ASP CB   C  N N 62  
ASP CG   C  N N 63  
ASP OD1  O  N N 64  
ASP OD2  O  N N 65  
ASP OXT  O  N N 66  
ASP H    H  N N 67  
ASP H2   H  N N 68  
ASP HA   H  N N 69  
ASP HB2  H  N N 70  
ASP HB3  H  N N 71  
ASP HD2  H  N N 72  
ASP HXT  H  N N 73  
GLN N    N  N N 74  
GLN CA   C  N S 75  
GLN C    C  N N 76  
GLN O    O  N N 77  
GLN CB   C  N N 78  
GLN CG   C  N N 79  
GLN CD   C  N N 80  
GLN OE1  O  N N 81  
GLN NE2  N  N N 82  
GLN OXT  O  N N 83  
GLN H    H  N N 84  
GLN H2   H  N N 85  
GLN HA   H  N N 86  
GLN HB2  H  N N 87  
GLN HB3  H  N N 88  
GLN HG2  H  N N 89  
GLN HG3  H  N N 90  
GLN HE21 H  N N 91  
GLN HE22 H  N N 92  
GLN HXT  H  N N 93  
GLU N    N  N N 94  
GLU CA   C  N S 95  
GLU C    C  N N 96  
GLU O    O  N N 97  
GLU CB   C  N N 98  
GLU CG   C  N N 99  
GLU CD   C  N N 100 
GLU OE1  O  N N 101 
GLU OE2  O  N N 102 
GLU OXT  O  N N 103 
GLU H    H  N N 104 
GLU H2   H  N N 105 
GLU HA   H  N N 106 
GLU HB2  H  N N 107 
GLU HB3  H  N N 108 
GLU HG2  H  N N 109 
GLU HG3  H  N N 110 
GLU HE2  H  N N 111 
GLU HXT  H  N N 112 
GLY N    N  N N 113 
GLY CA   C  N N 114 
GLY C    C  N N 115 
GLY O    O  N N 116 
GLY OXT  O  N N 117 
GLY H    H  N N 118 
GLY H2   H  N N 119 
GLY HA2  H  N N 120 
GLY HA3  H  N N 121 
GLY HXT  H  N N 122 
HIS N    N  N N 123 
HIS CA   C  N S 124 
HIS C    C  N N 125 
HIS O    O  N N 126 
HIS CB   C  N N 127 
HIS CG   C  Y N 128 
HIS ND1  N  Y N 129 
HIS CD2  C  Y N 130 
HIS CE1  C  Y N 131 
HIS NE2  N  Y N 132 
HIS OXT  O  N N 133 
HIS H    H  N N 134 
HIS H2   H  N N 135 
HIS HA   H  N N 136 
HIS HB2  H  N N 137 
HIS HB3  H  N N 138 
HIS HD1  H  N N 139 
HIS HD2  H  N N 140 
HIS HE1  H  N N 141 
HIS HE2  H  N N 142 
HIS HXT  H  N N 143 
HOH O    O  N N 144 
HOH H1   H  N N 145 
HOH H2   H  N N 146 
ILE N    N  N N 147 
ILE CA   C  N S 148 
ILE C    C  N N 149 
ILE O    O  N N 150 
ILE CB   C  N S 151 
ILE CG1  C  N N 152 
ILE CG2  C  N N 153 
ILE CD1  C  N N 154 
ILE OXT  O  N N 155 
ILE H    H  N N 156 
ILE H2   H  N N 157 
ILE HA   H  N N 158 
ILE HB   H  N N 159 
ILE HG12 H  N N 160 
ILE HG13 H  N N 161 
ILE HG21 H  N N 162 
ILE HG22 H  N N 163 
ILE HG23 H  N N 164 
ILE HD11 H  N N 165 
ILE HD12 H  N N 166 
ILE HD13 H  N N 167 
ILE HXT  H  N N 168 
LEU N    N  N N 169 
LEU CA   C  N S 170 
LEU C    C  N N 171 
LEU O    O  N N 172 
LEU CB   C  N N 173 
LEU CG   C  N N 174 
LEU CD1  C  N N 175 
LEU CD2  C  N N 176 
LEU OXT  O  N N 177 
LEU H    H  N N 178 
LEU H2   H  N N 179 
LEU HA   H  N N 180 
LEU HB2  H  N N 181 
LEU HB3  H  N N 182 
LEU HG   H  N N 183 
LEU HD11 H  N N 184 
LEU HD12 H  N N 185 
LEU HD13 H  N N 186 
LEU HD21 H  N N 187 
LEU HD22 H  N N 188 
LEU HD23 H  N N 189 
LEU HXT  H  N N 190 
LYS N    N  N N 191 
LYS CA   C  N S 192 
LYS C    C  N N 193 
LYS O    O  N N 194 
LYS CB   C  N N 195 
LYS CG   C  N N 196 
LYS CD   C  N N 197 
LYS CE   C  N N 198 
LYS NZ   N  N N 199 
LYS OXT  O  N N 200 
LYS H    H  N N 201 
LYS H2   H  N N 202 
LYS HA   H  N N 203 
LYS HB2  H  N N 204 
LYS HB3  H  N N 205 
LYS HG2  H  N N 206 
LYS HG3  H  N N 207 
LYS HD2  H  N N 208 
LYS HD3  H  N N 209 
LYS HE2  H  N N 210 
LYS HE3  H  N N 211 
LYS HZ1  H  N N 212 
LYS HZ2  H  N N 213 
LYS HZ3  H  N N 214 
LYS HXT  H  N N 215 
MET N    N  N N 216 
MET CA   C  N S 217 
MET C    C  N N 218 
MET O    O  N N 219 
MET CB   C  N N 220 
MET CG   C  N N 221 
MET SD   S  N N 222 
MET CE   C  N N 223 
MET OXT  O  N N 224 
MET H    H  N N 225 
MET H2   H  N N 226 
MET HA   H  N N 227 
MET HB2  H  N N 228 
MET HB3  H  N N 229 
MET HG2  H  N N 230 
MET HG3  H  N N 231 
MET HE1  H  N N 232 
MET HE2  H  N N 233 
MET HE3  H  N N 234 
MET HXT  H  N N 235 
PRO N    N  N N 236 
PRO CA   C  N S 237 
PRO C    C  N N 238 
PRO O    O  N N 239 
PRO CB   C  N N 240 
PRO CG   C  N N 241 
PRO CD   C  N N 242 
PRO OXT  O  N N 243 
PRO H    H  N N 244 
PRO HA   H  N N 245 
PRO HB2  H  N N 246 
PRO HB3  H  N N 247 
PRO HG2  H  N N 248 
PRO HG3  H  N N 249 
PRO HD2  H  N N 250 
PRO HD3  H  N N 251 
PRO HXT  H  N N 252 
SER N    N  N N 253 
SER CA   C  N S 254 
SER C    C  N N 255 
SER O    O  N N 256 
SER CB   C  N N 257 
SER OG   O  N N 258 
SER OXT  O  N N 259 
SER H    H  N N 260 
SER H2   H  N N 261 
SER HA   H  N N 262 
SER HB2  H  N N 263 
SER HB3  H  N N 264 
SER HG   H  N N 265 
SER HXT  H  N N 266 
THR N    N  N N 267 
THR CA   C  N S 268 
THR C    C  N N 269 
THR O    O  N N 270 
THR CB   C  N R 271 
THR OG1  O  N N 272 
THR CG2  C  N N 273 
THR OXT  O  N N 274 
THR H    H  N N 275 
THR H2   H  N N 276 
THR HA   H  N N 277 
THR HB   H  N N 278 
THR HG1  H  N N 279 
THR HG21 H  N N 280 
THR HG22 H  N N 281 
THR HG23 H  N N 282 
THR HXT  H  N N 283 
TRP N    N  N N 284 
TRP CA   C  N S 285 
TRP C    C  N N 286 
TRP O    O  N N 287 
TRP CB   C  N N 288 
TRP CG   C  Y N 289 
TRP CD1  C  Y N 290 
TRP CD2  C  Y N 291 
TRP NE1  N  Y N 292 
TRP CE2  C  Y N 293 
TRP CE3  C  Y N 294 
TRP CZ2  C  Y N 295 
TRP CZ3  C  Y N 296 
TRP CH2  C  Y N 297 
TRP OXT  O  N N 298 
TRP H    H  N N 299 
TRP H2   H  N N 300 
TRP HA   H  N N 301 
TRP HB2  H  N N 302 
TRP HB3  H  N N 303 
TRP HD1  H  N N 304 
TRP HE1  H  N N 305 
TRP HE3  H  N N 306 
TRP HZ2  H  N N 307 
TRP HZ3  H  N N 308 
TRP HH2  H  N N 309 
TRP HXT  H  N N 310 
TYR N    N  N N 311 
TYR CA   C  N S 312 
TYR C    C  N N 313 
TYR O    O  N N 314 
TYR CB   C  N N 315 
TYR CG   C  Y N 316 
TYR CD1  C  Y N 317 
TYR CD2  C  Y N 318 
TYR CE1  C  Y N 319 
TYR CE2  C  Y N 320 
TYR CZ   C  Y N 321 
TYR OH   O  N N 322 
TYR OXT  O  N N 323 
TYR H    H  N N 324 
TYR H2   H  N N 325 
TYR HA   H  N N 326 
TYR HB2  H  N N 327 
TYR HB3  H  N N 328 
TYR HD1  H  N N 329 
TYR HD2  H  N N 330 
TYR HE1  H  N N 331 
TYR HE2  H  N N 332 
TYR HH   H  N N 333 
TYR HXT  H  N N 334 
VAL N    N  N N 335 
VAL CA   C  N S 336 
VAL C    C  N N 337 
VAL O    O  N N 338 
VAL CB   C  N N 339 
VAL CG1  C  N N 340 
VAL CG2  C  N N 341 
VAL OXT  O  N N 342 
VAL H    H  N N 343 
VAL H2   H  N N 344 
VAL HA   H  N N 345 
VAL HB   H  N N 346 
VAL HG11 H  N N 347 
VAL HG12 H  N N 348 
VAL HG13 H  N N 349 
VAL HG21 H  N N 350 
VAL HG22 H  N N 351 
VAL HG23 H  N N 352 
VAL HXT  H  N N 353 
ZN  ZN   ZN N N 354 
# 
loop_
_chem_comp_bond.comp_id 
_chem_comp_bond.atom_id_1 
_chem_comp_bond.atom_id_2 
_chem_comp_bond.value_order 
_chem_comp_bond.pdbx_aromatic_flag 
_chem_comp_bond.pdbx_stereo_config 
_chem_comp_bond.pdbx_ordinal 
ALA N   CA   sing N N 1   
ALA N   H    sing N N 2   
ALA N   H2   sing N N 3   
ALA CA  C    sing N N 4   
ALA CA  CB   sing N N 5   
ALA CA  HA   sing N N 6   
ALA C   O    doub N N 7   
ALA C   OXT  sing N N 8   
ALA CB  HB1  sing N N 9   
ALA CB  HB2  sing N N 10  
ALA CB  HB3  sing N N 11  
ALA OXT HXT  sing N N 12  
ARG N   CA   sing N N 13  
ARG N   H    sing N N 14  
ARG N   H2   sing N N 15  
ARG CA  C    sing N N 16  
ARG CA  CB   sing N N 17  
ARG CA  HA   sing N N 18  
ARG C   O    doub N N 19  
ARG C   OXT  sing N N 20  
ARG CB  CG   sing N N 21  
ARG CB  HB2  sing N N 22  
ARG CB  HB3  sing N N 23  
ARG CG  CD   sing N N 24  
ARG CG  HG2  sing N N 25  
ARG CG  HG3  sing N N 26  
ARG CD  NE   sing N N 27  
ARG CD  HD2  sing N N 28  
ARG CD  HD3  sing N N 29  
ARG NE  CZ   sing N N 30  
ARG NE  HE   sing N N 31  
ARG CZ  NH1  sing N N 32  
ARG CZ  NH2  doub N N 33  
ARG NH1 HH11 sing N N 34  
ARG NH1 HH12 sing N N 35  
ARG NH2 HH21 sing N N 36  
ARG NH2 HH22 sing N N 37  
ARG OXT HXT  sing N N 38  
ASN N   CA   sing N N 39  
ASN N   H    sing N N 40  
ASN N   H2   sing N N 41  
ASN CA  C    sing N N 42  
ASN CA  CB   sing N N 43  
ASN CA  HA   sing N N 44  
ASN C   O    doub N N 45  
ASN C   OXT  sing N N 46  
ASN CB  CG   sing N N 47  
ASN CB  HB2  sing N N 48  
ASN CB  HB3  sing N N 49  
ASN CG  OD1  doub N N 50  
ASN CG  ND2  sing N N 51  
ASN ND2 HD21 sing N N 52  
ASN ND2 HD22 sing N N 53  
ASN OXT HXT  sing N N 54  
ASP N   CA   sing N N 55  
ASP N   H    sing N N 56  
ASP N   H2   sing N N 57  
ASP CA  C    sing N N 58  
ASP CA  CB   sing N N 59  
ASP CA  HA   sing N N 60  
ASP C   O    doub N N 61  
ASP C   OXT  sing N N 62  
ASP CB  CG   sing N N 63  
ASP CB  HB2  sing N N 64  
ASP CB  HB3  sing N N 65  
ASP CG  OD1  doub N N 66  
ASP CG  OD2  sing N N 67  
ASP OD2 HD2  sing N N 68  
ASP OXT HXT  sing N N 69  
GLN N   CA   sing N N 70  
GLN N   H    sing N N 71  
GLN N   H2   sing N N 72  
GLN CA  C    sing N N 73  
GLN CA  CB   sing N N 74  
GLN CA  HA   sing N N 75  
GLN C   O    doub N N 76  
GLN C   OXT  sing N N 77  
GLN CB  CG   sing N N 78  
GLN CB  HB2  sing N N 79  
GLN CB  HB3  sing N N 80  
GLN CG  CD   sing N N 81  
GLN CG  HG2  sing N N 82  
GLN CG  HG3  sing N N 83  
GLN CD  OE1  doub N N 84  
GLN CD  NE2  sing N N 85  
GLN NE2 HE21 sing N N 86  
GLN NE2 HE22 sing N N 87  
GLN OXT HXT  sing N N 88  
GLU N   CA   sing N N 89  
GLU N   H    sing N N 90  
GLU N   H2   sing N N 91  
GLU CA  C    sing N N 92  
GLU CA  CB   sing N N 93  
GLU CA  HA   sing N N 94  
GLU C   O    doub N N 95  
GLU C   OXT  sing N N 96  
GLU CB  CG   sing N N 97  
GLU CB  HB2  sing N N 98  
GLU CB  HB3  sing N N 99  
GLU CG  CD   sing N N 100 
GLU CG  HG2  sing N N 101 
GLU CG  HG3  sing N N 102 
GLU CD  OE1  doub N N 103 
GLU CD  OE2  sing N N 104 
GLU OE2 HE2  sing N N 105 
GLU OXT HXT  sing N N 106 
GLY N   CA   sing N N 107 
GLY N   H    sing N N 108 
GLY N   H2   sing N N 109 
GLY CA  C    sing N N 110 
GLY CA  HA2  sing N N 111 
GLY CA  HA3  sing N N 112 
GLY C   O    doub N N 113 
GLY C   OXT  sing N N 114 
GLY OXT HXT  sing N N 115 
HIS N   CA   sing N N 116 
HIS N   H    sing N N 117 
HIS N   H2   sing N N 118 
HIS CA  C    sing N N 119 
HIS CA  CB   sing N N 120 
HIS CA  HA   sing N N 121 
HIS C   O    doub N N 122 
HIS C   OXT  sing N N 123 
HIS CB  CG   sing N N 124 
HIS CB  HB2  sing N N 125 
HIS CB  HB3  sing N N 126 
HIS CG  ND1  sing Y N 127 
HIS CG  CD2  doub Y N 128 
HIS ND1 CE1  doub Y N 129 
HIS ND1 HD1  sing N N 130 
HIS CD2 NE2  sing Y N 131 
HIS CD2 HD2  sing N N 132 
HIS CE1 NE2  sing Y N 133 
HIS CE1 HE1  sing N N 134 
HIS NE2 HE2  sing N N 135 
HIS OXT HXT  sing N N 136 
HOH O   H1   sing N N 137 
HOH O   H2   sing N N 138 
ILE N   CA   sing N N 139 
ILE N   H    sing N N 140 
ILE N   H2   sing N N 141 
ILE CA  C    sing N N 142 
ILE CA  CB   sing N N 143 
ILE CA  HA   sing N N 144 
ILE C   O    doub N N 145 
ILE C   OXT  sing N N 146 
ILE CB  CG1  sing N N 147 
ILE CB  CG2  sing N N 148 
ILE CB  HB   sing N N 149 
ILE CG1 CD1  sing N N 150 
ILE CG1 HG12 sing N N 151 
ILE CG1 HG13 sing N N 152 
ILE CG2 HG21 sing N N 153 
ILE CG2 HG22 sing N N 154 
ILE CG2 HG23 sing N N 155 
ILE CD1 HD11 sing N N 156 
ILE CD1 HD12 sing N N 157 
ILE CD1 HD13 sing N N 158 
ILE OXT HXT  sing N N 159 
LEU N   CA   sing N N 160 
LEU N   H    sing N N 161 
LEU N   H2   sing N N 162 
LEU CA  C    sing N N 163 
LEU CA  CB   sing N N 164 
LEU CA  HA   sing N N 165 
LEU C   O    doub N N 166 
LEU C   OXT  sing N N 167 
LEU CB  CG   sing N N 168 
LEU CB  HB2  sing N N 169 
LEU CB  HB3  sing N N 170 
LEU CG  CD1  sing N N 171 
LEU CG  CD2  sing N N 172 
LEU CG  HG   sing N N 173 
LEU CD1 HD11 sing N N 174 
LEU CD1 HD12 sing N N 175 
LEU CD1 HD13 sing N N 176 
LEU CD2 HD21 sing N N 177 
LEU CD2 HD22 sing N N 178 
LEU CD2 HD23 sing N N 179 
LEU OXT HXT  sing N N 180 
LYS N   CA   sing N N 181 
LYS N   H    sing N N 182 
LYS N   H2   sing N N 183 
LYS CA  C    sing N N 184 
LYS CA  CB   sing N N 185 
LYS CA  HA   sing N N 186 
LYS C   O    doub N N 187 
LYS C   OXT  sing N N 188 
LYS CB  CG   sing N N 189 
LYS CB  HB2  sing N N 190 
LYS CB  HB3  sing N N 191 
LYS CG  CD   sing N N 192 
LYS CG  HG2  sing N N 193 
LYS CG  HG3  sing N N 194 
LYS CD  CE   sing N N 195 
LYS CD  HD2  sing N N 196 
LYS CD  HD3  sing N N 197 
LYS CE  NZ   sing N N 198 
LYS CE  HE2  sing N N 199 
LYS CE  HE3  sing N N 200 
LYS NZ  HZ1  sing N N 201 
LYS NZ  HZ2  sing N N 202 
LYS NZ  HZ3  sing N N 203 
LYS OXT HXT  sing N N 204 
MET N   CA   sing N N 205 
MET N   H    sing N N 206 
MET N   H2   sing N N 207 
MET CA  C    sing N N 208 
MET CA  CB   sing N N 209 
MET CA  HA   sing N N 210 
MET C   O    doub N N 211 
MET C   OXT  sing N N 212 
MET CB  CG   sing N N 213 
MET CB  HB2  sing N N 214 
MET CB  HB3  sing N N 215 
MET CG  SD   sing N N 216 
MET CG  HG2  sing N N 217 
MET CG  HG3  sing N N 218 
MET SD  CE   sing N N 219 
MET CE  HE1  sing N N 220 
MET CE  HE2  sing N N 221 
MET CE  HE3  sing N N 222 
MET OXT HXT  sing N N 223 
PRO N   CA   sing N N 224 
PRO N   CD   sing N N 225 
PRO N   H    sing N N 226 
PRO CA  C    sing N N 227 
PRO CA  CB   sing N N 228 
PRO CA  HA   sing N N 229 
PRO C   O    doub N N 230 
PRO C   OXT  sing N N 231 
PRO CB  CG   sing N N 232 
PRO CB  HB2  sing N N 233 
PRO CB  HB3  sing N N 234 
PRO CG  CD   sing N N 235 
PRO CG  HG2  sing N N 236 
PRO CG  HG3  sing N N 237 
PRO CD  HD2  sing N N 238 
PRO CD  HD3  sing N N 239 
PRO OXT HXT  sing N N 240 
SER N   CA   sing N N 241 
SER N   H    sing N N 242 
SER N   H2   sing N N 243 
SER CA  C    sing N N 244 
SER CA  CB   sing N N 245 
SER CA  HA   sing N N 246 
SER C   O    doub N N 247 
SER C   OXT  sing N N 248 
SER CB  OG   sing N N 249 
SER CB  HB2  sing N N 250 
SER CB  HB3  sing N N 251 
SER OG  HG   sing N N 252 
SER OXT HXT  sing N N 253 
THR N   CA   sing N N 254 
THR N   H    sing N N 255 
THR N   H2   sing N N 256 
THR CA  C    sing N N 257 
THR CA  CB   sing N N 258 
THR CA  HA   sing N N 259 
THR C   O    doub N N 260 
THR C   OXT  sing N N 261 
THR CB  OG1  sing N N 262 
THR CB  CG2  sing N N 263 
THR CB  HB   sing N N 264 
THR OG1 HG1  sing N N 265 
THR CG2 HG21 sing N N 266 
THR CG2 HG22 sing N N 267 
THR CG2 HG23 sing N N 268 
THR OXT HXT  sing N N 269 
TRP N   CA   sing N N 270 
TRP N   H    sing N N 271 
TRP N   H2   sing N N 272 
TRP CA  C    sing N N 273 
TRP CA  CB   sing N N 274 
TRP CA  HA   sing N N 275 
TRP C   O    doub N N 276 
TRP C   OXT  sing N N 277 
TRP CB  CG   sing N N 278 
TRP CB  HB2  sing N N 279 
TRP CB  HB3  sing N N 280 
TRP CG  CD1  doub Y N 281 
TRP CG  CD2  sing Y N 282 
TRP CD1 NE1  sing Y N 283 
TRP CD1 HD1  sing N N 284 
TRP CD2 CE2  doub Y N 285 
TRP CD2 CE3  sing Y N 286 
TRP NE1 CE2  sing Y N 287 
TRP NE1 HE1  sing N N 288 
TRP CE2 CZ2  sing Y N 289 
TRP CE3 CZ3  doub Y N 290 
TRP CE3 HE3  sing N N 291 
TRP CZ2 CH2  doub Y N 292 
TRP CZ2 HZ2  sing N N 293 
TRP CZ3 CH2  sing Y N 294 
TRP CZ3 HZ3  sing N N 295 
TRP CH2 HH2  sing N N 296 
TRP OXT HXT  sing N N 297 
TYR N   CA   sing N N 298 
TYR N   H    sing N N 299 
TYR N   H2   sing N N 300 
TYR CA  C    sing N N 301 
TYR CA  CB   sing N N 302 
TYR CA  HA   sing N N 303 
TYR C   O    doub N N 304 
TYR C   OXT  sing N N 305 
TYR CB  CG   sing N N 306 
TYR CB  HB2  sing N N 307 
TYR CB  HB3  sing N N 308 
TYR CG  CD1  doub Y N 309 
TYR CG  CD2  sing Y N 310 
TYR CD1 CE1  sing Y N 311 
TYR CD1 HD1  sing N N 312 
TYR CD2 CE2  doub Y N 313 
TYR CD2 HD2  sing N N 314 
TYR CE1 CZ   doub Y N 315 
TYR CE1 HE1  sing N N 316 
TYR CE2 CZ   sing Y N 317 
TYR CE2 HE2  sing N N 318 
TYR CZ  OH   sing N N 319 
TYR OH  HH   sing N N 320 
TYR OXT HXT  sing N N 321 
VAL N   CA   sing N N 322 
VAL N   H    sing N N 323 
VAL N   H2   sing N N 324 
VAL CA  C    sing N N 325 
VAL CA  CB   sing N N 326 
VAL CA  HA   sing N N 327 
VAL C   O    doub N N 328 
VAL C   OXT  sing N N 329 
VAL CB  CG1  sing N N 330 
VAL CB  CG2  sing N N 331 
VAL CB  HB   sing N N 332 
VAL CG1 HG11 sing N N 333 
VAL CG1 HG12 sing N N 334 
VAL CG1 HG13 sing N N 335 
VAL CG2 HG21 sing N N 336 
VAL CG2 HG22 sing N N 337 
VAL CG2 HG23 sing N N 338 
VAL OXT HXT  sing N N 339 
# 
_pdbx_audit_support.funding_organization   'King Abdullah University of Science and Technology' 
_pdbx_audit_support.country                'Saudi Arabia' 
_pdbx_audit_support.grant_number           URF/1/2602-01-01 
_pdbx_audit_support.ordinal                1 
# 
_pdbx_entity_instance_feature.ordinal        1 
_pdbx_entity_instance_feature.comp_id        ZN 
_pdbx_entity_instance_feature.asym_id        ? 
_pdbx_entity_instance_feature.seq_num        ? 
_pdbx_entity_instance_feature.auth_comp_id   ZN 
_pdbx_entity_instance_feature.auth_asym_id   ? 
_pdbx_entity_instance_feature.auth_seq_num   ? 
_pdbx_entity_instance_feature.feature_type   'SUBJECT OF INVESTIGATION' 
_pdbx_entity_instance_feature.details        ? 
# 
loop_
_pdbx_entity_nonpoly.entity_id 
_pdbx_entity_nonpoly.name 
_pdbx_entity_nonpoly.comp_id 
2 'ZINC ION' ZN  
3 water      HOH 
# 
_pdbx_initial_refinement_model.id               1 
_pdbx_initial_refinement_model.entity_id_list   ? 
_pdbx_initial_refinement_model.type             'experimental model' 
_pdbx_initial_refinement_model.source_name      PDB 
_pdbx_initial_refinement_model.accession_code   1OW6 
_pdbx_initial_refinement_model.details          ? 
# 
_pdbx_struct_assembly_auth_evidence.id                     1 
_pdbx_struct_assembly_auth_evidence.assembly_id            1 
_pdbx_struct_assembly_auth_evidence.experimental_support   'gel filtration' 
_pdbx_struct_assembly_auth_evidence.details                ? 
# 
